data_3ROE
#
_entry.id   3ROE
#
_cell.length_a   106.209
_cell.length_b   124.446
_cell.length_c   164.249
_cell.angle_alpha   90.00
_cell.angle_beta   102.71
_cell.angle_gamma   90.00
#
_symmetry.space_group_name_H-M   'C 1 2 1'
#
loop_
_entity.id
_entity.type
_entity.pdbx_description
1 polymer 'Apolipoprotein A-I-binding protein'
2 non-polymer THYMIDINE
3 water water
#
_entity_poly.entity_id   1
_entity_poly.type   'polypeptide(L)'
_entity_poly.pdbx_seq_one_letter_code
;(MSE)QQSVCRARPIWWGTQRRGSET(MSE)AGAAVKYLSQEEAQAVDQELFNEYQFSVDQL(MSE)ELAGLSCATAIAK
AYPPTS(MSE)SKSPPTVLVICGPGNNGGDGLVCARHLKLFGYQPTIYYPKRPNKPLFTGLVTQCQK(MSE)DIPFLGE
(MSE)PPEP(MSE)(MSE)VDELYELVVDAIFGFSFKGDVREPFHSILSVLSGLTVPIASIDIPSGWDVEKGNPSGIQPD
LLISLTAPKKSATHFTGRYHYLGGRFVPPALEKKYQLNLPSYPDTECVYRLQHHHHHH
;
_entity_poly.pdbx_strand_id   A,B,C,D,E,F
#
# COMPACT_ATOMS: atom_id res chain seq x y z
N ALA A 27 -31.29 -7.95 8.27
CA ALA A 27 -32.19 -6.95 8.89
C ALA A 27 -31.41 -5.70 9.20
N VAL A 28 -32.10 -4.70 9.73
CA VAL A 28 -31.51 -3.41 10.02
C VAL A 28 -30.63 -3.49 11.28
N LYS A 29 -29.50 -2.75 11.27
CA LYS A 29 -28.58 -2.70 12.41
C LYS A 29 -29.11 -1.83 13.53
N TYR A 30 -29.00 -2.32 14.76
CA TYR A 30 -29.34 -1.56 15.95
C TYR A 30 -28.04 -1.00 16.52
N LEU A 31 -27.94 0.32 16.57
CA LEU A 31 -26.68 0.97 16.87
C LEU A 31 -26.36 1.03 18.35
N SER A 32 -25.08 0.93 18.69
CA SER A 32 -24.59 1.27 20.05
C SER A 32 -24.56 2.80 20.23
N GLN A 33 -24.42 3.30 21.46
CA GLN A 33 -24.36 4.77 21.69
C GLN A 33 -23.15 5.39 21.02
N GLU A 34 -22.03 4.65 21.05
CA GLU A 34 -20.79 5.03 20.38
C GLU A 34 -20.96 5.11 18.88
N GLU A 35 -21.60 4.10 18.30
CA GLU A 35 -21.82 4.06 16.85
C GLU A 35 -22.66 5.25 16.41
N ALA A 36 -23.77 5.50 17.09
CA ALA A 36 -24.64 6.62 16.78
C ALA A 36 -23.90 7.96 16.89
N GLN A 37 -23.13 8.16 17.96
CA GLN A 37 -22.36 9.40 18.12
C GLN A 37 -21.34 9.56 16.99
N ALA A 38 -20.77 8.45 16.51
CA ALA A 38 -19.83 8.49 15.37
C ALA A 38 -20.51 8.84 14.05
N VAL A 39 -21.69 8.30 13.83
CA VAL A 39 -22.43 8.64 12.62
C VAL A 39 -22.80 10.15 12.66
N ASP A 40 -23.36 10.60 13.79
CA ASP A 40 -23.78 12.02 13.98
C ASP A 40 -22.59 12.93 13.72
N GLN A 41 -21.43 12.54 14.22
CA GLN A 41 -20.16 13.25 13.96
C GLN A 41 -19.76 13.36 12.50
N GLU A 42 -19.79 12.26 11.77
CA GLU A 42 -19.57 12.34 10.33
C GLU A 42 -20.61 13.23 9.58
N LEU A 43 -21.90 13.13 9.92
CA LEU A 43 -22.89 13.88 9.15
C LEU A 43 -22.55 15.35 9.19
N PHE A 44 -22.14 15.86 10.36
CA PHE A 44 -21.81 17.26 10.50
C PHE A 44 -20.36 17.60 10.18
N ASN A 45 -19.51 16.60 9.95
CA ASN A 45 -18.09 16.86 9.68
C ASN A 45 -17.70 16.55 8.24
N GLU A 46 -17.53 15.26 7.94
CA GLU A 46 -17.23 14.85 6.59
C GLU A 46 -18.33 15.36 5.62
N TYR A 47 -19.58 15.02 5.91
CA TYR A 47 -20.68 15.27 4.96
C TYR A 47 -21.17 16.71 4.94
N GLN A 48 -20.71 17.50 5.90
CA GLN A 48 -20.99 18.92 5.97
C GLN A 48 -22.48 19.24 5.95
N PHE A 49 -23.30 18.41 6.58
CA PHE A 49 -24.69 18.78 6.77
C PHE A 49 -24.74 19.83 7.84
N SER A 50 -25.74 20.69 7.79
CA SER A 50 -25.90 21.64 8.87
C SER A 50 -26.97 21.16 9.90
N VAL A 51 -26.82 21.56 11.15
CA VAL A 51 -27.71 21.12 12.22
C VAL A 51 -29.15 21.48 11.91
N ASP A 52 -29.34 22.74 11.53
CA ASP A 52 -30.58 23.28 10.96
C ASP A 52 -31.34 22.30 10.11
N GLN A 53 -30.56 21.79 9.17
CA GLN A 53 -31.01 21.04 8.06
C GLN A 53 -31.52 19.68 8.48
N LEU A 54 -30.64 18.91 9.12
CA LEU A 54 -30.98 17.55 9.49
C LEU A 54 -31.99 17.51 10.62
N GLU A 56 -34.43 19.61 10.70
CA GLU A 56 -35.68 19.84 9.99
C GLU A 56 -36.19 18.54 9.36
N LEU A 57 -35.28 17.77 8.81
CA LEU A 57 -35.71 16.47 8.23
C LEU A 57 -36.11 15.44 9.31
N ALA A 58 -35.36 15.42 10.41
CA ALA A 58 -35.69 14.57 11.55
C ALA A 58 -37.10 14.86 12.05
N GLY A 59 -37.37 16.13 12.27
CA GLY A 59 -38.64 16.53 12.83
C GLY A 59 -39.81 16.23 11.93
N LEU A 60 -39.57 16.36 10.62
CA LEU A 60 -40.59 16.09 9.62
C LEU A 60 -40.94 14.61 9.63
N SER A 61 -39.92 13.75 9.67
CA SER A 61 -40.15 12.31 9.84
C SER A 61 -40.99 12.04 11.06
N CYS A 62 -40.63 12.68 12.17
CA CYS A 62 -41.37 12.49 13.40
C CYS A 62 -42.84 12.83 13.20
N ALA A 63 -43.13 14.01 12.67
CA ALA A 63 -44.52 14.41 12.41
C ALA A 63 -45.19 13.47 11.45
N THR A 64 -44.45 12.98 10.47
CA THR A 64 -45.02 12.14 9.45
C THR A 64 -45.42 10.77 10.00
N ALA A 65 -44.52 10.16 10.77
CA ALA A 65 -44.82 8.89 11.44
C ALA A 65 -46.05 9.04 12.33
N ILE A 66 -46.14 10.13 13.06
CA ILE A 66 -47.25 10.34 13.96
C ILE A 66 -48.54 10.45 13.17
N ALA A 67 -48.50 11.14 12.05
CA ALA A 67 -49.74 11.35 11.28
C ALA A 67 -50.09 10.09 10.57
N LYS A 68 -49.11 9.26 10.29
CA LYS A 68 -49.41 7.98 9.69
C LYS A 68 -49.93 6.99 10.72
N ALA A 69 -49.35 6.94 11.91
CA ALA A 69 -49.85 6.03 12.97
C ALA A 69 -51.17 6.50 13.61
N TYR A 70 -51.38 7.80 13.74
CA TYR A 70 -52.57 8.33 14.43
C TYR A 70 -53.19 9.39 13.55
N PRO A 71 -53.77 8.98 12.41
CA PRO A 71 -54.27 9.96 11.46
C PRO A 71 -55.42 10.80 12.03
N PRO A 72 -55.49 12.08 11.65
CA PRO A 72 -56.47 12.96 12.27
C PRO A 72 -57.89 12.46 12.18
N THR A 73 -58.20 11.83 11.07
CA THR A 73 -59.49 11.20 10.91
C THR A 73 -59.81 10.16 11.99
N SER A 74 -58.80 9.44 12.48
CA SER A 74 -59.02 8.34 13.46
C SER A 74 -59.28 8.81 14.91
N SER A 76 -60.98 11.25 18.09
CA SER A 76 -62.31 11.77 18.43
C SER A 76 -62.42 13.31 18.43
N LYS A 77 -61.33 14.03 18.68
CA LYS A 77 -61.38 15.50 18.59
C LYS A 77 -60.97 15.95 17.19
N SER A 78 -61.47 17.11 16.79
CA SER A 78 -61.10 17.71 15.52
C SER A 78 -60.89 19.21 15.69
N PRO A 79 -59.67 19.71 15.50
CA PRO A 79 -58.48 18.95 15.14
C PRO A 79 -57.98 18.15 16.35
N PRO A 80 -57.26 17.04 16.11
CA PRO A 80 -56.77 16.23 17.21
C PRO A 80 -55.64 16.94 17.96
N THR A 81 -55.63 16.77 19.28
CA THR A 81 -54.74 17.52 20.15
C THR A 81 -53.54 16.70 20.50
N VAL A 82 -52.41 17.36 20.66
CA VAL A 82 -51.14 16.65 20.92
C VAL A 82 -50.27 17.53 21.79
N LEU A 83 -49.66 16.96 22.82
CA LEU A 83 -48.72 17.67 23.65
C LEU A 83 -47.34 17.23 23.32
N VAL A 84 -46.48 18.19 22.99
CA VAL A 84 -45.10 17.87 22.63
C VAL A 84 -44.17 18.39 23.69
N ILE A 85 -43.46 17.45 24.31
CA ILE A 85 -42.63 17.79 25.45
C ILE A 85 -41.18 17.80 24.95
N CYS A 86 -40.59 19.00 25.00
CA CYS A 86 -39.27 19.23 24.44
C CYS A 86 -38.23 19.40 25.51
N GLY A 87 -37.16 18.64 25.38
CA GLY A 87 -36.11 18.65 26.35
C GLY A 87 -35.07 19.74 26.14
N PRO A 88 -33.93 19.65 26.85
CA PRO A 88 -32.97 20.75 26.91
C PRO A 88 -31.96 20.74 25.78
N GLY A 89 -32.00 19.73 24.90
CA GLY A 89 -31.00 19.61 23.82
C GLY A 89 -31.57 19.49 22.41
N ASN A 90 -30.93 18.65 21.60
CA ASN A 90 -31.29 18.50 20.17
C ASN A 90 -32.58 17.73 19.96
N ASN A 91 -32.81 16.72 20.81
CA ASN A 91 -34.03 15.95 20.78
C ASN A 91 -35.20 16.94 20.96
N GLY A 92 -34.99 17.95 21.79
CA GLY A 92 -35.98 19.00 21.99
C GLY A 92 -36.28 19.78 20.75
N GLY A 93 -35.22 20.03 19.97
CA GLY A 93 -35.31 20.79 18.74
C GLY A 93 -36.15 20.05 17.72
N ASP A 94 -35.93 18.74 17.64
CA ASP A 94 -36.75 17.82 16.85
C ASP A 94 -38.21 17.94 17.20
N GLY A 95 -38.51 17.97 18.49
CA GLY A 95 -39.85 18.16 18.94
C GLY A 95 -40.50 19.44 18.48
N LEU A 96 -39.76 20.54 18.46
CA LEU A 96 -40.32 21.82 18.03
C LEU A 96 -40.61 21.79 16.52
N VAL A 97 -39.66 21.31 15.75
CA VAL A 97 -39.92 21.03 14.31
C VAL A 97 -41.11 20.10 14.11
N CYS A 98 -41.13 19.02 14.87
CA CYS A 98 -42.24 18.08 14.81
C CYS A 98 -43.56 18.76 15.12
N ALA A 99 -43.56 19.67 16.09
CA ALA A 99 -44.84 20.30 16.46
C ALA A 99 -45.40 21.11 15.32
N ARG A 100 -44.57 21.85 14.62
CA ARG A 100 -45.17 22.77 13.66
C ARG A 100 -45.58 22.04 12.37
N HIS A 101 -44.82 21.03 11.97
CA HIS A 101 -45.32 20.18 10.88
C HIS A 101 -46.60 19.46 11.25
N LEU A 102 -46.71 19.08 12.52
CA LEU A 102 -47.94 18.42 12.95
C LEU A 102 -49.11 19.41 12.78
N LYS A 103 -48.88 20.67 13.08
CA LYS A 103 -49.91 21.68 12.88
C LYS A 103 -50.30 21.74 11.40
N LEU A 104 -49.29 21.75 10.56
CA LEU A 104 -49.50 21.73 9.11
C LEU A 104 -50.26 20.48 8.68
N PHE A 105 -50.02 19.38 9.36
CA PHE A 105 -50.70 18.15 9.02
C PHE A 105 -52.12 18.08 9.58
N GLY A 106 -52.58 19.10 10.29
CA GLY A 106 -53.95 19.10 10.78
C GLY A 106 -54.15 18.76 12.24
N TYR A 107 -53.07 18.74 13.04
CA TYR A 107 -53.15 18.54 14.47
C TYR A 107 -53.15 19.91 15.14
N GLN A 108 -53.59 19.94 16.40
CA GLN A 108 -53.54 21.14 17.22
C GLN A 108 -52.55 20.90 18.35
N PRO A 109 -51.25 21.15 18.11
CA PRO A 109 -50.30 20.86 19.15
C PRO A 109 -50.18 21.92 20.23
N THR A 110 -49.60 21.49 21.34
CA THR A 110 -49.25 22.33 22.46
C THR A 110 -47.90 21.87 22.86
N ILE A 111 -47.05 22.80 23.23
CA ILE A 111 -45.68 22.49 23.61
C ILE A 111 -45.41 22.82 25.08
N TYR A 112 -44.70 21.92 25.76
CA TYR A 112 -44.03 22.25 27.00
C TYR A 112 -42.54 22.14 26.78
N TYR A 113 -41.88 23.28 27.02
CA TYR A 113 -40.46 23.43 26.77
C TYR A 113 -39.91 24.21 27.99
N PRO A 114 -39.55 23.49 29.06
CA PRO A 114 -39.17 24.18 30.31
C PRO A 114 -37.72 24.64 30.34
N LYS A 115 -36.81 23.96 29.64
CA LYS A 115 -35.39 24.35 29.61
C LYS A 115 -34.89 24.53 28.19
N ARG A 116 -34.65 25.80 27.82
CA ARG A 116 -34.41 26.21 26.46
C ARG A 116 -32.97 26.68 26.34
N PRO A 117 -32.17 26.10 25.42
CA PRO A 117 -30.85 26.72 25.27
C PRO A 117 -30.94 28.13 24.72
N ASN A 118 -30.03 28.97 25.16
CA ASN A 118 -29.96 30.34 24.73
C ASN A 118 -29.17 30.47 23.42
N LYS A 119 -29.70 29.87 22.35
CA LYS A 119 -29.08 29.91 21.01
C LYS A 119 -30.10 30.25 19.91
N PRO A 120 -29.64 30.95 18.85
CA PRO A 120 -30.47 31.29 17.68
C PRO A 120 -31.28 30.11 17.14
N LEU A 121 -30.64 28.95 17.03
CA LEU A 121 -31.35 27.77 16.52
C LEU A 121 -32.71 27.59 17.21
N PHE A 122 -32.68 27.57 18.54
CA PHE A 122 -33.84 27.25 19.36
C PHE A 122 -34.76 28.47 19.53
N THR A 123 -34.20 29.66 19.56
CA THR A 123 -34.96 30.89 19.54
C THR A 123 -35.82 31.01 18.30
N GLY A 124 -35.21 30.70 17.16
CA GLY A 124 -35.91 30.68 15.89
C GLY A 124 -37.04 29.68 15.94
N LEU A 125 -36.70 28.44 16.29
CA LEU A 125 -37.72 27.36 16.36
C LEU A 125 -38.88 27.76 17.25
N VAL A 126 -38.58 28.43 18.39
CA VAL A 126 -39.64 28.92 19.26
C VAL A 126 -40.47 29.99 18.57
N THR A 127 -39.84 30.96 17.95
CA THR A 127 -40.61 32.02 17.31
C THR A 127 -41.52 31.48 16.17
N GLN A 128 -41.03 30.52 15.42
CA GLN A 128 -41.85 29.90 14.38
C GLN A 128 -43.12 29.27 14.94
N CYS A 129 -42.97 28.55 16.05
CA CYS A 129 -44.08 27.89 16.66
C CYS A 129 -45.02 28.91 17.26
N GLN A 130 -44.46 29.94 17.89
CA GLN A 130 -45.28 30.95 18.50
C GLN A 130 -46.15 31.60 17.44
N LYS A 131 -45.57 31.87 16.29
CA LYS A 131 -46.31 32.45 15.19
C LYS A 131 -47.21 31.44 14.43
N ASP A 133 -49.23 30.03 16.11
CA ASP A 133 -50.19 30.05 17.22
C ASP A 133 -50.14 28.75 18.03
N ILE A 134 -48.99 28.10 18.10
CA ILE A 134 -48.88 26.95 18.97
C ILE A 134 -48.53 27.41 20.39
N PRO A 135 -49.28 27.01 21.38
CA PRO A 135 -48.99 27.52 22.71
C PRO A 135 -47.87 26.76 23.40
N PHE A 136 -47.02 27.51 24.11
CA PHE A 136 -46.05 26.93 25.07
C PHE A 136 -46.64 27.09 26.47
N LEU A 137 -46.88 25.97 27.12
CA LEU A 137 -47.44 26.01 28.44
C LEU A 137 -46.40 26.56 29.44
N GLY A 138 -46.92 27.22 30.48
CA GLY A 138 -46.14 27.63 31.65
C GLY A 138 -45.73 26.46 32.53
N GLU A 139 -46.55 25.42 32.62
CA GLU A 139 -46.19 24.26 33.45
C GLU A 139 -46.74 22.99 32.90
N PRO A 141 -48.87 19.85 33.08
CA PRO A 141 -50.04 19.52 33.95
C PRO A 141 -49.66 18.40 34.92
N PRO A 142 -50.00 18.54 36.22
CA PRO A 142 -49.35 17.72 37.27
C PRO A 142 -49.89 16.29 37.52
N GLU A 143 -51.09 16.01 37.00
CA GLU A 143 -51.65 14.68 37.08
C GLU A 143 -51.91 14.10 35.71
N PRO A 144 -51.63 12.79 35.56
CA PRO A 144 -51.82 12.17 34.27
C PRO A 144 -53.24 12.31 33.72
N VAL A 147 -53.56 15.51 31.77
CA VAL A 147 -52.97 15.34 30.46
C VAL A 147 -53.91 14.56 29.54
N ASP A 148 -54.32 13.37 29.96
CA ASP A 148 -55.24 12.54 29.22
C ASP A 148 -56.44 13.33 28.72
N GLU A 149 -56.99 14.19 29.56
CA GLU A 149 -58.22 14.90 29.22
C GLU A 149 -58.01 15.92 28.13
N LEU A 150 -56.89 16.65 28.17
CA LEU A 150 -56.62 17.72 27.21
C LEU A 150 -55.92 17.26 25.93
N TYR A 151 -55.15 16.17 25.96
CA TYR A 151 -54.25 15.86 24.87
C TYR A 151 -54.36 14.38 24.45
N GLU A 152 -54.61 14.15 23.17
CA GLU A 152 -54.96 12.86 22.70
C GLU A 152 -53.72 12.03 22.45
N LEU A 153 -52.57 12.68 22.45
CA LEU A 153 -51.31 12.08 22.21
C LEU A 153 -50.20 12.91 22.84
N VAL A 154 -49.16 12.25 23.31
CA VAL A 154 -48.03 12.96 23.85
C VAL A 154 -46.77 12.58 23.11
N VAL A 155 -46.02 13.60 22.69
CA VAL A 155 -44.71 13.42 22.07
C VAL A 155 -43.60 13.63 23.07
N ASP A 156 -42.81 12.56 23.25
CA ASP A 156 -41.65 12.57 24.12
C ASP A 156 -40.41 12.96 23.32
N ALA A 157 -40.11 14.24 23.42
CA ALA A 157 -38.95 14.80 22.79
C ALA A 157 -38.02 15.31 23.87
N ILE A 158 -37.89 14.55 24.96
CA ILE A 158 -37.06 15.00 26.07
C ILE A 158 -35.56 14.66 25.90
N PHE A 159 -35.20 13.39 25.91
CA PHE A 159 -33.77 12.97 25.77
C PHE A 159 -33.53 12.16 24.52
N GLY A 160 -32.35 12.31 23.94
CA GLY A 160 -31.97 11.59 22.71
C GLY A 160 -30.82 10.61 22.88
N PHE A 161 -30.22 10.25 21.75
CA PHE A 161 -29.17 9.19 21.71
C PHE A 161 -27.94 9.49 22.56
N SER A 162 -27.58 10.75 22.76
CA SER A 162 -26.40 11.04 23.58
C SER A 162 -26.69 11.23 25.07
N PHE A 163 -27.87 10.83 25.54
CA PHE A 163 -28.18 10.88 26.97
C PHE A 163 -27.37 9.84 27.77
N LYS A 164 -26.89 10.22 28.95
CA LYS A 164 -25.95 9.38 29.74
C LYS A 164 -26.41 8.94 31.13
N GLY A 165 -27.62 9.29 31.52
CA GLY A 165 -28.26 8.58 32.64
C GLY A 165 -28.62 9.38 33.87
N ASP A 166 -28.39 10.69 33.89
CA ASP A 166 -28.70 11.47 35.10
C ASP A 166 -30.00 12.29 34.95
N VAL A 167 -31.17 11.68 35.18
CA VAL A 167 -32.43 12.41 34.98
C VAL A 167 -32.68 13.36 36.16
N ARG A 168 -32.50 14.66 35.91
CA ARG A 168 -32.73 15.68 36.95
C ARG A 168 -34.08 16.39 36.75
N GLU A 169 -34.52 17.10 37.80
CA GLU A 169 -35.75 17.88 37.69
C GLU A 169 -35.59 18.96 36.62
N PRO A 170 -36.69 19.32 35.94
CA PRO A 170 -38.05 18.83 36.15
C PRO A 170 -38.34 17.52 35.39
N PHE A 171 -37.35 16.99 34.70
CA PHE A 171 -37.61 15.90 33.79
C PHE A 171 -38.07 14.59 34.46
N HIS A 172 -37.55 14.30 35.64
CA HIS A 172 -37.95 13.10 36.32
C HIS A 172 -39.45 13.16 36.61
N SER A 173 -39.87 14.33 37.06
CA SER A 173 -41.25 14.60 37.38
C SER A 173 -42.16 14.44 36.18
N ILE A 174 -41.71 15.02 35.08
CA ILE A 174 -42.40 14.91 33.80
C ILE A 174 -42.52 13.44 33.40
N LEU A 175 -41.43 12.69 33.48
CA LEU A 175 -41.44 11.27 33.12
C LEU A 175 -42.36 10.47 33.99
N SER A 176 -42.42 10.85 35.24
CA SER A 176 -43.25 10.15 36.17
C SER A 176 -44.73 10.49 35.86
N VAL A 177 -45.07 11.73 35.53
CA VAL A 177 -46.42 11.98 35.02
C VAL A 177 -46.72 11.13 33.73
N LEU A 178 -45.77 11.08 32.82
CA LEU A 178 -45.98 10.34 31.57
C LEU A 178 -46.23 8.87 31.77
N SER A 179 -45.55 8.31 32.77
CA SER A 179 -45.71 6.90 33.12
C SER A 179 -47.11 6.58 33.48
N GLY A 180 -47.86 7.55 33.99
CA GLY A 180 -49.21 7.25 34.41
C GLY A 180 -50.27 7.50 33.38
N LEU A 181 -49.88 7.85 32.16
CA LEU A 181 -50.84 8.23 31.15
C LEU A 181 -51.59 7.06 30.58
N THR A 182 -52.78 7.40 30.11
CA THR A 182 -53.69 6.53 29.41
C THR A 182 -53.61 6.76 27.89
N VAL A 183 -53.26 7.95 27.44
CA VAL A 183 -53.13 8.21 25.99
C VAL A 183 -51.74 7.79 25.53
N PRO A 184 -51.56 7.53 24.22
CA PRO A 184 -50.26 7.09 23.80
C PRO A 184 -49.17 8.12 23.83
N ILE A 185 -47.95 7.59 23.96
CA ILE A 185 -46.75 8.37 23.90
C ILE A 185 -46.01 7.96 22.64
N ALA A 186 -45.54 8.97 21.90
CA ALA A 186 -44.68 8.79 20.74
C ALA A 186 -43.30 9.30 21.10
N SER A 187 -42.31 8.43 21.09
CA SER A 187 -40.97 8.83 21.48
C SER A 187 -40.12 9.08 20.26
N ILE A 188 -39.39 10.19 20.29
CA ILE A 188 -38.40 10.54 19.27
C ILE A 188 -37.04 9.96 19.56
N ASP A 189 -36.64 9.05 18.69
CA ASP A 189 -35.36 8.40 18.70
C ASP A 189 -35.07 7.37 19.80
N ILE A 190 -35.28 7.74 21.06
CA ILE A 190 -35.28 6.78 22.17
C ILE A 190 -36.33 7.23 23.21
N PRO A 191 -36.94 6.28 23.93
CA PRO A 191 -37.88 6.66 24.99
C PRO A 191 -37.09 7.35 26.10
N SER A 192 -37.47 8.56 26.43
CA SER A 192 -36.67 9.33 27.36
C SER A 192 -36.67 8.62 28.73
N GLY A 193 -35.48 8.51 29.31
CA GLY A 193 -35.32 7.85 30.60
C GLY A 193 -34.85 6.43 30.37
N TRP A 194 -34.92 5.94 29.14
CA TRP A 194 -34.33 4.62 28.86
C TRP A 194 -32.84 4.82 28.75
N ASP A 195 -32.07 3.84 29.21
CA ASP A 195 -30.69 3.72 28.80
C ASP A 195 -30.70 3.46 27.29
N VAL A 196 -29.89 4.21 26.54
CA VAL A 196 -29.85 4.13 25.06
C VAL A 196 -29.54 2.72 24.47
N GLU A 197 -28.96 1.86 25.29
CA GLU A 197 -28.69 0.49 24.88
C GLU A 197 -29.54 -0.55 25.61
N LYS A 198 -29.81 -0.32 26.88
CA LYS A 198 -30.40 -1.35 27.76
C LYS A 198 -31.91 -1.24 27.93
N GLY A 199 -32.47 -0.05 27.69
CA GLY A 199 -33.89 0.15 27.95
C GLY A 199 -34.14 0.51 29.40
N ASN A 200 -35.34 0.23 29.88
CA ASN A 200 -35.72 0.53 31.24
C ASN A 200 -37.15 0.03 31.47
N PRO A 201 -37.30 -1.23 31.93
CA PRO A 201 -38.63 -1.82 32.16
C PRO A 201 -39.52 -1.02 33.08
N SER A 202 -38.94 -0.32 34.05
CA SER A 202 -39.70 0.60 34.91
C SER A 202 -39.88 1.99 34.26
N GLY A 203 -39.36 2.16 33.05
CA GLY A 203 -39.45 3.44 32.35
C GLY A 203 -40.78 3.67 31.67
N ILE A 204 -40.89 4.76 30.91
CA ILE A 204 -42.09 4.97 30.08
C ILE A 204 -42.12 3.93 28.97
N GLN A 205 -43.33 3.64 28.52
CA GLN A 205 -43.56 2.60 27.52
C GLN A 205 -44.30 3.23 26.36
N PRO A 206 -43.55 3.79 25.40
CA PRO A 206 -44.19 4.49 24.30
C PRO A 206 -44.94 3.53 23.40
N ASP A 207 -46.03 4.01 22.83
CA ASP A 207 -46.78 3.26 21.87
C ASP A 207 -46.20 3.42 20.47
N LEU A 208 -45.45 4.49 20.25
CA LEU A 208 -44.79 4.76 18.98
C LEU A 208 -43.35 5.19 19.24
N LEU A 209 -42.45 4.63 18.46
CA LEU A 209 -41.04 5.00 18.52
C LEU A 209 -40.59 5.36 17.12
N ILE A 210 -39.99 6.53 16.96
CA ILE A 210 -39.42 6.93 15.69
C ILE A 210 -37.91 6.86 15.80
N SER A 211 -37.31 5.86 15.19
CA SER A 211 -35.86 5.74 15.22
C SER A 211 -35.32 6.68 14.17
N LEU A 212 -34.45 7.60 14.52
CA LEU A 212 -33.88 8.49 13.51
C LEU A 212 -32.51 7.96 13.00
N THR A 213 -32.42 7.84 11.68
CA THR A 213 -31.28 7.36 10.90
C THR A 213 -31.17 5.87 11.00
N ALA A 214 -30.92 5.34 12.19
CA ALA A 214 -30.99 3.89 12.40
C ALA A 214 -31.37 3.65 13.83
N PRO A 215 -32.03 2.52 14.13
CA PRO A 215 -32.44 2.30 15.52
C PRO A 215 -31.25 2.11 16.46
N LYS A 216 -31.47 2.41 17.73
CA LYS A 216 -30.45 2.18 18.74
C LYS A 216 -30.73 0.85 19.45
N LYS A 217 -29.76 0.30 20.17
CA LYS A 217 -29.94 -1.04 20.77
C LYS A 217 -31.09 -1.13 21.76
N SER A 218 -31.39 -0.04 22.46
CA SER A 218 -32.63 0.04 23.28
C SER A 218 -33.94 -0.20 22.53
N ALA A 219 -33.91 -0.05 21.21
CA ALA A 219 -35.12 -0.29 20.41
C ALA A 219 -35.53 -1.77 20.43
N THR A 220 -34.57 -2.68 20.68
CA THR A 220 -34.89 -4.08 20.81
C THR A 220 -35.75 -4.38 22.03
N HIS A 221 -35.79 -3.48 23.01
CA HIS A 221 -36.68 -3.59 24.18
C HIS A 221 -37.99 -2.82 24.00
N PHE A 222 -38.26 -2.35 22.77
CA PHE A 222 -39.48 -1.57 22.52
C PHE A 222 -40.68 -2.53 22.49
N THR A 223 -41.71 -2.21 23.27
CA THR A 223 -42.91 -3.02 23.35
C THR A 223 -44.17 -2.20 22.98
N GLY A 224 -44.06 -1.23 22.08
CA GLY A 224 -45.26 -0.51 21.60
C GLY A 224 -45.68 -1.11 20.28
N ARG A 225 -46.77 -0.60 19.72
CA ARG A 225 -47.28 -1.09 18.42
C ARG A 225 -46.58 -0.55 17.21
N TYR A 226 -46.01 0.66 17.30
CA TYR A 226 -45.47 1.31 16.11
C TYR A 226 -44.03 1.72 16.24
N HIS A 227 -43.21 1.19 15.35
CA HIS A 227 -41.81 1.53 15.23
C HIS A 227 -41.56 1.91 13.79
N TYR A 228 -41.28 3.20 13.59
CA TYR A 228 -40.95 3.73 12.31
C TYR A 228 -39.51 4.13 12.31
N LEU A 229 -38.89 3.98 11.16
CA LEU A 229 -37.57 4.54 10.94
C LEU A 229 -37.80 5.90 10.25
N GLY A 230 -37.08 6.93 10.67
CA GLY A 230 -37.07 8.23 9.97
C GLY A 230 -35.68 8.80 9.74
N GLY A 231 -35.61 10.07 9.35
CA GLY A 231 -34.35 10.64 8.91
C GLY A 231 -33.81 10.02 7.60
N ARG A 232 -34.55 10.24 6.51
CA ARG A 232 -34.18 9.75 5.19
C ARG A 232 -33.18 10.69 4.59
N PHE A 233 -31.96 10.60 5.12
CA PHE A 233 -30.88 11.41 4.59
C PHE A 233 -29.56 10.72 4.74
N VAL A 234 -29.57 9.42 5.01
CA VAL A 234 -28.29 8.71 5.22
C VAL A 234 -27.68 8.45 3.85
N PRO A 235 -26.52 9.07 3.58
CA PRO A 235 -25.81 8.80 2.36
C PRO A 235 -25.43 7.36 2.30
N PRO A 236 -25.58 6.76 1.13
CA PRO A 236 -25.14 5.41 0.83
C PRO A 236 -23.74 5.02 1.35
N ALA A 237 -22.80 5.96 1.35
CA ALA A 237 -21.41 5.62 1.71
C ALA A 237 -21.31 5.52 3.23
N LEU A 238 -22.07 6.37 3.93
CA LEU A 238 -22.15 6.29 5.39
C LEU A 238 -22.84 4.98 5.78
N GLU A 239 -23.83 4.57 4.98
CA GLU A 239 -24.58 3.36 5.27
C GLU A 239 -23.74 2.12 5.04
N LYS A 240 -22.97 2.12 3.98
CA LYS A 240 -22.13 0.96 3.70
C LYS A 240 -21.07 0.79 4.79
N LYS A 241 -20.37 1.88 5.11
CA LYS A 241 -19.30 1.86 6.11
C LYS A 241 -19.72 1.28 7.44
N TYR A 242 -20.81 1.81 8.02
CA TYR A 242 -21.33 1.31 9.27
C TYR A 242 -22.32 0.13 9.11
N GLN A 243 -22.40 -0.46 7.92
CA GLN A 243 -23.25 -1.62 7.62
C GLN A 243 -24.66 -1.49 8.22
N LEU A 244 -25.32 -0.37 7.96
CA LEU A 244 -26.61 -0.11 8.56
C LEU A 244 -27.70 -1.04 8.02
N ASN A 245 -27.61 -1.41 6.75
CA ASN A 245 -28.63 -2.26 6.11
C ASN A 245 -30.01 -1.65 6.24
N LEU A 246 -30.14 -0.37 5.87
CA LEU A 246 -31.38 0.31 5.99
C LEU A 246 -32.40 -0.34 5.06
N PRO A 247 -33.63 -0.47 5.51
CA PRO A 247 -34.66 -0.90 4.59
C PRO A 247 -34.84 0.12 3.47
N SER A 248 -35.53 -0.27 2.42
CA SER A 248 -35.90 0.65 1.37
C SER A 248 -37.16 1.42 1.71
N TYR A 249 -37.02 2.73 1.78
CA TYR A 249 -38.14 3.57 1.98
C TYR A 249 -39.01 3.51 0.73
N PRO A 250 -40.32 3.36 0.88
CA PRO A 250 -41.18 3.37 -0.31
C PRO A 250 -41.32 4.78 -0.96
N ASP A 251 -41.26 4.78 -2.30
CA ASP A 251 -41.44 5.96 -3.13
C ASP A 251 -40.71 7.16 -2.52
N THR A 252 -41.46 8.20 -2.17
CA THR A 252 -40.87 9.45 -1.69
C THR A 252 -41.09 9.67 -0.19
N GLU A 253 -41.43 8.59 0.51
CA GLU A 253 -41.79 8.71 1.94
C GLU A 253 -40.53 8.95 2.79
N CYS A 254 -40.65 9.81 3.81
CA CYS A 254 -39.52 10.03 4.74
C CYS A 254 -39.60 9.13 5.99
N VAL A 255 -40.47 8.13 5.98
CA VAL A 255 -40.59 7.17 7.08
C VAL A 255 -40.82 5.77 6.50
N TYR A 256 -40.52 4.76 7.29
CA TYR A 256 -40.62 3.33 6.94
C TYR A 256 -41.06 2.60 8.21
N ARG A 257 -42.13 1.83 8.10
CA ARG A 257 -42.66 1.16 9.28
C ARG A 257 -41.92 -0.17 9.43
N LEU A 258 -41.19 -0.34 10.54
CA LEU A 258 -40.42 -1.57 10.80
C LEU A 258 -41.25 -2.69 11.42
N GLN A 259 -41.01 -3.89 10.89
CA GLN A 259 -41.09 -5.23 11.58
C GLN A 259 -41.49 -6.38 10.64
N ALA B 27 13.31 -20.41 20.84
CA ALA B 27 12.29 -21.31 20.20
C ALA B 27 12.58 -21.47 18.68
N VAL B 28 13.53 -22.31 18.31
CA VAL B 28 13.78 -22.56 16.87
C VAL B 28 12.50 -23.03 16.21
N LYS B 29 12.17 -22.53 15.02
CA LYS B 29 10.95 -22.92 14.34
C LYS B 29 11.11 -24.31 13.70
N TYR B 30 10.05 -25.10 13.80
CA TYR B 30 9.98 -26.40 13.17
C TYR B 30 9.07 -26.26 11.98
N LEU B 31 9.62 -26.47 10.79
CA LEU B 31 8.97 -26.05 9.57
C LEU B 31 7.96 -27.09 9.09
N SER B 32 6.90 -26.61 8.46
CA SER B 32 5.99 -27.47 7.75
C SER B 32 6.67 -27.83 6.45
N GLN B 33 6.17 -28.86 5.78
CA GLN B 33 6.68 -29.20 4.46
C GLN B 33 6.70 -28.04 3.44
N GLU B 34 5.63 -27.25 3.42
CA GLU B 34 5.44 -26.13 2.52
C GLU B 34 6.43 -24.99 2.83
N GLU B 35 6.69 -24.76 4.10
CA GLU B 35 7.66 -23.75 4.51
C GLU B 35 9.08 -24.15 4.14
N ALA B 36 9.39 -25.45 4.27
CA ALA B 36 10.71 -25.93 3.93
C ALA B 36 10.91 -25.78 2.43
N GLN B 37 9.87 -26.09 1.66
CA GLN B 37 9.96 -26.03 0.20
C GLN B 37 10.08 -24.58 -0.20
N ALA B 38 9.44 -23.67 0.54
CA ALA B 38 9.51 -22.24 0.20
C ALA B 38 10.91 -21.66 0.47
N VAL B 39 11.52 -22.04 1.59
CA VAL B 39 12.87 -21.64 1.92
C VAL B 39 13.82 -22.18 0.88
N ASP B 40 13.70 -23.45 0.56
CA ASP B 40 14.53 -24.11 -0.44
C ASP B 40 14.50 -23.34 -1.79
N GLN B 41 13.30 -22.94 -2.20
CA GLN B 41 13.09 -22.19 -3.44
C GLN B 41 13.65 -20.78 -3.40
N GLU B 42 13.65 -20.14 -2.25
CA GLU B 42 14.28 -18.84 -2.15
C GLU B 42 15.79 -18.99 -2.30
N LEU B 43 16.35 -20.01 -1.67
CA LEU B 43 17.78 -20.23 -1.77
C LEU B 43 18.25 -20.41 -3.21
N PHE B 44 17.53 -21.17 -4.02
CA PHE B 44 18.01 -21.42 -5.39
C PHE B 44 17.55 -20.35 -6.35
N ASN B 45 16.36 -19.81 -6.16
CA ASN B 45 15.78 -18.92 -7.16
C ASN B 45 15.95 -17.41 -6.86
N GLU B 46 16.12 -17.02 -5.61
CA GLU B 46 16.36 -15.61 -5.27
C GLU B 46 17.83 -15.34 -4.99
N TYR B 47 18.46 -16.15 -4.11
CA TYR B 47 19.87 -15.97 -3.78
C TYR B 47 20.76 -16.58 -4.82
N GLN B 48 20.21 -17.46 -5.65
CA GLN B 48 20.96 -18.09 -6.76
C GLN B 48 22.15 -18.89 -6.29
N PHE B 49 22.00 -19.53 -5.14
CA PHE B 49 22.90 -20.60 -4.72
C PHE B 49 22.73 -21.73 -5.73
N SER B 50 23.78 -22.46 -6.00
CA SER B 50 23.68 -23.58 -6.92
C SER B 50 23.46 -24.87 -6.15
N VAL B 51 22.89 -25.86 -6.80
CA VAL B 51 22.55 -27.12 -6.16
C VAL B 51 23.78 -27.80 -5.60
N ASP B 52 24.87 -27.76 -6.35
CA ASP B 52 26.14 -28.34 -5.96
C ASP B 52 26.64 -27.73 -4.69
N GLN B 53 26.54 -26.41 -4.63
CA GLN B 53 27.10 -25.64 -3.56
C GLN B 53 26.45 -25.99 -2.22
N LEU B 54 25.13 -25.99 -2.19
CA LEU B 54 24.38 -26.29 -0.99
C LEU B 54 24.42 -27.75 -0.57
N GLU B 56 26.86 -29.64 -1.06
CA GLU B 56 28.19 -29.93 -0.51
C GLU B 56 28.22 -29.51 0.96
N LEU B 57 27.65 -28.36 1.27
CA LEU B 57 27.70 -27.88 2.63
C LEU B 57 26.82 -28.70 3.48
N ALA B 58 25.68 -29.11 2.94
CA ALA B 58 24.74 -29.99 3.70
C ALA B 58 25.38 -31.32 4.03
N GLY B 59 26.00 -31.96 3.06
CA GLY B 59 26.65 -33.23 3.33
C GLY B 59 27.82 -33.13 4.28
N LEU B 60 28.50 -32.01 4.22
CA LEU B 60 29.60 -31.75 5.12
C LEU B 60 29.04 -31.67 6.53
N SER B 61 27.93 -30.92 6.72
CA SER B 61 27.28 -30.88 8.04
C SER B 61 26.93 -32.23 8.53
N CYS B 62 26.43 -33.13 7.66
CA CYS B 62 26.04 -34.45 8.12
C CYS B 62 27.24 -35.22 8.60
N ALA B 63 28.31 -35.22 7.83
CA ALA B 63 29.54 -35.96 8.21
C ALA B 63 30.05 -35.37 9.49
N THR B 64 29.94 -34.04 9.64
CA THR B 64 30.50 -33.38 10.81
C THR B 64 29.70 -33.74 12.07
N ALA B 65 28.38 -33.78 11.99
CA ALA B 65 27.56 -34.21 13.15
C ALA B 65 27.86 -35.66 13.56
N ILE B 66 28.00 -36.52 12.55
CA ILE B 66 28.22 -37.90 12.84
C ILE B 66 29.58 -38.05 13.53
N ALA B 67 30.59 -37.34 13.05
CA ALA B 67 31.93 -37.45 13.63
C ALA B 67 32.00 -36.89 15.03
N LYS B 68 31.17 -35.91 15.35
CA LYS B 68 31.11 -35.40 16.69
C LYS B 68 30.36 -36.31 17.63
N ALA B 69 29.22 -36.86 17.20
CA ALA B 69 28.44 -37.77 18.05
C ALA B 69 29.12 -39.14 18.18
N TYR B 70 29.80 -39.62 17.13
CA TYR B 70 30.46 -40.95 17.16
C TYR B 70 31.91 -40.82 16.69
N PRO B 71 32.73 -40.15 17.49
CA PRO B 71 34.11 -39.93 17.06
C PRO B 71 34.86 -41.24 16.82
N PRO B 72 35.75 -41.27 15.81
CA PRO B 72 36.37 -42.54 15.43
C PRO B 72 37.05 -43.30 16.53
N THR B 73 37.62 -42.63 17.53
CA THR B 73 38.28 -43.40 18.59
C THR B 73 37.38 -43.65 19.80
N SER B 74 36.11 -43.36 19.69
CA SER B 74 35.12 -43.86 20.63
C SER B 74 34.55 -45.21 20.13
N SER B 76 34.77 -49.19 18.32
CA SER B 76 35.55 -50.42 18.52
C SER B 76 36.56 -50.74 17.40
N LYS B 77 36.26 -50.39 16.14
CA LYS B 77 37.18 -50.70 15.01
C LYS B 77 37.92 -49.46 14.47
N SER B 78 39.07 -49.74 13.86
CA SER B 78 39.92 -48.72 13.34
C SER B 78 40.30 -49.05 11.89
N PRO B 79 39.76 -48.31 10.90
CA PRO B 79 38.79 -47.20 11.04
C PRO B 79 37.38 -47.75 11.18
N PRO B 80 36.51 -47.07 11.90
CA PRO B 80 35.14 -47.57 11.97
C PRO B 80 34.41 -47.57 10.64
N THR B 81 33.56 -48.55 10.44
CA THR B 81 32.89 -48.81 9.18
C THR B 81 31.49 -48.20 9.29
N VAL B 82 30.99 -47.65 8.21
CA VAL B 82 29.68 -46.96 8.24
C VAL B 82 29.02 -47.30 6.92
N LEU B 83 27.74 -47.63 6.97
CA LEU B 83 26.99 -47.94 5.77
C LEU B 83 26.16 -46.73 5.46
N VAL B 84 26.33 -46.16 4.27
CA VAL B 84 25.53 -45.01 3.87
C VAL B 84 24.53 -45.41 2.83
N ILE B 85 23.27 -45.28 3.20
CA ILE B 85 22.18 -45.73 2.31
C ILE B 85 21.55 -44.55 1.62
N CYS B 86 21.75 -44.51 0.31
CA CYS B 86 21.32 -43.35 -0.47
C CYS B 86 20.08 -43.60 -1.29
N GLY B 87 19.09 -42.71 -1.09
CA GLY B 87 17.84 -42.75 -1.82
C GLY B 87 17.86 -42.17 -3.21
N PRO B 88 16.68 -42.06 -3.85
CA PRO B 88 16.61 -41.80 -5.29
C PRO B 88 16.55 -40.30 -5.66
N GLY B 89 16.58 -39.39 -4.69
CA GLY B 89 16.66 -37.97 -5.00
C GLY B 89 17.71 -37.23 -4.22
N ASN B 90 17.35 -36.04 -3.71
CA ASN B 90 18.35 -35.12 -3.20
C ASN B 90 18.99 -35.58 -1.89
N ASN B 91 18.19 -36.19 -1.02
CA ASN B 91 18.67 -36.72 0.25
C ASN B 91 19.79 -37.77 0.00
N GLY B 92 19.66 -38.54 -1.07
CA GLY B 92 20.71 -39.57 -1.46
C GLY B 92 21.98 -38.85 -1.89
N GLY B 93 21.82 -37.72 -2.58
CA GLY B 93 22.90 -36.78 -2.84
C GLY B 93 23.62 -36.33 -1.61
N ASP B 94 22.87 -35.85 -0.62
CA ASP B 94 23.52 -35.51 0.64
C ASP B 94 24.38 -36.71 1.13
N GLY B 95 23.84 -37.90 1.03
CA GLY B 95 24.51 -39.06 1.57
C GLY B 95 25.80 -39.33 0.85
N LEU B 96 25.84 -39.16 -0.48
CA LEU B 96 27.11 -39.36 -1.23
C LEU B 96 28.20 -38.34 -0.76
N VAL B 97 27.79 -37.08 -0.56
CA VAL B 97 28.69 -36.06 -0.04
C VAL B 97 29.12 -36.40 1.38
N CYS B 98 28.18 -36.76 2.19
CA CYS B 98 28.49 -37.22 3.54
C CYS B 98 29.46 -38.42 3.60
N ALA B 99 29.31 -39.39 2.73
CA ALA B 99 30.19 -40.59 2.78
C ALA B 99 31.65 -40.20 2.51
N ARG B 100 31.80 -39.37 1.50
CA ARG B 100 33.13 -38.90 1.08
C ARG B 100 33.76 -38.09 2.25
N HIS B 101 33.01 -37.22 2.91
CA HIS B 101 33.65 -36.50 4.02
C HIS B 101 34.00 -37.42 5.20
N LEU B 102 33.16 -38.42 5.45
CA LEU B 102 33.42 -39.41 6.50
C LEU B 102 34.70 -40.12 6.24
N LYS B 103 34.94 -40.48 5.00
CA LYS B 103 36.22 -41.05 4.65
C LYS B 103 37.40 -40.13 5.03
N LEU B 104 37.33 -38.88 4.65
CA LEU B 104 38.34 -37.92 5.05
C LEU B 104 38.42 -37.77 6.58
N PHE B 105 37.29 -37.87 7.28
CA PHE B 105 37.28 -37.78 8.75
C PHE B 105 37.73 -39.06 9.51
N GLY B 106 38.06 -40.13 8.80
CA GLY B 106 38.70 -41.28 9.44
C GLY B 106 37.81 -42.51 9.52
N TYR B 107 36.68 -42.49 8.83
CA TYR B 107 35.77 -43.63 8.80
C TYR B 107 36.04 -44.38 7.50
N GLN B 108 35.52 -45.60 7.42
CA GLN B 108 35.53 -46.36 6.18
C GLN B 108 34.10 -46.59 5.77
N PRO B 109 33.56 -45.71 4.96
CA PRO B 109 32.20 -45.85 4.49
C PRO B 109 32.01 -46.88 3.37
N THR B 110 30.80 -47.44 3.30
CA THR B 110 30.32 -48.24 2.23
C THR B 110 29.02 -47.64 1.86
N ILE B 111 28.76 -47.57 0.58
CA ILE B 111 27.52 -46.96 0.09
C ILE B 111 26.65 -48.03 -0.52
N TYR B 112 25.35 -47.96 -0.23
CA TYR B 112 24.33 -48.65 -0.99
C TYR B 112 23.39 -47.62 -1.58
N TYR B 113 23.37 -47.65 -2.92
CA TYR B 113 22.64 -46.65 -3.76
C TYR B 113 21.89 -47.38 -4.89
N PRO B 114 20.70 -47.92 -4.57
CA PRO B 114 20.08 -48.85 -5.54
C PRO B 114 19.39 -48.13 -6.68
N LYS B 115 18.94 -46.91 -6.48
CA LYS B 115 18.22 -46.17 -7.52
C LYS B 115 18.83 -44.80 -7.70
N ARG B 116 19.38 -44.58 -8.88
CA ARG B 116 20.23 -43.41 -9.17
C ARG B 116 19.63 -42.55 -10.27
N PRO B 117 19.28 -41.29 -9.98
CA PRO B 117 18.83 -40.47 -11.11
C PRO B 117 19.92 -40.29 -12.15
N ASN B 118 19.52 -40.32 -13.40
CA ASN B 118 20.45 -40.06 -14.46
C ASN B 118 20.59 -38.57 -14.70
N LYS B 119 21.27 -37.91 -13.76
CA LYS B 119 21.61 -36.53 -13.83
C LYS B 119 23.08 -36.34 -13.50
N PRO B 120 23.76 -35.43 -14.22
CA PRO B 120 25.19 -35.20 -13.98
C PRO B 120 25.62 -34.87 -12.52
N LEU B 121 24.78 -34.20 -11.74
CA LEU B 121 25.06 -33.96 -10.32
C LEU B 121 25.40 -35.30 -9.65
N PHE B 122 24.51 -36.24 -9.80
CA PHE B 122 24.67 -37.54 -9.13
C PHE B 122 25.73 -38.40 -9.74
N THR B 123 25.84 -38.35 -11.06
CA THR B 123 26.89 -39.05 -11.73
C THR B 123 28.27 -38.59 -11.22
N GLY B 124 28.41 -37.27 -11.10
CA GLY B 124 29.59 -36.64 -10.51
C GLY B 124 29.94 -37.16 -9.11
N LEU B 125 28.96 -37.07 -8.23
CA LEU B 125 29.14 -37.50 -6.84
C LEU B 125 29.56 -38.98 -6.74
N VAL B 126 29.00 -39.83 -7.59
CA VAL B 126 29.29 -41.24 -7.59
C VAL B 126 30.72 -41.45 -8.05
N THR B 127 31.14 -40.75 -9.10
CA THR B 127 32.52 -40.91 -9.58
C THR B 127 33.52 -40.49 -8.48
N GLN B 128 33.22 -39.40 -7.80
CA GLN B 128 34.08 -38.88 -6.73
C GLN B 128 34.25 -39.98 -5.70
N CYS B 129 33.15 -40.59 -5.32
CA CYS B 129 33.22 -41.72 -4.38
C CYS B 129 33.93 -42.97 -4.92
N GLN B 130 33.67 -43.35 -6.15
CA GLN B 130 34.17 -44.60 -6.69
C GLN B 130 35.66 -44.44 -6.93
N LYS B 131 36.10 -43.24 -7.37
CA LYS B 131 37.53 -43.01 -7.57
C LYS B 131 38.33 -42.94 -6.25
N ASP B 133 37.68 -45.15 -4.11
CA ASP B 133 37.53 -46.55 -3.73
C ASP B 133 36.55 -46.75 -2.56
N ILE B 134 35.53 -45.88 -2.39
CA ILE B 134 34.47 -46.16 -1.41
C ILE B 134 33.67 -47.32 -2.06
N PRO B 135 33.51 -48.44 -1.36
CA PRO B 135 32.71 -49.51 -1.92
C PRO B 135 31.25 -49.15 -2.14
N PHE B 136 30.71 -49.69 -3.24
CA PHE B 136 29.29 -49.63 -3.56
C PHE B 136 28.72 -51.04 -3.50
N LEU B 137 27.77 -51.26 -2.60
CA LEU B 137 27.14 -52.59 -2.51
C LEU B 137 26.15 -52.82 -3.63
N GLY B 138 26.06 -54.07 -4.07
CA GLY B 138 25.11 -54.51 -5.08
C GLY B 138 23.75 -54.77 -4.44
N GLU B 139 23.72 -55.15 -3.16
CA GLU B 139 22.48 -55.39 -2.46
C GLU B 139 22.60 -55.13 -0.99
N PRO B 141 22.60 -56.28 2.71
CA PRO B 141 22.59 -57.46 3.56
C PRO B 141 21.17 -57.65 4.16
N PRO B 142 20.60 -58.85 4.02
CA PRO B 142 19.14 -58.96 4.25
C PRO B 142 18.70 -59.08 5.71
N GLU B 143 19.63 -59.32 6.63
CA GLU B 143 19.33 -59.50 8.06
C GLU B 143 19.99 -58.45 8.94
N PRO B 144 19.24 -57.90 9.88
CA PRO B 144 19.78 -56.81 10.68
C PRO B 144 21.06 -57.20 11.38
N VAL B 147 24.05 -56.57 9.31
CA VAL B 147 24.39 -55.19 9.24
C VAL B 147 25.16 -54.78 10.52
N ASP B 148 24.59 -55.08 11.70
CA ASP B 148 25.22 -54.85 13.01
C ASP B 148 26.67 -55.40 13.06
N GLU B 149 26.88 -56.54 12.46
CA GLU B 149 28.21 -57.11 12.52
C GLU B 149 29.21 -56.42 11.62
N LEU B 150 28.74 -55.81 10.54
CA LEU B 150 29.67 -55.28 9.58
C LEU B 150 29.85 -53.81 9.76
N TYR B 151 28.85 -53.12 10.33
CA TYR B 151 28.94 -51.69 10.28
C TYR B 151 28.64 -51.20 11.70
N GLU B 152 29.40 -50.24 12.19
CA GLU B 152 29.13 -49.74 13.51
C GLU B 152 28.09 -48.60 13.51
N LEU B 153 27.74 -48.10 12.34
CA LEU B 153 26.75 -47.03 12.14
C LEU B 153 26.12 -47.16 10.76
N VAL B 154 24.85 -46.81 10.67
CA VAL B 154 24.19 -46.77 9.38
C VAL B 154 23.69 -45.37 9.21
N VAL B 155 24.03 -44.82 8.04
CA VAL B 155 23.50 -43.52 7.67
C VAL B 155 22.27 -43.67 6.75
N ASP B 156 21.11 -43.11 7.24
CA ASP B 156 19.88 -43.06 6.53
C ASP B 156 19.78 -41.82 5.65
N ALA B 157 20.14 -41.97 4.37
CA ALA B 157 20.07 -40.87 3.42
C ALA B 157 19.01 -41.20 2.34
N ILE B 158 17.88 -41.77 2.78
CA ILE B 158 16.93 -42.36 1.81
C ILE B 158 15.91 -41.32 1.30
N PHE B 159 15.05 -40.80 2.16
CA PHE B 159 14.06 -39.82 1.78
C PHE B 159 14.25 -38.52 2.55
N GLY B 160 13.92 -37.39 1.93
CA GLY B 160 14.16 -36.08 2.54
C GLY B 160 12.87 -35.34 2.76
N PHE B 161 12.99 -34.02 2.94
CA PHE B 161 11.85 -33.13 3.29
C PHE B 161 10.73 -33.04 2.26
N SER B 162 10.99 -33.42 1.01
CA SER B 162 9.93 -33.33 0.02
C SER B 162 9.18 -34.65 -0.18
N PHE B 163 9.55 -35.67 0.58
CA PHE B 163 8.85 -36.95 0.58
C PHE B 163 7.34 -36.85 0.86
N LYS B 164 6.54 -37.64 0.12
CA LYS B 164 5.05 -37.58 0.25
C LYS B 164 4.31 -38.93 0.41
N GLY B 165 4.96 -39.89 1.06
CA GLY B 165 4.26 -41.11 1.58
C GLY B 165 4.44 -42.38 0.77
N ASP B 166 4.75 -42.23 -0.50
CA ASP B 166 4.88 -43.39 -1.39
C ASP B 166 6.19 -44.15 -1.08
N VAL B 167 6.17 -45.19 -0.25
CA VAL B 167 7.41 -45.98 -0.09
C VAL B 167 7.41 -47.18 -1.03
N ARG B 168 8.05 -47.01 -2.18
CA ARG B 168 8.16 -48.07 -3.19
C ARG B 168 9.36 -48.96 -2.90
N GLU B 169 9.37 -50.18 -3.46
CA GLU B 169 10.57 -51.01 -3.41
C GLU B 169 11.76 -50.40 -4.19
N PRO B 170 13.00 -50.66 -3.76
CA PRO B 170 13.36 -51.54 -2.66
C PRO B 170 13.39 -50.85 -1.28
N PHE B 171 12.88 -49.64 -1.16
CA PHE B 171 12.99 -48.88 0.12
C PHE B 171 12.15 -49.39 1.25
N HIS B 172 11.05 -50.05 0.93
CA HIS B 172 10.28 -50.70 1.97
C HIS B 172 11.09 -51.82 2.67
N SER B 173 11.68 -52.69 1.89
CA SER B 173 12.41 -53.80 2.51
C SER B 173 13.73 -53.35 3.18
N ILE B 174 14.38 -52.35 2.63
CA ILE B 174 15.54 -51.73 3.29
C ILE B 174 15.13 -51.22 4.68
N LEU B 175 14.01 -50.52 4.74
CA LEU B 175 13.52 -49.92 6.01
C LEU B 175 13.10 -50.99 6.98
N SER B 176 12.57 -52.11 6.46
CA SER B 176 12.33 -53.26 7.31
C SER B 176 13.62 -53.76 7.95
N VAL B 177 14.70 -53.97 7.20
CA VAL B 177 15.97 -54.29 7.84
C VAL B 177 16.41 -53.20 8.83
N LEU B 178 16.25 -51.92 8.49
CA LEU B 178 16.77 -50.88 9.40
C LEU B 178 16.09 -50.89 10.74
N SER B 179 14.80 -51.20 10.77
CA SER B 179 14.05 -51.11 12.04
C SER B 179 14.49 -52.22 13.01
N GLY B 180 15.17 -53.26 12.55
CA GLY B 180 15.68 -54.31 13.44
C GLY B 180 17.14 -54.18 13.84
N LEU B 181 17.79 -53.06 13.57
CA LEU B 181 19.22 -52.92 13.84
C LEU B 181 19.49 -52.68 15.34
N THR B 182 20.65 -53.12 15.81
CA THR B 182 21.11 -52.69 17.14
C THR B 182 22.07 -51.48 17.03
N VAL B 183 22.88 -51.42 15.97
CA VAL B 183 23.76 -50.32 15.78
C VAL B 183 22.88 -49.08 15.50
N PRO B 184 23.42 -47.93 15.84
CA PRO B 184 22.73 -46.66 15.63
C PRO B 184 22.52 -46.26 14.19
N ILE B 185 21.40 -45.60 13.95
CA ILE B 185 21.12 -45.01 12.67
C ILE B 185 21.18 -43.50 12.78
N ALA B 186 21.83 -42.89 11.80
CA ALA B 186 21.86 -41.45 11.68
C ALA B 186 21.09 -41.07 10.43
N SER B 187 20.04 -40.30 10.61
CA SER B 187 19.18 -39.89 9.51
C SER B 187 19.46 -38.42 9.09
N ILE B 188 19.49 -38.20 7.77
CA ILE B 188 19.72 -36.92 7.21
C ILE B 188 18.34 -36.25 6.98
N ASP B 189 18.12 -35.16 7.70
CA ASP B 189 16.96 -34.22 7.56
C ASP B 189 15.67 -34.75 8.14
N ILE B 190 15.24 -35.91 7.70
CA ILE B 190 14.03 -36.56 8.17
C ILE B 190 14.34 -38.07 8.28
N PRO B 191 13.80 -38.74 9.33
CA PRO B 191 13.94 -40.21 9.36
C PRO B 191 13.10 -40.83 8.24
N SER B 192 13.74 -41.55 7.36
CA SER B 192 13.07 -42.02 6.17
C SER B 192 11.90 -42.89 6.53
N GLY B 193 10.77 -42.67 5.86
CA GLY B 193 9.54 -43.38 6.15
C GLY B 193 8.64 -42.66 7.17
N TRP B 194 9.12 -41.59 7.79
CA TRP B 194 8.30 -40.78 8.63
C TRP B 194 7.60 -39.74 7.75
N ASP B 195 6.37 -39.40 8.11
CA ASP B 195 5.68 -38.29 7.52
C ASP B 195 6.48 -37.02 7.89
N VAL B 196 6.74 -36.15 6.92
CA VAL B 196 7.64 -35.04 7.13
C VAL B 196 7.15 -34.11 8.25
N GLU B 197 5.85 -34.11 8.50
CA GLU B 197 5.28 -33.32 9.59
C GLU B 197 4.87 -34.11 10.86
N LYS B 198 4.25 -35.29 10.67
CA LYS B 198 3.65 -36.05 11.77
C LYS B 198 4.55 -37.16 12.33
N GLY B 199 5.62 -37.53 11.65
CA GLY B 199 6.49 -38.60 12.18
C GLY B 199 5.94 -39.97 11.86
N ASN B 200 6.28 -40.97 12.67
CA ASN B 200 5.78 -42.32 12.46
C ASN B 200 6.20 -43.17 13.66
N PRO B 201 5.28 -43.47 14.58
CA PRO B 201 5.60 -44.26 15.78
C PRO B 201 6.07 -45.70 15.53
N SER B 202 5.64 -46.29 14.41
CA SER B 202 6.11 -47.59 14.02
C SER B 202 7.28 -47.48 13.03
N GLY B 203 7.76 -46.27 12.71
CA GLY B 203 8.89 -46.08 11.82
C GLY B 203 10.26 -46.37 12.46
N ILE B 204 11.34 -46.25 11.67
CA ILE B 204 12.70 -46.30 12.22
C ILE B 204 12.85 -45.23 13.28
N GLN B 205 13.77 -45.50 14.18
CA GLN B 205 13.99 -44.65 15.35
C GLN B 205 15.50 -44.36 15.38
N PRO B 206 15.94 -43.36 14.60
CA PRO B 206 17.35 -43.01 14.62
C PRO B 206 17.90 -42.49 15.95
N ASP B 207 19.17 -42.82 16.23
CA ASP B 207 19.91 -42.31 17.39
C ASP B 207 20.40 -40.86 17.15
N LEU B 208 20.63 -40.52 15.88
CA LEU B 208 21.04 -39.18 15.46
C LEU B 208 20.19 -38.66 14.34
N LEU B 209 19.81 -37.39 14.42
CA LEU B 209 19.12 -36.74 13.34
C LEU B 209 19.85 -35.45 13.03
N ILE B 210 20.13 -35.23 11.74
CA ILE B 210 20.68 -33.94 11.34
C ILE B 210 19.60 -33.16 10.59
N SER B 211 19.03 -32.14 11.22
CA SER B 211 18.05 -31.27 10.56
C SER B 211 18.78 -30.26 9.68
N LEU B 212 18.51 -30.21 8.38
CA LEU B 212 19.20 -29.29 7.49
C LEU B 212 18.43 -27.99 7.32
N THR B 213 19.14 -26.89 7.52
CA THR B 213 18.62 -25.51 7.47
C THR B 213 17.79 -25.19 8.71
N ALA B 214 16.68 -25.88 8.90
CA ALA B 214 15.86 -25.71 10.09
C ALA B 214 15.16 -27.05 10.25
N PRO B 215 14.90 -27.46 11.47
CA PRO B 215 14.18 -28.72 11.63
C PRO B 215 12.74 -28.63 11.05
N LYS B 216 12.26 -29.79 10.62
CA LYS B 216 10.86 -29.92 10.20
C LYS B 216 10.01 -30.38 11.38
N LYS B 217 8.70 -30.29 11.24
CA LYS B 217 7.78 -30.66 12.34
C LYS B 217 7.91 -32.13 12.79
N SER B 218 8.25 -33.05 11.88
CA SER B 218 8.42 -34.43 12.28
C SER B 218 9.49 -34.56 13.38
N ALA B 219 10.46 -33.64 13.37
CA ALA B 219 11.57 -33.64 14.34
C ALA B 219 11.08 -33.50 15.81
N THR B 220 9.87 -32.99 16.01
CA THR B 220 9.34 -32.94 17.39
C THR B 220 9.06 -34.38 17.89
N HIS B 221 9.05 -35.40 17.01
CA HIS B 221 8.85 -36.78 17.46
C HIS B 221 10.20 -37.54 17.59
N PHE B 222 11.31 -36.84 17.38
CA PHE B 222 12.59 -37.48 17.55
C PHE B 222 12.83 -38.01 18.97
N THR B 223 13.21 -39.27 19.07
CA THR B 223 13.43 -39.92 20.35
C THR B 223 14.91 -40.32 20.54
N GLY B 224 15.79 -40.10 19.57
CA GLY B 224 17.21 -40.44 19.77
C GLY B 224 17.98 -39.53 20.70
N ARG B 225 19.28 -39.75 20.85
CA ARG B 225 20.13 -38.97 21.75
C ARG B 225 20.60 -37.65 21.13
N TYR B 226 20.75 -37.60 19.80
CA TYR B 226 21.48 -36.54 19.16
C TYR B 226 20.64 -35.89 18.07
N HIS B 227 20.25 -34.62 18.26
CA HIS B 227 19.64 -33.78 17.25
C HIS B 227 20.60 -32.63 16.96
N TYR B 228 21.28 -32.70 15.82
CA TYR B 228 22.06 -31.57 15.29
C TYR B 228 21.33 -30.80 14.20
N LEU B 229 21.58 -29.51 14.18
CA LEU B 229 21.19 -28.65 13.11
C LEU B 229 22.42 -28.44 12.26
N GLY B 230 22.25 -28.50 10.96
CA GLY B 230 23.31 -28.24 10.03
C GLY B 230 22.85 -27.47 8.81
N GLY B 231 23.76 -27.33 7.85
CA GLY B 231 23.49 -26.52 6.70
C GLY B 231 23.52 -25.05 7.16
N ARG B 232 24.76 -24.60 7.44
CA ARG B 232 25.04 -23.27 7.98
C ARG B 232 25.20 -22.31 6.78
N PHE B 233 24.10 -22.02 6.11
CA PHE B 233 24.19 -21.25 4.92
C PHE B 233 22.97 -20.37 4.71
N VAL B 234 22.07 -20.30 5.69
CA VAL B 234 20.84 -19.55 5.53
C VAL B 234 21.20 -18.08 5.74
N PRO B 235 20.94 -17.25 4.73
CA PRO B 235 21.20 -15.83 4.84
C PRO B 235 20.34 -15.26 5.94
N PRO B 236 20.87 -14.31 6.71
CA PRO B 236 20.11 -13.77 7.85
C PRO B 236 18.77 -13.16 7.47
N ALA B 237 18.66 -12.53 6.30
CA ALA B 237 17.33 -11.91 5.97
C ALA B 237 16.32 -13.00 5.63
N LEU B 238 16.81 -14.14 5.11
CA LEU B 238 15.92 -15.27 4.81
C LEU B 238 15.46 -15.89 6.12
N GLU B 239 16.42 -16.13 7.02
CA GLU B 239 16.11 -16.56 8.37
C GLU B 239 15.06 -15.69 9.02
N LYS B 240 15.20 -14.40 8.95
CA LYS B 240 14.22 -13.49 9.56
C LYS B 240 12.84 -13.53 8.85
N LYS B 241 12.88 -13.63 7.52
CA LYS B 241 11.61 -13.63 6.73
C LYS B 241 10.71 -14.81 7.10
N TYR B 242 11.29 -16.02 7.25
CA TYR B 242 10.53 -17.19 7.65
C TYR B 242 10.50 -17.37 9.19
N GLN B 243 10.99 -16.41 9.96
CA GLN B 243 11.00 -16.52 11.43
C GLN B 243 11.60 -17.85 11.94
N LEU B 244 12.73 -18.23 11.40
CA LEU B 244 13.31 -19.51 11.73
C LEU B 244 13.90 -19.53 13.13
N ASN B 245 14.33 -18.38 13.63
CA ASN B 245 14.87 -18.27 14.99
C ASN B 245 15.97 -19.32 15.24
N LEU B 246 16.84 -19.46 14.26
CA LEU B 246 17.95 -20.34 14.33
C LEU B 246 18.80 -20.01 15.54
N PRO B 247 19.32 -21.03 16.24
CA PRO B 247 20.29 -20.70 17.28
C PRO B 247 21.64 -20.32 16.68
N SER B 248 22.52 -19.76 17.49
CA SER B 248 23.82 -19.33 17.03
C SER B 248 24.77 -20.54 16.95
N TYR B 249 25.28 -20.84 15.76
CA TYR B 249 26.32 -21.82 15.64
C TYR B 249 27.58 -21.30 16.38
N PRO B 250 28.24 -22.14 17.17
CA PRO B 250 29.42 -21.65 17.89
C PRO B 250 30.58 -21.46 16.92
N ASP B 251 31.31 -20.37 17.10
CA ASP B 251 32.54 -20.09 16.32
C ASP B 251 32.39 -20.40 14.81
N THR B 252 33.24 -21.27 14.27
CA THR B 252 33.14 -21.58 12.84
C THR B 252 32.50 -22.97 12.56
N GLU B 253 31.71 -23.49 13.50
CA GLU B 253 31.19 -24.87 13.38
C GLU B 253 30.03 -24.87 12.41
N CYS B 254 29.90 -25.98 11.66
CA CYS B 254 28.83 -26.10 10.67
C CYS B 254 27.62 -26.91 11.18
N VAL B 255 27.61 -27.16 12.49
CA VAL B 255 26.53 -27.88 13.10
C VAL B 255 26.34 -27.31 14.51
N TYR B 256 25.12 -27.46 15.02
CA TYR B 256 24.75 -27.01 16.38
C TYR B 256 23.96 -28.14 17.00
N ARG B 257 24.40 -28.59 18.17
CA ARG B 257 23.60 -29.56 18.91
C ARG B 257 22.39 -28.94 19.59
N LEU B 258 21.21 -29.36 19.17
CA LEU B 258 19.96 -28.93 19.78
C LEU B 258 19.66 -29.67 21.07
N GLN B 259 19.25 -28.90 22.09
CA GLN B 259 18.75 -29.36 23.40
C GLN B 259 19.89 -29.54 24.41
N ALA C 27 -59.92 30.25 -5.89
CA ALA C 27 -58.75 29.42 -6.29
C ALA C 27 -57.45 30.00 -5.74
N VAL C 28 -56.35 29.28 -5.95
CA VAL C 28 -55.04 29.69 -5.43
C VAL C 28 -54.60 31.07 -5.96
N LYS C 29 -53.94 31.88 -5.13
CA LYS C 29 -53.43 33.17 -5.60
C LYS C 29 -52.12 33.05 -6.34
N TYR C 30 -52.02 33.80 -7.42
CA TYR C 30 -50.82 33.90 -8.22
C TYR C 30 -50.17 35.22 -7.85
N LEU C 31 -48.95 35.11 -7.33
CA LEU C 31 -48.30 36.27 -6.77
C LEU C 31 -47.56 37.13 -7.79
N SER C 32 -47.63 38.45 -7.60
CA SER C 32 -46.70 39.36 -8.24
C SER C 32 -45.31 39.13 -7.61
N GLN C 33 -44.27 39.60 -8.28
CA GLN C 33 -42.91 39.47 -7.77
C GLN C 33 -42.80 40.18 -6.45
N GLU C 34 -43.49 41.31 -6.34
CA GLU C 34 -43.42 42.11 -5.14
C GLU C 34 -44.03 41.33 -3.95
N GLU C 35 -45.24 40.82 -4.12
CA GLU C 35 -45.88 40.02 -3.09
C GLU C 35 -44.97 38.82 -2.73
N ALA C 36 -44.30 38.22 -3.70
CA ALA C 36 -43.43 37.08 -3.39
C ALA C 36 -42.24 37.47 -2.53
N GLN C 37 -41.69 38.66 -2.79
CA GLN C 37 -40.53 39.15 -2.02
C GLN C 37 -40.92 39.48 -0.60
N ALA C 38 -42.15 39.98 -0.41
CA ALA C 38 -42.67 40.36 0.92
C ALA C 38 -43.05 39.12 1.73
N VAL C 39 -43.65 38.14 1.07
CA VAL C 39 -43.88 36.83 1.69
C VAL C 39 -42.55 36.25 2.16
N ASP C 40 -41.61 36.12 1.23
CA ASP C 40 -40.26 35.64 1.52
C ASP C 40 -39.59 36.38 2.69
N GLN C 41 -39.76 37.70 2.75
CA GLN C 41 -39.08 38.52 3.76
C GLN C 41 -39.70 38.33 5.12
N GLU C 42 -41.03 38.27 5.16
CA GLU C 42 -41.75 37.93 6.37
C GLU C 42 -41.32 36.58 6.96
N LEU C 43 -41.11 35.59 6.07
CA LEU C 43 -40.73 34.27 6.52
C LEU C 43 -39.41 34.31 7.22
N PHE C 44 -38.45 35.04 6.67
CA PHE C 44 -37.13 35.11 7.28
C PHE C 44 -37.06 36.18 8.37
N ASN C 45 -38.00 37.11 8.41
CA ASN C 45 -37.94 38.20 9.40
C ASN C 45 -38.85 37.98 10.61
N GLU C 46 -40.16 38.16 10.46
CA GLU C 46 -41.10 37.93 11.55
C GLU C 46 -41.13 36.46 12.01
N TYR C 47 -41.29 35.53 11.08
CA TYR C 47 -41.43 34.11 11.43
C TYR C 47 -40.10 33.48 11.84
N GLN C 48 -38.99 34.09 11.41
CA GLN C 48 -37.64 33.69 11.82
C GLN C 48 -37.33 32.28 11.44
N PHE C 49 -37.79 31.88 10.27
CA PHE C 49 -37.26 30.67 9.63
C PHE C 49 -35.86 31.00 9.19
N SER C 50 -35.02 29.98 9.03
CA SER C 50 -33.68 30.20 8.58
C SER C 50 -33.61 29.74 7.14
N VAL C 51 -32.65 30.29 6.40
CA VAL C 51 -32.44 29.97 4.99
C VAL C 51 -32.36 28.48 4.73
N ASP C 52 -31.56 27.78 5.52
CA ASP C 52 -31.40 26.31 5.48
C ASP C 52 -32.68 25.52 5.54
N GLN C 53 -33.50 25.84 6.53
CA GLN C 53 -34.75 25.10 6.76
C GLN C 53 -35.64 25.14 5.54
N LEU C 54 -35.90 26.35 5.03
CA LEU C 54 -36.84 26.51 3.92
C LEU C 54 -36.30 26.00 2.61
N GLU C 56 -34.25 23.49 2.38
CA GLU C 56 -34.28 22.02 2.45
C GLU C 56 -35.66 21.53 2.12
N LEU C 57 -36.67 22.18 2.69
CA LEU C 57 -38.02 21.75 2.45
C LEU C 57 -38.40 22.03 0.98
N ALA C 58 -38.00 23.18 0.46
CA ALA C 58 -38.25 23.57 -0.95
C ALA C 58 -37.66 22.52 -1.95
N GLY C 59 -36.40 22.20 -1.76
CA GLY C 59 -35.72 21.22 -2.58
C GLY C 59 -36.25 19.81 -2.49
N LEU C 60 -36.73 19.44 -1.30
CA LEU C 60 -37.41 18.14 -1.11
C LEU C 60 -38.70 18.14 -1.86
N SER C 61 -39.47 19.23 -1.78
CA SER C 61 -40.67 19.33 -2.57
C SER C 61 -40.35 19.10 -4.03
N CYS C 62 -39.30 19.76 -4.50
CA CYS C 62 -38.92 19.60 -5.92
C CYS C 62 -38.67 18.15 -6.26
N ALA C 63 -37.93 17.45 -5.44
CA ALA C 63 -37.54 16.07 -5.78
C ALA C 63 -38.79 15.21 -5.72
N THR C 64 -39.70 15.52 -4.79
CA THR C 64 -40.90 14.75 -4.60
C THR C 64 -41.88 14.91 -5.78
N ALA C 65 -42.11 16.15 -6.21
CA ALA C 65 -42.87 16.40 -7.41
C ALA C 65 -42.31 15.67 -8.66
N ILE C 66 -41.00 15.67 -8.83
CA ILE C 66 -40.39 14.99 -9.99
C ILE C 66 -40.66 13.49 -9.93
N ALA C 67 -40.49 12.94 -8.72
CA ALA C 67 -40.64 11.50 -8.53
C ALA C 67 -42.10 11.12 -8.73
N LYS C 68 -43.01 12.04 -8.44
CA LYS C 68 -44.42 11.78 -8.70
C LYS C 68 -44.77 11.91 -10.19
N ALA C 69 -44.30 12.96 -10.83
CA ALA C 69 -44.55 13.16 -12.27
C ALA C 69 -43.84 12.18 -13.15
N TYR C 70 -42.61 11.79 -12.78
CA TYR C 70 -41.74 10.91 -13.60
C TYR C 70 -41.20 9.75 -12.74
N PRO C 71 -42.08 8.88 -12.27
CA PRO C 71 -41.65 7.85 -11.35
C PRO C 71 -40.63 6.90 -11.98
N PRO C 72 -39.70 6.40 -11.18
CA PRO C 72 -38.65 5.54 -11.73
C PRO C 72 -39.17 4.37 -12.58
N THR C 73 -40.25 3.72 -12.19
CA THR C 73 -40.79 2.63 -13.02
C THR C 73 -41.26 3.13 -14.42
N SER C 74 -41.74 4.36 -14.52
CA SER C 74 -42.24 4.88 -15.82
C SER C 74 -41.12 5.22 -16.84
N SER C 76 -37.52 4.61 -19.11
CA SER C 76 -36.80 3.57 -19.87
C SER C 76 -35.52 3.02 -19.18
N LYS C 77 -34.68 3.87 -18.58
CA LYS C 77 -33.44 3.38 -17.96
C LYS C 77 -33.60 3.15 -16.47
N SER C 78 -32.75 2.29 -15.92
CA SER C 78 -32.83 1.91 -14.53
C SER C 78 -31.43 1.91 -13.93
N PRO C 79 -31.16 2.81 -12.96
CA PRO C 79 -32.05 3.89 -12.52
C PRO C 79 -32.16 4.99 -13.56
N PRO C 80 -33.19 5.81 -13.44
CA PRO C 80 -33.37 6.87 -14.43
C PRO C 80 -32.41 8.04 -14.23
N THR C 81 -32.00 8.66 -15.30
CA THR C 81 -30.88 9.60 -15.27
C THR C 81 -31.53 11.00 -15.36
N VAL C 82 -30.89 11.99 -14.72
CA VAL C 82 -31.43 13.33 -14.61
C VAL C 82 -30.26 14.28 -14.54
N LEU C 83 -30.27 15.32 -15.36
CA LEU C 83 -29.30 16.40 -15.28
C LEU C 83 -29.90 17.55 -14.52
N VAL C 84 -29.26 17.94 -13.42
CA VAL C 84 -29.69 19.09 -12.69
C VAL C 84 -28.77 20.32 -12.89
N ILE C 85 -29.33 21.44 -13.37
CA ILE C 85 -28.53 22.65 -13.72
C ILE C 85 -28.87 23.73 -12.73
N CYS C 86 -27.86 24.09 -11.95
CA CYS C 86 -28.01 24.99 -10.83
C CYS C 86 -27.38 26.32 -11.18
N GLY C 87 -28.17 27.37 -10.99
CA GLY C 87 -27.75 28.73 -11.19
C GLY C 87 -27.03 29.32 -9.99
N PRO C 88 -26.79 30.63 -10.02
CA PRO C 88 -25.82 31.27 -9.13
C PRO C 88 -26.37 31.87 -7.82
N GLY C 89 -27.61 31.54 -7.49
CA GLY C 89 -28.25 32.06 -6.29
C GLY C 89 -29.09 31.00 -5.63
N ASN C 90 -30.23 31.41 -5.10
CA ASN C 90 -31.05 30.55 -4.27
C ASN C 90 -31.75 29.41 -5.03
N ASN C 91 -32.19 29.68 -6.25
CA ASN C 91 -32.78 28.64 -7.09
C ASN C 91 -31.79 27.48 -7.29
N GLY C 92 -30.53 27.80 -7.51
CA GLY C 92 -29.53 26.77 -7.69
C GLY C 92 -29.34 25.97 -6.42
N GLY C 93 -29.52 26.65 -5.28
CA GLY C 93 -29.52 26.03 -3.96
C GLY C 93 -30.56 24.93 -3.90
N ASP C 94 -31.77 25.27 -4.31
CA ASP C 94 -32.88 24.36 -4.35
C ASP C 94 -32.54 23.13 -5.23
N GLY C 95 -31.81 23.34 -6.30
CA GLY C 95 -31.45 22.25 -7.19
C GLY C 95 -30.47 21.29 -6.58
N LEU C 96 -29.54 21.84 -5.81
CA LEU C 96 -28.60 21.01 -5.10
C LEU C 96 -29.31 20.13 -4.05
N VAL C 97 -30.19 20.72 -3.24
CA VAL C 97 -31.04 19.92 -2.36
C VAL C 97 -31.84 18.87 -3.17
N CYS C 98 -32.48 19.34 -4.25
CA CYS C 98 -33.30 18.48 -5.08
C CYS C 98 -32.54 17.24 -5.60
N ALA C 99 -31.33 17.44 -6.08
CA ALA C 99 -30.56 16.39 -6.65
C ALA C 99 -30.20 15.30 -5.61
N ARG C 100 -29.84 15.72 -4.42
CA ARG C 100 -29.52 14.79 -3.34
C ARG C 100 -30.77 13.96 -2.96
N HIS C 101 -31.92 14.62 -2.77
CA HIS C 101 -33.13 13.83 -2.58
C HIS C 101 -33.50 12.90 -3.74
N LEU C 102 -33.32 13.34 -4.97
CA LEU C 102 -33.56 12.45 -6.14
C LEU C 102 -32.71 11.22 -6.10
N LYS C 103 -31.45 11.37 -5.69
CA LYS C 103 -30.58 10.21 -5.52
C LYS C 103 -31.16 9.21 -4.46
N LEU C 104 -31.50 9.70 -3.26
CA LEU C 104 -32.22 8.90 -2.30
C LEU C 104 -33.51 8.26 -2.85
N PHE C 105 -34.25 8.95 -3.73
CA PHE C 105 -35.50 8.43 -4.34
C PHE C 105 -35.27 7.46 -5.50
N GLY C 106 -34.02 7.14 -5.81
CA GLY C 106 -33.72 6.12 -6.81
C GLY C 106 -33.31 6.64 -8.18
N TYR C 107 -33.12 7.94 -8.34
CA TYR C 107 -32.65 8.51 -9.60
C TYR C 107 -31.15 8.52 -9.57
N GLN C 108 -30.59 8.65 -10.75
CA GLN C 108 -29.17 8.85 -10.96
C GLN C 108 -28.87 10.28 -11.46
N PRO C 109 -28.78 11.27 -10.55
CA PRO C 109 -28.54 12.63 -11.03
C PRO C 109 -27.08 12.97 -11.33
N THR C 110 -26.93 13.99 -12.16
CA THR C 110 -25.68 14.60 -12.51
C THR C 110 -25.96 16.06 -12.32
N ILE C 111 -25.02 16.80 -11.74
CA ILE C 111 -25.19 18.24 -11.60
C ILE C 111 -24.29 19.07 -12.51
N TYR C 112 -24.84 20.13 -13.11
CA TYR C 112 -24.01 21.21 -13.69
C TYR C 112 -24.21 22.52 -12.93
N TYR C 113 -23.13 23.02 -12.37
CA TYR C 113 -23.14 24.17 -11.43
C TYR C 113 -21.95 25.10 -11.76
N PRO C 114 -22.08 25.93 -12.78
CA PRO C 114 -20.91 26.63 -13.32
C PRO C 114 -20.51 27.86 -12.53
N LYS C 115 -21.46 28.51 -11.85
CA LYS C 115 -21.20 29.72 -11.06
C LYS C 115 -21.70 29.55 -9.65
N ARG C 116 -20.76 29.46 -8.71
CA ARG C 116 -21.06 29.04 -7.36
C ARG C 116 -20.71 30.15 -6.39
N PRO C 117 -21.71 30.72 -5.69
CA PRO C 117 -21.33 31.74 -4.73
C PRO C 117 -20.40 31.19 -3.69
N ASN C 118 -19.49 32.04 -3.23
CA ASN C 118 -18.61 31.70 -2.14
C ASN C 118 -19.28 32.05 -0.82
N LYS C 119 -20.19 31.17 -0.40
CA LYS C 119 -20.88 31.29 0.86
C LYS C 119 -21.00 29.86 1.37
N PRO C 120 -20.85 29.66 2.69
CA PRO C 120 -20.87 28.31 3.26
C PRO C 120 -22.16 27.53 2.99
N LEU C 121 -23.28 28.24 2.86
CA LEU C 121 -24.53 27.61 2.46
C LEU C 121 -24.34 26.77 1.20
N PHE C 122 -23.71 27.31 0.16
CA PHE C 122 -23.54 26.61 -1.11
C PHE C 122 -22.38 25.63 -1.12
N THR C 123 -21.32 25.93 -0.39
CA THR C 123 -20.18 25.03 -0.24
C THR C 123 -20.61 23.72 0.41
N GLY C 124 -21.39 23.88 1.48
CA GLY C 124 -22.00 22.77 2.19
C GLY C 124 -22.87 21.92 1.29
N LEU C 125 -23.82 22.57 0.62
CA LEU C 125 -24.79 21.85 -0.24
C LEU C 125 -24.01 21.10 -1.33
N VAL C 126 -22.91 21.67 -1.86
CA VAL C 126 -22.06 21.00 -2.87
C VAL C 126 -21.34 19.80 -2.30
N THR C 127 -20.80 19.95 -1.08
CA THR C 127 -20.11 18.84 -0.44
C THR C 127 -21.07 17.69 -0.16
N GLN C 128 -22.25 17.99 0.41
CA GLN C 128 -23.30 17.00 0.63
C GLN C 128 -23.58 16.25 -0.69
N CYS C 129 -23.82 16.97 -1.79
CA CYS C 129 -24.00 16.29 -3.09
C CYS C 129 -22.83 15.39 -3.51
N GLN C 130 -21.60 15.86 -3.37
CA GLN C 130 -20.42 15.07 -3.79
C GLN C 130 -20.20 13.82 -2.96
N LYS C 131 -20.53 13.87 -1.67
CA LYS C 131 -20.42 12.71 -0.77
C LYS C 131 -21.66 11.77 -0.86
N ASP C 133 -22.14 11.07 -3.82
CA ASP C 133 -21.55 10.51 -5.07
C ASP C 133 -22.27 10.92 -6.39
N ILE C 134 -22.84 12.13 -6.37
CA ILE C 134 -23.46 12.71 -7.52
C ILE C 134 -22.36 13.46 -8.22
N PRO C 135 -22.08 13.11 -9.48
CA PRO C 135 -21.04 13.83 -10.18
C PRO C 135 -21.45 15.25 -10.67
N PHE C 136 -20.44 16.12 -10.73
CA PHE C 136 -20.56 17.49 -11.22
C PHE C 136 -19.83 17.51 -12.55
N LEU C 137 -20.52 18.01 -13.57
CA LEU C 137 -19.94 18.13 -14.89
C LEU C 137 -19.05 19.37 -14.95
N GLY C 138 -17.97 19.27 -15.70
CA GLY C 138 -17.10 20.40 -15.97
C GLY C 138 -17.64 21.33 -17.05
N GLU C 139 -18.49 20.82 -17.93
CA GLU C 139 -19.09 21.61 -19.00
C GLU C 139 -20.46 21.07 -19.37
N PRO C 141 -23.11 19.79 -21.96
CA PRO C 141 -23.08 19.24 -23.30
C PRO C 141 -23.58 20.29 -24.29
N PRO C 142 -22.84 20.48 -25.37
CA PRO C 142 -23.12 21.59 -26.32
C PRO C 142 -24.37 21.45 -27.19
N GLU C 143 -24.78 20.20 -27.47
CA GLU C 143 -25.91 19.94 -28.36
C GLU C 143 -27.12 19.31 -27.69
N PRO C 144 -28.31 19.77 -28.06
CA PRO C 144 -29.50 19.24 -27.48
C PRO C 144 -29.60 17.72 -27.56
N VAL C 147 -27.73 15.93 -24.74
CA VAL C 147 -28.47 15.97 -23.49
C VAL C 147 -29.53 14.86 -23.55
N ASP C 148 -30.34 14.87 -24.60
CA ASP C 148 -31.42 13.89 -24.78
C ASP C 148 -30.92 12.46 -24.62
N GLU C 149 -29.77 12.16 -25.19
CA GLU C 149 -29.28 10.81 -25.16
C GLU C 149 -28.77 10.45 -23.77
N LEU C 150 -28.22 11.41 -23.01
CA LEU C 150 -27.60 11.09 -21.74
C LEU C 150 -28.57 11.14 -20.55
N TYR C 151 -29.55 12.05 -20.60
CA TYR C 151 -30.40 12.35 -19.46
C TYR C 151 -31.87 12.27 -19.83
N GLU C 152 -32.64 11.51 -19.07
CA GLU C 152 -34.05 11.34 -19.35
C GLU C 152 -34.89 12.54 -18.94
N LEU C 153 -34.35 13.39 -18.09
CA LEU C 153 -35.02 14.60 -17.58
C LEU C 153 -33.93 15.63 -17.26
N VAL C 154 -34.24 16.91 -17.40
CA VAL C 154 -33.37 17.98 -17.06
C VAL C 154 -34.10 18.85 -16.07
N VAL C 155 -33.44 19.15 -14.95
CA VAL C 155 -34.04 20.00 -13.91
C VAL C 155 -33.44 21.38 -14.10
N ASP C 156 -34.31 22.37 -14.32
CA ASP C 156 -33.92 23.75 -14.45
C ASP C 156 -33.99 24.45 -13.13
N ALA C 157 -32.84 24.58 -12.46
CA ALA C 157 -32.73 25.32 -11.20
C ALA C 157 -31.82 26.54 -11.38
N ILE C 158 -31.98 27.22 -12.50
CA ILE C 158 -31.08 28.31 -12.90
C ILE C 158 -31.47 29.63 -12.26
N PHE C 159 -32.61 30.20 -12.65
CA PHE C 159 -33.11 31.42 -11.98
C PHE C 159 -34.45 31.22 -11.34
N GLY C 160 -34.65 31.96 -10.25
CA GLY C 160 -35.83 31.90 -9.44
C GLY C 160 -36.57 33.22 -9.43
N PHE C 161 -37.43 33.38 -8.43
CA PHE C 161 -38.42 34.48 -8.38
C PHE C 161 -37.85 35.90 -8.26
N SER C 162 -36.58 36.04 -7.86
CA SER C 162 -35.98 37.36 -7.69
C SER C 162 -35.43 37.89 -9.01
N PHE C 163 -34.92 36.99 -9.86
CA PHE C 163 -34.31 37.34 -11.17
C PHE C 163 -34.99 38.49 -11.90
N LYS C 164 -34.18 39.41 -12.41
CA LYS C 164 -34.67 40.65 -13.03
C LYS C 164 -34.13 40.80 -14.45
N GLY C 165 -34.81 40.19 -15.43
CA GLY C 165 -34.54 40.40 -16.85
C GLY C 165 -33.21 40.04 -17.49
N ASP C 166 -32.11 39.94 -16.73
CA ASP C 166 -30.74 39.99 -17.32
C ASP C 166 -29.99 38.66 -17.42
N VAL C 167 -29.90 38.08 -18.62
CA VAL C 167 -29.33 36.75 -18.79
C VAL C 167 -27.95 36.79 -19.43
N ARG C 168 -26.92 36.62 -18.63
CA ARG C 168 -25.55 36.68 -19.11
C ARG C 168 -24.91 35.30 -19.13
N GLU C 169 -23.72 35.19 -19.68
CA GLU C 169 -23.10 33.89 -19.85
C GLU C 169 -22.67 33.26 -18.52
N PRO C 170 -22.66 31.91 -18.45
CA PRO C 170 -22.96 30.93 -19.47
C PRO C 170 -24.44 30.63 -19.68
N PHE C 171 -25.32 31.33 -18.96
CA PHE C 171 -26.73 30.96 -18.90
C PHE C 171 -27.55 31.19 -20.14
N HIS C 172 -27.26 32.21 -20.91
CA HIS C 172 -27.92 32.36 -22.20
C HIS C 172 -27.73 31.12 -23.08
N SER C 173 -26.49 30.66 -23.14
CA SER C 173 -26.11 29.54 -23.95
C SER C 173 -26.72 28.21 -23.47
N ILE C 174 -26.67 27.99 -22.16
CA ILE C 174 -27.33 26.84 -21.55
C ILE C 174 -28.84 26.89 -21.86
N LEU C 175 -29.45 28.07 -21.78
CA LEU C 175 -30.89 28.20 -22.06
C LEU C 175 -31.23 27.87 -23.51
N SER C 176 -30.31 28.28 -24.38
CA SER C 176 -30.42 28.02 -25.80
C SER C 176 -30.36 26.49 -25.99
N VAL C 177 -29.42 25.80 -25.34
CA VAL C 177 -29.43 24.33 -25.43
C VAL C 177 -30.74 23.71 -24.94
N LEU C 178 -31.19 24.11 -23.75
CA LEU C 178 -32.45 23.59 -23.17
C LEU C 178 -33.67 23.76 -24.05
N SER C 179 -33.78 24.90 -24.70
CA SER C 179 -34.95 25.11 -25.56
C SER C 179 -35.01 24.20 -26.79
N GLY C 180 -33.92 23.48 -27.12
CA GLY C 180 -33.98 22.55 -28.24
C GLY C 180 -34.09 21.08 -27.84
N LEU C 181 -34.33 20.82 -26.56
CA LEU C 181 -34.40 19.45 -26.08
C LEU C 181 -35.71 18.77 -26.50
N THR C 182 -35.62 17.45 -26.60
CA THR C 182 -36.81 16.60 -26.73
C THR C 182 -37.21 16.04 -25.37
N VAL C 183 -36.27 15.71 -24.47
CA VAL C 183 -36.64 15.22 -23.13
C VAL C 183 -37.32 16.33 -22.30
N PRO C 184 -38.16 15.95 -21.32
CA PRO C 184 -38.81 16.95 -20.48
C PRO C 184 -37.86 17.81 -19.59
N ILE C 185 -38.30 19.06 -19.34
CA ILE C 185 -37.63 19.92 -18.39
C ILE C 185 -38.55 20.13 -17.22
N ALA C 186 -37.99 20.03 -16.02
CA ALA C 186 -38.70 20.34 -14.78
C ALA C 186 -38.10 21.64 -14.29
N SER C 187 -38.90 22.69 -14.13
CA SER C 187 -38.40 23.94 -13.62
C SER C 187 -38.85 24.20 -12.16
N ILE C 188 -37.91 24.73 -11.37
CA ILE C 188 -38.11 25.04 -9.98
C ILE C 188 -38.58 26.50 -9.89
N ASP C 189 -39.81 26.66 -9.43
CA ASP C 189 -40.41 27.98 -9.10
C ASP C 189 -40.81 28.77 -10.30
N ILE C 190 -39.85 29.03 -11.18
CA ILE C 190 -40.11 29.83 -12.35
C ILE C 190 -39.25 29.24 -13.49
N PRO C 191 -39.80 29.16 -14.71
CA PRO C 191 -38.97 28.67 -15.83
C PRO C 191 -37.91 29.71 -16.13
N SER C 192 -36.66 29.30 -16.02
CA SER C 192 -35.59 30.25 -16.11
C SER C 192 -35.65 30.95 -17.48
N GLY C 193 -35.53 32.27 -17.48
CA GLY C 193 -35.59 33.08 -18.67
C GLY C 193 -36.95 33.70 -18.88
N TRP C 194 -37.91 33.39 -18.02
CA TRP C 194 -39.25 33.94 -18.12
C TRP C 194 -39.25 35.11 -17.23
N ASP C 195 -39.94 36.15 -17.65
CA ASP C 195 -40.22 37.24 -16.74
C ASP C 195 -41.09 36.66 -15.63
N VAL C 196 -40.77 37.01 -14.39
CA VAL C 196 -41.40 36.40 -13.22
C VAL C 196 -42.93 36.60 -13.21
N GLU C 197 -43.40 37.69 -13.84
CA GLU C 197 -44.84 37.90 -14.05
C GLU C 197 -45.36 37.62 -15.47
N LYS C 198 -44.62 38.00 -16.51
CA LYS C 198 -45.18 38.09 -17.86
C LYS C 198 -44.88 36.85 -18.67
N GLY C 199 -44.06 35.96 -18.13
CA GLY C 199 -43.66 34.76 -18.87
C GLY C 199 -42.71 35.11 -19.97
N ASN C 200 -42.71 34.32 -21.04
CA ASN C 200 -41.79 34.53 -22.14
C ASN C 200 -42.11 33.57 -23.30
N PRO C 201 -42.84 34.08 -24.31
CA PRO C 201 -43.30 33.22 -25.41
C PRO C 201 -42.21 32.41 -26.07
N SER C 202 -41.00 32.95 -26.12
CA SER C 202 -39.94 32.29 -26.86
C SER C 202 -38.83 31.73 -25.96
N GLY C 203 -39.12 31.61 -24.65
CA GLY C 203 -38.18 31.02 -23.71
C GLY C 203 -38.36 29.51 -23.63
N ILE C 204 -37.78 28.87 -22.61
CA ILE C 204 -37.95 27.45 -22.44
C ILE C 204 -39.41 27.12 -22.07
N GLN C 205 -39.83 25.93 -22.45
CA GLN C 205 -41.21 25.46 -22.21
C GLN C 205 -41.17 24.16 -21.37
N PRO C 206 -41.23 24.30 -20.03
CA PRO C 206 -41.07 23.10 -19.24
C PRO C 206 -42.30 22.23 -19.18
N ASP C 207 -42.08 20.91 -19.05
CA ASP C 207 -43.12 19.91 -18.88
C ASP C 207 -43.61 19.91 -17.44
N LEU C 208 -42.74 20.21 -16.48
CA LEU C 208 -43.15 20.28 -15.09
C LEU C 208 -42.71 21.59 -14.49
N LEU C 209 -43.58 22.19 -13.71
CA LEU C 209 -43.22 23.36 -12.95
C LEU C 209 -43.54 23.07 -11.50
N ILE C 210 -42.58 23.33 -10.61
CA ILE C 210 -42.78 23.24 -9.17
C ILE C 210 -42.83 24.64 -8.62
N SER C 211 -44.01 25.12 -8.29
CA SER C 211 -44.17 26.47 -7.71
C SER C 211 -43.94 26.29 -6.20
N LEU C 212 -43.10 27.13 -5.60
CA LEU C 212 -42.73 27.03 -4.19
C LEU C 212 -43.50 28.10 -3.41
N THR C 213 -44.14 27.67 -2.33
CA THR C 213 -45.02 28.46 -1.45
C THR C 213 -46.35 28.85 -2.11
N ALA C 214 -46.29 29.66 -3.15
CA ALA C 214 -47.44 30.05 -3.96
C ALA C 214 -46.94 30.20 -5.37
N PRO C 215 -47.76 29.90 -6.38
CA PRO C 215 -47.31 30.21 -7.73
C PRO C 215 -47.22 31.72 -7.99
N LYS C 216 -46.34 32.08 -8.92
CA LYS C 216 -46.18 33.47 -9.38
C LYS C 216 -47.00 33.68 -10.66
N LYS C 217 -47.17 34.92 -11.06
CA LYS C 217 -48.05 35.29 -12.17
C LYS C 217 -47.66 34.64 -13.48
N SER C 218 -46.36 34.51 -13.71
CA SER C 218 -45.87 33.85 -14.86
C SER C 218 -46.40 32.43 -14.97
N ALA C 219 -46.82 31.82 -13.88
CA ALA C 219 -47.31 30.44 -13.99
C ALA C 219 -48.63 30.36 -14.76
N THR C 220 -49.39 31.47 -14.91
CA THR C 220 -50.58 31.42 -15.77
C THR C 220 -50.20 31.15 -17.23
N HIS C 221 -48.91 31.27 -17.59
CA HIS C 221 -48.44 31.08 -18.97
C HIS C 221 -47.81 29.71 -19.11
N PHE C 222 -47.86 28.92 -18.04
CA PHE C 222 -47.34 27.58 -18.08
C PHE C 222 -48.07 26.70 -19.12
N THR C 223 -47.31 25.92 -19.88
CA THR C 223 -47.89 25.12 -20.96
C THR C 223 -47.65 23.59 -20.78
N GLY C 224 -46.97 23.20 -19.71
CA GLY C 224 -46.55 21.81 -19.56
C GLY C 224 -47.69 20.97 -19.02
N ARG C 225 -47.42 19.69 -18.77
CA ARG C 225 -48.43 18.79 -18.23
C ARG C 225 -48.61 18.90 -16.73
N TYR C 226 -47.54 19.23 -16.01
CA TYR C 226 -47.53 19.06 -14.56
C TYR C 226 -47.19 20.33 -13.85
N HIS C 227 -48.12 20.83 -13.04
CA HIS C 227 -47.90 21.96 -12.19
C HIS C 227 -48.16 21.57 -10.72
N TYR C 228 -47.08 21.52 -9.94
CA TYR C 228 -47.15 21.14 -8.58
C TYR C 228 -46.84 22.32 -7.72
N LEU C 229 -47.49 22.37 -6.57
CA LEU C 229 -47.17 23.33 -5.51
C LEU C 229 -46.33 22.62 -4.43
N GLY C 230 -45.22 23.23 -4.03
CA GLY C 230 -44.35 22.71 -2.95
C GLY C 230 -44.01 23.80 -1.95
N GLY C 231 -43.18 23.44 -0.98
CA GLY C 231 -42.85 24.33 0.14
C GLY C 231 -44.06 24.43 1.08
N ARG C 232 -44.32 23.31 1.76
CA ARG C 232 -45.43 23.13 2.69
C ARG C 232 -44.93 23.54 4.06
N PHE C 233 -44.75 24.86 4.16
CA PHE C 233 -44.28 25.49 5.37
C PHE C 233 -44.93 26.85 5.57
N VAL C 234 -45.89 27.21 4.74
CA VAL C 234 -46.52 28.49 4.90
C VAL C 234 -47.48 28.46 6.13
N PRO C 235 -47.20 29.31 7.13
CA PRO C 235 -48.05 29.46 8.29
C PRO C 235 -49.45 29.98 7.92
N PRO C 236 -50.51 29.41 8.50
CA PRO C 236 -51.89 29.88 8.30
C PRO C 236 -52.05 31.40 8.39
N ALA C 237 -51.41 32.02 9.39
CA ALA C 237 -51.58 33.45 9.64
C ALA C 237 -50.99 34.25 8.47
N LEU C 238 -49.85 33.78 7.95
CA LEU C 238 -49.29 34.37 6.74
C LEU C 238 -50.16 34.10 5.51
N GLU C 239 -50.73 32.91 5.41
CA GLU C 239 -51.62 32.62 4.32
C GLU C 239 -52.89 33.51 4.38
N LYS C 240 -53.43 33.72 5.57
CA LYS C 240 -54.59 34.63 5.76
C LYS C 240 -54.16 36.03 5.36
N LYS C 241 -53.02 36.48 5.87
CA LYS C 241 -52.48 37.82 5.53
C LYS C 241 -52.40 38.10 4.02
N TYR C 242 -51.77 37.21 3.26
CA TYR C 242 -51.60 37.50 1.84
C TYR C 242 -52.69 36.86 0.95
N GLN C 243 -53.76 36.39 1.57
CA GLN C 243 -54.90 35.80 0.84
C GLN C 243 -54.46 34.72 -0.17
N LEU C 244 -53.46 33.94 0.21
CA LEU C 244 -52.93 32.92 -0.67
C LEU C 244 -53.96 31.88 -1.10
N ASN C 245 -55.01 31.63 -0.31
CA ASN C 245 -55.97 30.58 -0.67
C ASN C 245 -55.25 29.27 -1.09
N LEU C 246 -54.32 28.83 -0.25
CA LEU C 246 -53.56 27.66 -0.54
C LEU C 246 -54.46 26.42 -0.54
N PRO C 247 -54.27 25.53 -1.51
CA PRO C 247 -55.03 24.26 -1.49
C PRO C 247 -54.58 23.33 -0.33
N SER C 248 -55.42 22.34 -0.01
CA SER C 248 -55.14 21.33 0.98
C SER C 248 -54.20 20.27 0.44
N TYR C 249 -52.97 20.31 0.93
CA TYR C 249 -52.04 19.22 0.68
C TYR C 249 -52.64 17.94 1.23
N PRO C 250 -52.58 16.85 0.48
CA PRO C 250 -53.18 15.64 1.03
C PRO C 250 -52.26 15.03 2.12
N ASP C 251 -52.89 14.48 3.16
CA ASP C 251 -52.20 13.79 4.27
C ASP C 251 -50.84 14.43 4.69
N THR C 252 -49.73 13.71 4.54
CA THR C 252 -48.43 14.23 4.96
C THR C 252 -47.54 14.65 3.78
N GLU C 253 -48.15 14.85 2.60
CA GLU C 253 -47.41 15.14 1.37
C GLU C 253 -46.91 16.58 1.38
N CYS C 254 -45.71 16.78 0.83
CA CYS C 254 -45.14 18.11 0.73
C CYS C 254 -45.36 18.75 -0.65
N VAL C 255 -46.20 18.12 -1.49
CA VAL C 255 -46.58 18.67 -2.83
C VAL C 255 -48.05 18.47 -3.09
N TYR C 256 -48.61 19.31 -3.94
CA TYR C 256 -50.02 19.23 -4.35
C TYR C 256 -50.07 19.44 -5.85
N ARG C 257 -50.73 18.55 -6.58
CA ARG C 257 -50.91 18.75 -8.02
C ARG C 257 -52.05 19.75 -8.33
N LEU C 258 -51.68 20.92 -8.87
CA LEU C 258 -52.62 21.94 -9.33
C LEU C 258 -53.20 21.66 -10.73
N GLN C 259 -54.48 22.02 -10.92
CA GLN C 259 -55.21 21.89 -12.22
C GLN C 259 -55.26 20.44 -12.74
N ALA D 27 57.63 -34.31 6.14
CA ALA D 27 57.21 -32.88 6.22
C ALA D 27 56.34 -32.52 5.01
N VAL D 28 55.47 -31.54 5.15
CA VAL D 28 54.54 -31.22 4.03
C VAL D 28 55.28 -30.82 2.77
N LYS D 29 54.78 -31.21 1.60
CA LYS D 29 55.39 -30.80 0.35
C LYS D 29 54.93 -29.42 -0.09
N TYR D 30 55.88 -28.61 -0.52
CA TYR D 30 55.65 -27.33 -1.08
C TYR D 30 55.67 -27.47 -2.59
N LEU D 31 54.55 -27.19 -3.23
CA LEU D 31 54.35 -27.54 -4.62
C LEU D 31 54.91 -26.51 -5.58
N SER D 32 55.51 -27.00 -6.66
CA SER D 32 55.83 -26.14 -7.79
C SER D 32 54.52 -25.73 -8.46
N GLN D 33 54.54 -24.69 -9.29
CA GLN D 33 53.33 -24.30 -10.01
C GLN D 33 52.78 -25.42 -10.88
N GLU D 34 53.69 -26.16 -11.47
CA GLU D 34 53.30 -27.22 -12.38
C GLU D 34 52.63 -28.37 -11.60
N GLU D 35 53.11 -28.68 -10.39
CA GLU D 35 52.56 -29.76 -9.58
C GLU D 35 51.20 -29.37 -9.09
N ALA D 36 51.05 -28.12 -8.65
CA ALA D 36 49.73 -27.59 -8.27
C ALA D 36 48.71 -27.71 -9.40
N GLN D 37 49.14 -27.36 -10.61
CA GLN D 37 48.24 -27.41 -11.79
C GLN D 37 47.83 -28.86 -12.00
N ALA D 38 48.76 -29.78 -11.77
CA ALA D 38 48.52 -31.22 -12.05
C ALA D 38 47.51 -31.75 -11.01
N VAL D 39 47.68 -31.34 -9.75
CA VAL D 39 46.77 -31.73 -8.73
C VAL D 39 45.38 -31.18 -9.03
N ASP D 40 45.32 -29.90 -9.38
CA ASP D 40 44.05 -29.28 -9.72
C ASP D 40 43.38 -29.99 -10.89
N GLN D 41 44.15 -30.36 -11.93
CA GLN D 41 43.58 -31.07 -13.06
C GLN D 41 43.12 -32.52 -12.70
N GLU D 42 43.80 -33.22 -11.81
CA GLU D 42 43.25 -34.51 -11.34
C GLU D 42 41.92 -34.38 -10.61
N LEU D 43 41.80 -33.38 -9.73
CA LEU D 43 40.59 -33.20 -8.97
C LEU D 43 39.41 -32.99 -9.88
N PHE D 44 39.57 -32.20 -10.92
CA PHE D 44 38.47 -31.93 -11.83
C PHE D 44 38.26 -32.95 -12.88
N ASN D 45 39.32 -33.48 -13.46
CA ASN D 45 39.14 -34.36 -14.61
C ASN D 45 39.19 -35.86 -14.28
N GLU D 46 39.70 -36.28 -13.11
CA GLU D 46 39.71 -37.73 -12.76
C GLU D 46 38.71 -38.03 -11.69
N TYR D 47 38.75 -37.28 -10.61
CA TYR D 47 37.73 -37.41 -9.55
C TYR D 47 36.39 -36.76 -9.95
N GLN D 48 36.41 -35.83 -10.92
CA GLN D 48 35.16 -35.21 -11.43
C GLN D 48 34.48 -34.44 -10.35
N PHE D 49 35.24 -33.85 -9.46
CA PHE D 49 34.72 -32.77 -8.62
C PHE D 49 34.25 -31.60 -9.48
N SER D 50 33.30 -30.84 -8.98
CA SER D 50 32.86 -29.69 -9.72
C SER D 50 33.57 -28.44 -9.17
N VAL D 51 33.76 -27.45 -10.03
CA VAL D 51 34.44 -26.22 -9.67
C VAL D 51 33.63 -25.54 -8.54
N ASP D 52 32.32 -25.65 -8.60
CA ASP D 52 31.41 -25.08 -7.62
C ASP D 52 31.68 -25.64 -6.24
N GLN D 53 31.82 -26.93 -6.20
CA GLN D 53 32.05 -27.68 -4.99
C GLN D 53 33.33 -27.32 -4.29
N LEU D 54 34.44 -27.40 -5.00
CA LEU D 54 35.75 -27.20 -4.38
C LEU D 54 36.01 -25.72 -4.05
N GLU D 56 33.66 -23.84 -3.09
CA GLU D 56 32.87 -23.58 -1.87
C GLU D 56 33.64 -24.03 -0.64
N LEU D 57 34.23 -25.21 -0.70
CA LEU D 57 35.08 -25.69 0.41
C LEU D 57 36.31 -24.84 0.63
N ALA D 58 36.95 -24.42 -0.48
CA ALA D 58 38.16 -23.60 -0.40
C ALA D 58 37.81 -22.30 0.32
N GLY D 59 36.72 -21.68 -0.11
CA GLY D 59 36.32 -20.42 0.44
C GLY D 59 35.89 -20.50 1.88
N LEU D 60 35.29 -21.63 2.23
CA LEU D 60 34.91 -21.89 3.62
C LEU D 60 36.15 -22.06 4.51
N SER D 61 37.15 -22.84 4.04
CA SER D 61 38.45 -22.91 4.72
C SER D 61 39.07 -21.54 4.98
N CYS D 62 38.99 -20.66 3.99
CA CYS D 62 39.55 -19.30 4.15
C CYS D 62 38.87 -18.53 5.26
N ALA D 63 37.54 -18.51 5.23
CA ALA D 63 36.80 -17.81 6.27
C ALA D 63 37.06 -18.41 7.62
N THR D 64 37.22 -19.73 7.69
CA THR D 64 37.46 -20.43 8.93
C THR D 64 38.80 -20.03 9.48
N ALA D 65 39.83 -20.06 8.65
CA ALA D 65 41.18 -19.68 9.11
C ALA D 65 41.14 -18.23 9.65
N ILE D 66 40.50 -17.38 8.91
CA ILE D 66 40.40 -16.01 9.30
C ILE D 66 39.75 -15.89 10.68
N ALA D 67 38.64 -16.61 10.89
CA ALA D 67 37.88 -16.45 12.13
C ALA D 67 38.59 -17.14 13.28
N LYS D 68 39.52 -18.06 12.99
CA LYS D 68 40.32 -18.64 14.05
C LYS D 68 41.45 -17.73 14.45
N ALA D 69 42.18 -17.21 13.48
CA ALA D 69 43.25 -16.31 13.76
C ALA D 69 42.74 -14.99 14.31
N TYR D 70 41.60 -14.49 13.81
CA TYR D 70 41.09 -13.15 14.17
C TYR D 70 39.65 -13.20 14.66
N PRO D 71 39.41 -13.90 15.77
CA PRO D 71 38.05 -14.09 16.28
C PRO D 71 37.27 -12.78 16.47
N PRO D 72 35.99 -12.74 16.06
CA PRO D 72 35.18 -11.51 16.24
C PRO D 72 35.26 -10.85 17.60
N THR D 73 35.25 -11.63 18.67
CA THR D 73 35.35 -11.06 20.02
C THR D 73 36.70 -10.38 20.27
N SER D 74 37.78 -10.87 19.67
CA SER D 74 39.12 -10.23 19.82
C SER D 74 39.28 -8.87 19.11
N SER D 76 38.19 -4.95 17.94
CA SER D 76 37.68 -3.80 18.67
C SER D 76 36.26 -3.39 18.22
N LYS D 77 35.88 -3.69 16.97
CA LYS D 77 34.55 -3.30 16.46
C LYS D 77 33.57 -4.48 16.38
N SER D 78 32.29 -4.16 16.43
CA SER D 78 31.25 -5.17 16.63
C SER D 78 29.99 -4.92 15.77
N PRO D 79 29.82 -5.68 14.67
CA PRO D 79 30.68 -6.75 14.17
C PRO D 79 31.94 -6.21 13.49
N PRO D 80 33.05 -6.96 13.50
CA PRO D 80 34.23 -6.37 12.89
C PRO D 80 34.14 -6.32 11.35
N THR D 81 34.84 -5.38 10.73
CA THR D 81 34.69 -5.02 9.35
C THR D 81 35.85 -5.66 8.60
N VAL D 82 35.62 -6.11 7.38
CA VAL D 82 36.65 -6.77 6.62
C VAL D 82 36.44 -6.38 5.21
N LEU D 83 37.53 -6.12 4.47
CA LEU D 83 37.48 -5.78 3.08
C LEU D 83 38.03 -6.96 2.33
N VAL D 84 37.23 -7.54 1.42
CA VAL D 84 37.67 -8.62 0.57
C VAL D 84 37.90 -8.10 -0.85
N ILE D 85 39.14 -8.20 -1.29
CA ILE D 85 39.54 -7.76 -2.64
C ILE D 85 39.68 -8.96 -3.52
N CYS D 86 38.79 -8.99 -4.52
CA CYS D 86 38.66 -10.16 -5.38
C CYS D 86 39.23 -9.84 -6.76
N GLY D 87 40.12 -10.75 -7.21
CA GLY D 87 40.78 -10.65 -8.51
C GLY D 87 39.92 -11.21 -9.65
N PRO D 88 40.54 -11.37 -10.82
CA PRO D 88 39.77 -11.58 -12.01
C PRO D 88 39.62 -13.03 -12.38
N GLY D 89 40.17 -13.95 -11.61
CA GLY D 89 39.91 -15.38 -11.85
C GLY D 89 39.42 -16.17 -10.65
N ASN D 90 39.94 -17.39 -10.50
CA ASN D 90 39.46 -18.29 -9.48
C ASN D 90 39.75 -17.82 -8.04
N ASN D 91 40.91 -17.18 -7.81
CA ASN D 91 41.24 -16.70 -6.46
C ASN D 91 40.15 -15.70 -6.02
N GLY D 92 39.71 -14.88 -6.96
CA GLY D 92 38.62 -13.95 -6.69
C GLY D 92 37.32 -14.64 -6.34
N GLY D 93 37.08 -15.74 -7.04
CA GLY D 93 35.98 -16.68 -6.73
C GLY D 93 36.02 -17.13 -5.27
N ASP D 94 37.19 -17.54 -4.81
CA ASP D 94 37.32 -17.95 -3.41
C ASP D 94 36.99 -16.82 -2.48
N GLY D 95 37.43 -15.63 -2.83
CA GLY D 95 37.15 -14.46 -2.02
C GLY D 95 35.68 -14.17 -1.81
N LEU D 96 34.90 -14.28 -2.87
CA LEU D 96 33.46 -14.14 -2.80
C LEU D 96 32.81 -15.16 -1.88
N VAL D 97 33.27 -16.41 -1.98
CA VAL D 97 32.78 -17.45 -1.08
C VAL D 97 33.22 -17.10 0.32
N CYS D 98 34.51 -16.79 0.44
CA CYS D 98 35.02 -16.39 1.74
C CYS D 98 34.22 -15.25 2.37
N ALA D 99 33.86 -14.23 1.62
CA ALA D 99 33.13 -13.08 2.18
C ALA D 99 31.78 -13.51 2.74
N ARG D 100 31.08 -14.33 1.98
CA ARG D 100 29.78 -14.82 2.39
C ARG D 100 29.88 -15.60 3.72
N HIS D 101 30.86 -16.47 3.86
CA HIS D 101 30.98 -17.21 5.15
C HIS D 101 31.42 -16.30 6.30
N LEU D 102 32.25 -15.32 6.01
CA LEU D 102 32.62 -14.32 7.03
C LEU D 102 31.40 -13.61 7.57
N LYS D 103 30.46 -13.23 6.70
CA LYS D 103 29.15 -12.66 7.17
C LYS D 103 28.38 -13.61 8.12
N LEU D 104 28.26 -14.86 7.70
CA LEU D 104 27.70 -15.88 8.57
C LEU D 104 28.48 -16.06 9.86
N PHE D 105 29.80 -15.94 9.84
CA PHE D 105 30.57 -16.13 11.07
C PHE D 105 30.58 -14.88 11.94
N GLY D 106 29.87 -13.82 11.56
CA GLY D 106 29.77 -12.66 12.44
C GLY D 106 30.67 -11.45 12.13
N TYR D 107 31.27 -11.41 10.93
CA TYR D 107 31.96 -10.23 10.43
C TYR D 107 31.01 -9.41 9.54
N GLN D 108 31.35 -8.16 9.28
CA GLN D 108 30.68 -7.36 8.22
C GLN D 108 31.69 -7.16 7.07
N PRO D 109 31.66 -8.05 6.07
CA PRO D 109 32.51 -7.88 4.92
C PRO D 109 31.99 -6.84 3.92
N THR D 110 32.95 -6.23 3.25
CA THR D 110 32.72 -5.42 2.12
C THR D 110 33.58 -6.03 1.07
N ILE D 111 33.08 -6.03 -0.15
CA ILE D 111 33.79 -6.54 -1.31
C ILE D 111 34.20 -5.48 -2.33
N TYR D 112 35.43 -5.61 -2.83
CA TYR D 112 35.87 -4.85 -3.98
C TYR D 112 36.31 -5.81 -5.10
N TYR D 113 35.61 -5.74 -6.23
CA TYR D 113 35.68 -6.77 -7.28
C TYR D 113 35.64 -6.04 -8.63
N PRO D 114 36.76 -5.46 -9.00
CA PRO D 114 36.69 -4.51 -10.14
C PRO D 114 36.79 -5.20 -11.52
N LYS D 115 37.30 -6.41 -11.60
CA LYS D 115 37.42 -7.03 -12.91
C LYS D 115 36.78 -8.39 -12.84
N ARG D 116 35.60 -8.51 -13.43
CA ARG D 116 34.75 -9.68 -13.19
C ARG D 116 34.68 -10.53 -14.44
N PRO D 117 35.08 -11.79 -14.37
CA PRO D 117 34.76 -12.63 -15.54
C PRO D 117 33.23 -12.80 -15.79
N ASN D 118 32.81 -12.73 -17.06
CA ASN D 118 31.43 -13.00 -17.41
C ASN D 118 31.20 -14.49 -17.60
N LYS D 119 31.22 -15.19 -16.49
CA LYS D 119 30.85 -16.58 -16.43
C LYS D 119 29.74 -16.72 -15.37
N PRO D 120 28.79 -17.64 -15.60
CA PRO D 120 27.72 -17.92 -14.61
C PRO D 120 28.22 -18.25 -13.19
N LEU D 121 29.34 -18.99 -13.06
CA LEU D 121 29.95 -19.27 -11.76
C LEU D 121 30.12 -17.99 -10.94
N PHE D 122 30.79 -17.01 -11.54
CA PHE D 122 31.06 -15.76 -10.84
C PHE D 122 29.85 -14.86 -10.72
N THR D 123 28.99 -14.85 -11.72
CA THR D 123 27.71 -14.10 -11.61
C THR D 123 26.84 -14.62 -10.44
N GLY D 124 26.79 -15.93 -10.29
CA GLY D 124 26.09 -16.54 -9.15
C GLY D 124 26.62 -16.10 -7.78
N LEU D 125 27.91 -16.28 -7.63
CA LEU D 125 28.58 -15.95 -6.38
C LEU D 125 28.34 -14.46 -6.01
N VAL D 126 28.30 -13.60 -7.04
CA VAL D 126 28.08 -12.17 -6.86
C VAL D 126 26.66 -12.00 -6.41
N THR D 127 25.71 -12.67 -7.07
CA THR D 127 24.30 -12.49 -6.68
C THR D 127 24.06 -12.93 -5.23
N GLN D 128 24.70 -14.03 -4.84
CA GLN D 128 24.62 -14.55 -3.49
C GLN D 128 25.02 -13.48 -2.49
N CYS D 129 26.18 -12.87 -2.70
CA CYS D 129 26.64 -11.77 -1.86
C CYS D 129 25.76 -10.56 -1.95
N GLN D 130 25.33 -10.13 -3.15
CA GLN D 130 24.50 -8.89 -3.28
C GLN D 130 23.18 -9.02 -2.61
N LYS D 131 22.55 -10.18 -2.76
CA LYS D 131 21.25 -10.45 -2.14
C LYS D 131 21.35 -10.56 -0.62
N ASP D 133 23.22 -8.33 0.77
CA ASP D 133 23.51 -6.91 1.10
C ASP D 133 24.96 -6.73 1.57
N ILE D 134 25.88 -7.58 1.07
CA ILE D 134 27.28 -7.35 1.31
C ILE D 134 27.64 -6.20 0.38
N PRO D 135 28.19 -5.10 0.93
CA PRO D 135 28.55 -4.00 0.07
C PRO D 135 29.63 -4.35 -0.96
N PHE D 136 29.43 -3.87 -2.20
CA PHE D 136 30.44 -3.86 -3.26
C PHE D 136 30.91 -2.42 -3.49
N LEU D 137 32.20 -2.19 -3.31
CA LEU D 137 32.74 -0.85 -3.52
C LEU D 137 32.93 -0.61 -5.02
N GLY D 138 32.74 0.66 -5.39
CA GLY D 138 33.01 1.21 -6.72
C GLY D 138 34.50 1.44 -6.94
N GLU D 139 35.20 1.82 -5.88
CA GLU D 139 36.63 2.10 -5.96
C GLU D 139 37.31 1.74 -4.66
N PRO D 141 39.55 2.86 -1.70
CA PRO D 141 40.14 4.04 -1.08
C PRO D 141 41.66 4.15 -1.37
N PRO D 142 42.10 5.32 -1.81
CA PRO D 142 43.43 5.45 -2.37
C PRO D 142 44.56 5.50 -1.33
N GLU D 143 44.22 5.72 -0.07
CA GLU D 143 45.23 5.83 1.00
C GLU D 143 45.12 4.73 2.05
N PRO D 144 46.25 4.11 2.40
CA PRO D 144 46.21 3.01 3.36
C PRO D 144 45.66 3.38 4.72
N VAL D 147 41.93 2.94 4.54
CA VAL D 147 41.65 1.47 4.61
C VAL D 147 41.78 0.97 6.08
N ASP D 148 42.90 1.30 6.74
CA ASP D 148 43.12 0.96 8.16
C ASP D 148 41.95 1.43 9.05
N GLU D 149 41.40 2.58 8.80
CA GLU D 149 40.34 3.11 9.67
C GLU D 149 39.01 2.51 9.42
N LEU D 150 38.74 2.09 8.20
CA LEU D 150 37.44 1.54 7.89
C LEU D 150 37.35 0.03 8.06
N TYR D 151 38.45 -0.70 7.97
CA TYR D 151 38.39 -2.16 7.94
C TYR D 151 39.42 -2.71 8.90
N GLU D 152 39.09 -3.75 9.64
CA GLU D 152 40.03 -4.26 10.61
C GLU D 152 40.90 -5.35 10.04
N LEU D 153 40.55 -5.84 8.87
CA LEU D 153 41.29 -6.86 8.19
CA LEU D 153 41.31 -6.83 8.17
C LEU D 153 41.04 -6.66 6.69
N VAL D 154 42.03 -7.02 5.88
CA VAL D 154 41.90 -7.02 4.47
C VAL D 154 42.21 -8.42 4.00
N VAL D 155 41.30 -8.97 3.20
CA VAL D 155 41.53 -10.29 2.56
C VAL D 155 42.03 -10.10 1.13
N ASP D 156 43.20 -10.63 0.84
CA ASP D 156 43.82 -10.60 -0.47
C ASP D 156 43.36 -11.85 -1.23
N ALA D 157 42.37 -11.65 -2.09
CA ALA D 157 41.87 -12.68 -2.99
C ALA D 157 42.14 -12.27 -4.46
N ILE D 158 43.29 -11.66 -4.72
CA ILE D 158 43.59 -11.11 -6.02
C ILE D 158 44.13 -12.17 -7.01
N PHE D 159 45.32 -12.70 -6.78
CA PHE D 159 45.94 -13.64 -7.72
C PHE D 159 46.22 -14.91 -6.98
N GLY D 160 46.08 -16.03 -7.67
CA GLY D 160 46.29 -17.34 -7.08
C GLY D 160 47.45 -18.08 -7.71
N PHE D 161 47.48 -19.40 -7.52
CA PHE D 161 48.62 -20.26 -7.90
C PHE D 161 48.94 -20.33 -9.39
N SER D 162 48.01 -19.91 -10.26
CA SER D 162 48.25 -19.95 -11.72
C SER D 162 48.76 -18.64 -12.30
N PHE D 163 48.89 -17.63 -11.45
CA PHE D 163 49.43 -16.35 -11.84
C PHE D 163 50.84 -16.49 -12.41
N LYS D 164 51.09 -15.79 -13.51
CA LYS D 164 52.39 -15.90 -14.23
C LYS D 164 53.20 -14.58 -14.32
N GLY D 165 53.07 -13.70 -13.34
CA GLY D 165 54.03 -12.58 -13.19
C GLY D 165 53.56 -11.22 -13.68
N ASP D 166 52.40 -11.18 -14.35
CA ASP D 166 51.97 -9.99 -15.13
C ASP D 166 50.91 -9.10 -14.40
N VAL D 167 51.33 -8.12 -13.61
CA VAL D 167 50.37 -7.41 -12.77
C VAL D 167 49.80 -6.18 -13.46
N ARG D 168 48.61 -6.30 -14.05
CA ARG D 168 48.01 -5.16 -14.71
C ARG D 168 47.25 -4.26 -13.73
N GLU D 169 47.03 -3.02 -14.13
CA GLU D 169 46.11 -2.13 -13.45
C GLU D 169 44.69 -2.67 -13.56
N PRO D 170 43.83 -2.40 -12.58
CA PRO D 170 44.04 -1.69 -11.35
C PRO D 170 44.88 -2.43 -10.28
N PHE D 171 45.36 -3.64 -10.55
CA PHE D 171 45.91 -4.44 -9.46
C PHE D 171 47.21 -3.94 -8.93
N HIS D 172 48.01 -3.29 -9.77
CA HIS D 172 49.23 -2.70 -9.25
C HIS D 172 48.93 -1.64 -8.18
N SER D 173 48.04 -0.71 -8.46
CA SER D 173 47.81 0.39 -7.52
C SER D 173 47.09 -0.10 -6.24
N ILE D 174 46.32 -1.16 -6.38
CA ILE D 174 45.76 -1.85 -5.24
C ILE D 174 46.87 -2.45 -4.34
N LEU D 175 47.80 -3.17 -4.92
CA LEU D 175 48.91 -3.76 -4.12
C LEU D 175 49.81 -2.72 -3.48
N SER D 176 49.97 -1.58 -4.13
CA SER D 176 50.66 -0.44 -3.54
C SER D 176 49.95 0.06 -2.29
N VAL D 177 48.61 0.25 -2.33
CA VAL D 177 47.85 0.58 -1.11
C VAL D 177 48.04 -0.50 -0.07
N LEU D 178 47.89 -1.75 -0.48
CA LEU D 178 48.03 -2.85 0.48
C LEU D 178 49.38 -2.88 1.22
N SER D 179 50.46 -2.57 0.52
CA SER D 179 51.75 -2.69 1.15
C SER D 179 51.96 -1.63 2.22
N GLY D 180 51.07 -0.63 2.28
CA GLY D 180 51.22 0.44 3.26
C GLY D 180 50.26 0.31 4.41
N LEU D 181 49.48 -0.75 4.47
CA LEU D 181 48.48 -0.87 5.56
C LEU D 181 49.09 -1.18 6.92
N THR D 182 48.35 -0.82 7.95
CA THR D 182 48.73 -1.20 9.30
C THR D 182 47.98 -2.43 9.77
N VAL D 183 46.70 -2.53 9.41
CA VAL D 183 45.90 -3.70 9.70
C VAL D 183 46.36 -4.89 8.92
N PRO D 184 46.12 -6.08 9.46
CA PRO D 184 46.57 -7.32 8.81
C PRO D 184 45.90 -7.62 7.47
N ILE D 185 46.67 -8.29 6.62
CA ILE D 185 46.20 -8.83 5.40
C ILE D 185 46.18 -10.34 5.55
N ALA D 186 45.14 -10.99 5.07
CA ALA D 186 45.03 -12.45 4.97
C ALA D 186 45.02 -12.79 3.48
N SER D 187 46.01 -13.52 3.01
CA SER D 187 46.11 -13.90 1.60
C SER D 187 45.62 -15.34 1.32
N ILE D 188 44.86 -15.48 0.23
CA ILE D 188 44.31 -16.73 -0.15
C ILE D 188 45.25 -17.38 -1.15
N ASP D 189 45.83 -18.48 -0.71
CA ASP D 189 46.65 -19.39 -1.47
C ASP D 189 48.07 -18.89 -1.72
N ILE D 190 48.19 -17.66 -2.23
CA ILE D 190 49.46 -17.04 -2.55
C ILE D 190 49.36 -15.57 -2.18
N PRO D 191 50.44 -14.96 -1.63
CA PRO D 191 50.31 -13.48 -1.47
C PRO D 191 50.41 -12.84 -2.83
N SER D 192 49.36 -12.16 -3.24
CA SER D 192 49.30 -11.62 -4.57
C SER D 192 50.47 -10.70 -4.89
N GLY D 193 50.99 -10.87 -6.11
CA GLY D 193 52.17 -10.12 -6.50
C GLY D 193 53.44 -10.92 -6.28
N TRP D 194 53.37 -11.98 -5.50
CA TRP D 194 54.51 -12.84 -5.30
C TRP D 194 54.56 -13.82 -6.48
N ASP D 195 55.77 -14.13 -6.88
CA ASP D 195 55.98 -15.21 -7.80
C ASP D 195 55.54 -16.50 -7.08
N VAL D 196 54.77 -17.34 -7.74
CA VAL D 196 54.19 -18.52 -7.08
C VAL D 196 55.28 -19.47 -6.46
N GLU D 197 56.48 -19.48 -7.03
CA GLU D 197 57.55 -20.30 -6.48
C GLU D 197 58.59 -19.52 -5.67
N LYS D 198 58.86 -18.27 -6.04
CA LYS D 198 60.02 -17.54 -5.51
C LYS D 198 59.69 -16.56 -4.39
N GLY D 199 58.44 -16.09 -4.34
CA GLY D 199 58.06 -15.09 -3.40
C GLY D 199 58.34 -13.70 -3.97
N ASN D 200 58.55 -12.75 -3.07
CA ASN D 200 58.78 -11.36 -3.43
C ASN D 200 59.05 -10.54 -2.14
N PRO D 201 60.33 -10.31 -1.82
CA PRO D 201 60.77 -9.61 -0.63
C PRO D 201 60.28 -8.20 -0.56
N SER D 202 60.04 -7.57 -1.70
CA SER D 202 59.49 -6.24 -1.67
C SER D 202 57.98 -6.22 -1.91
N GLY D 203 57.34 -7.39 -2.01
CA GLY D 203 55.87 -7.42 -2.22
C GLY D 203 55.10 -7.23 -0.91
N ILE D 204 53.77 -7.32 -0.96
CA ILE D 204 52.96 -7.39 0.27
C ILE D 204 53.43 -8.53 1.22
N GLN D 205 53.20 -8.28 2.52
CA GLN D 205 53.63 -9.14 3.63
C GLN D 205 52.42 -9.48 4.54
N PRO D 206 51.64 -10.51 4.15
CA PRO D 206 50.43 -10.82 4.88
C PRO D 206 50.72 -11.40 6.24
N ASP D 207 49.85 -11.15 7.18
CA ASP D 207 49.94 -11.72 8.52
C ASP D 207 49.40 -13.15 8.54
N LEU D 208 48.45 -13.44 7.63
CA LEU D 208 47.87 -14.79 7.48
C LEU D 208 47.92 -15.26 6.03
N LEU D 209 48.29 -16.53 5.83
CA LEU D 209 48.23 -17.10 4.51
C LEU D 209 47.46 -18.39 4.61
N ILE D 210 46.47 -18.61 3.75
CA ILE D 210 45.74 -19.87 3.75
C ILE D 210 46.22 -20.58 2.51
N SER D 211 47.05 -21.59 2.67
CA SER D 211 47.40 -22.44 1.54
C SER D 211 46.29 -23.43 1.24
N LEU D 212 45.80 -23.47 -0.02
CA LEU D 212 44.71 -24.36 -0.44
C LEU D 212 45.24 -25.66 -1.00
N THR D 213 44.79 -26.76 -0.40
CA THR D 213 45.11 -28.13 -0.78
C THR D 213 46.50 -28.53 -0.33
N ALA D 214 47.50 -27.74 -0.71
CA ALA D 214 48.86 -27.96 -0.26
C ALA D 214 49.55 -26.63 -0.47
N PRO D 215 50.56 -26.31 0.34
CA PRO D 215 51.26 -25.06 0.14
C PRO D 215 52.10 -25.05 -1.15
N LYS D 216 52.28 -23.85 -1.70
CA LYS D 216 53.16 -23.70 -2.84
C LYS D 216 54.56 -23.25 -2.38
N LYS D 217 55.54 -23.37 -3.27
CA LYS D 217 56.93 -23.02 -2.91
C LYS D 217 57.09 -21.56 -2.43
N SER D 218 56.30 -20.62 -2.95
CA SER D 218 56.38 -19.29 -2.38
C SER D 218 56.11 -19.27 -0.84
N ALA D 219 55.35 -20.24 -0.35
CA ALA D 219 55.00 -20.25 1.08
C ALA D 219 56.24 -20.46 1.94
N THR D 220 57.35 -21.01 1.38
CA THR D 220 58.59 -21.09 2.17
C THR D 220 59.19 -19.70 2.50
N HIS D 221 58.79 -18.66 1.76
CA HIS D 221 59.20 -17.28 2.08
C HIS D 221 58.19 -16.56 2.95
N PHE D 222 57.12 -17.23 3.36
CA PHE D 222 56.13 -16.54 4.18
C PHE D 222 56.70 -16.15 5.52
N THR D 223 56.56 -14.91 5.91
CA THR D 223 57.02 -14.50 7.22
C THR D 223 55.94 -13.82 8.06
N GLY D 224 54.66 -14.10 7.86
CA GLY D 224 53.61 -13.63 8.80
C GLY D 224 53.44 -14.60 9.98
N ARG D 225 52.43 -14.38 10.81
CA ARG D 225 52.28 -15.18 12.03
C ARG D 225 51.52 -16.48 11.84
N TYR D 226 50.57 -16.51 10.89
CA TYR D 226 49.57 -17.57 10.76
C TYR D 226 49.67 -18.14 9.36
N HIS D 227 50.05 -19.40 9.27
CA HIS D 227 49.99 -20.13 8.05
C HIS D 227 49.05 -21.33 8.26
N TYR D 228 47.92 -21.32 7.56
CA TYR D 228 46.96 -22.37 7.62
C TYR D 228 46.94 -23.08 6.29
N LEU D 229 46.77 -24.37 6.39
CA LEU D 229 46.43 -25.20 5.27
C LEU D 229 44.92 -25.33 5.26
N GLY D 230 44.30 -25.12 4.12
CA GLY D 230 42.88 -25.42 3.96
C GLY D 230 42.55 -26.18 2.72
N GLY D 231 41.26 -26.34 2.50
CA GLY D 231 40.73 -27.17 1.45
C GLY D 231 40.95 -28.66 1.73
N ARG D 232 40.18 -29.15 2.69
CA ARG D 232 40.17 -30.54 3.13
C ARG D 232 39.26 -31.40 2.23
N PHE D 233 39.79 -31.66 1.05
CA PHE D 233 39.09 -32.41 0.05
C PHE D 233 39.97 -33.25 -0.82
N VAL D 234 41.27 -33.28 -0.54
CA VAL D 234 42.21 -34.05 -1.37
C VAL D 234 42.06 -35.53 -1.07
N PRO D 235 41.69 -36.33 -2.07
CA PRO D 235 41.54 -37.77 -1.79
C PRO D 235 42.86 -38.37 -1.38
N PRO D 236 42.84 -39.36 -0.48
CA PRO D 236 44.10 -39.87 0.10
C PRO D 236 45.03 -40.46 -0.91
N ALA D 237 44.50 -41.07 -1.96
CA ALA D 237 45.35 -41.65 -3.02
C ALA D 237 45.96 -40.51 -3.82
N LEU D 238 45.29 -39.36 -3.96
CA LEU D 238 45.90 -38.26 -4.69
C LEU D 238 47.05 -37.67 -3.90
N GLU D 239 46.81 -37.51 -2.62
CA GLU D 239 47.83 -37.08 -1.69
C GLU D 239 49.08 -38.00 -1.75
N LYS D 240 48.89 -39.30 -1.76
CA LYS D 240 50.06 -40.20 -1.86
C LYS D 240 50.72 -40.12 -3.26
N LYS D 241 49.91 -40.07 -4.30
CA LYS D 241 50.46 -39.98 -5.68
C LYS D 241 51.40 -38.78 -5.84
N TYR D 242 51.03 -37.61 -5.31
CA TYR D 242 51.91 -36.43 -5.41
C TYR D 242 52.81 -36.27 -4.20
N GLN D 243 52.90 -37.29 -3.35
CA GLN D 243 53.71 -37.24 -2.13
C GLN D 243 53.50 -35.93 -1.36
N LEU D 244 52.25 -35.54 -1.17
CA LEU D 244 51.98 -34.28 -0.50
C LEU D 244 52.35 -34.29 0.99
N ASN D 245 52.39 -35.48 1.61
CA ASN D 245 52.65 -35.58 3.06
C ASN D 245 51.81 -34.59 3.89
N LEU D 246 50.55 -34.47 3.59
CA LEU D 246 49.76 -33.48 4.32
C LEU D 246 49.71 -33.81 5.79
N PRO D 247 49.75 -32.82 6.67
CA PRO D 247 49.41 -33.15 8.04
C PRO D 247 47.94 -33.59 8.20
N SER D 248 47.63 -34.25 9.31
CA SER D 248 46.28 -34.67 9.67
C SER D 248 45.45 -33.49 10.19
N TYR D 249 44.36 -33.15 9.53
CA TYR D 249 43.50 -32.13 10.05
C TYR D 249 42.92 -32.66 11.38
N PRO D 250 42.87 -31.85 12.42
CA PRO D 250 42.28 -32.33 13.66
C PRO D 250 40.78 -32.54 13.55
N ASP D 251 40.27 -33.65 14.07
CA ASP D 251 38.83 -33.86 14.18
C ASP D 251 38.07 -33.58 12.89
N THR D 252 37.06 -32.73 12.95
CA THR D 252 36.30 -32.35 11.77
C THR D 252 36.74 -31.03 11.13
N GLU D 253 37.84 -30.46 11.56
CA GLU D 253 38.23 -29.11 11.14
C GLU D 253 38.57 -29.08 9.62
N CYS D 254 38.28 -27.98 8.95
CA CYS D 254 38.66 -27.81 7.55
C CYS D 254 39.92 -26.95 7.35
N VAL D 255 40.66 -26.67 8.44
CA VAL D 255 41.94 -25.97 8.38
C VAL D 255 42.90 -26.58 9.40
N TYR D 256 44.20 -26.49 9.12
CA TYR D 256 45.26 -26.89 10.02
C TYR D 256 46.31 -25.76 10.05
N ARG D 257 46.69 -25.37 11.25
CA ARG D 257 47.74 -24.39 11.49
C ARG D 257 49.11 -25.01 11.30
N LEU D 258 49.83 -24.63 10.25
CA LEU D 258 51.18 -25.15 10.03
C LEU D 258 52.12 -24.43 10.99
N GLN D 259 52.79 -25.25 11.79
CA GLN D 259 53.49 -24.88 13.05
C GLN D 259 52.56 -24.56 14.25
N ALA E 27 17.64 -4.76 -28.55
CA ALA E 27 17.12 -3.78 -27.59
C ALA E 27 16.26 -4.51 -26.55
N VAL E 28 15.25 -3.79 -26.08
CA VAL E 28 14.46 -4.17 -24.91
C VAL E 28 13.70 -5.45 -25.19
N LYS E 29 13.53 -6.26 -24.15
CA LYS E 29 12.87 -7.54 -24.29
C LYS E 29 11.37 -7.33 -24.19
N TYR E 30 10.63 -8.12 -24.96
CA TYR E 30 9.19 -8.06 -24.96
C TYR E 30 8.80 -9.31 -24.21
N LEU E 31 8.06 -9.12 -23.12
CA LEU E 31 7.81 -10.21 -22.20
C LEU E 31 6.63 -11.07 -22.61
N SER E 32 6.77 -12.39 -22.41
CA SER E 32 5.60 -13.26 -22.40
C SER E 32 4.75 -12.95 -21.16
N GLN E 33 3.49 -13.35 -21.17
CA GLN E 33 2.63 -13.17 -20.01
C GLN E 33 3.24 -13.76 -18.74
N GLU E 34 3.80 -14.96 -18.89
CA GLU E 34 4.42 -15.71 -17.83
C GLU E 34 5.65 -14.99 -17.28
N GLU E 35 6.50 -14.47 -18.17
CA GLU E 35 7.66 -13.69 -17.71
C GLU E 35 7.19 -12.45 -16.96
N ALA E 36 6.11 -11.82 -17.42
CA ALA E 36 5.61 -10.57 -16.78
C ALA E 36 5.12 -10.88 -15.39
N GLN E 37 4.40 -11.99 -15.27
CA GLN E 37 3.87 -12.45 -13.97
C GLN E 37 4.99 -12.80 -13.00
N ALA E 38 6.06 -13.41 -13.51
CA ALA E 38 7.23 -13.76 -12.68
C ALA E 38 7.92 -12.45 -12.20
N VAL E 39 8.07 -11.49 -13.10
CA VAL E 39 8.65 -10.22 -12.72
C VAL E 39 7.82 -9.55 -11.64
N ASP E 40 6.51 -9.52 -11.81
CA ASP E 40 5.61 -8.87 -10.85
C ASP E 40 5.73 -9.52 -9.46
N GLN E 41 5.86 -10.84 -9.45
CA GLN E 41 6.00 -11.61 -8.23
C GLN E 41 7.29 -11.37 -7.49
N GLU E 42 8.41 -11.29 -8.19
CA GLU E 42 9.63 -10.90 -7.53
C GLU E 42 9.56 -9.49 -6.92
N LEU E 43 8.92 -8.54 -7.60
CA LEU E 43 8.84 -7.20 -7.06
C LEU E 43 8.11 -7.20 -5.73
N PHE E 44 7.02 -7.98 -5.62
CA PHE E 44 6.24 -8.01 -4.37
C PHE E 44 6.77 -8.97 -3.35
N ASN E 45 7.28 -10.13 -3.76
CA ASN E 45 7.65 -11.19 -2.83
C ASN E 45 9.10 -11.20 -2.44
N GLU E 46 10.00 -10.83 -3.33
CA GLU E 46 11.43 -10.75 -3.01
C GLU E 46 11.87 -9.38 -2.63
N TYR E 47 11.51 -8.39 -3.42
CA TYR E 47 11.85 -7.02 -3.05
C TYR E 47 10.95 -6.45 -2.00
N GLN E 48 9.73 -6.98 -1.84
CA GLN E 48 8.78 -6.47 -0.81
C GLN E 48 8.34 -5.03 -1.04
N PHE E 49 8.23 -4.66 -2.31
CA PHE E 49 7.44 -3.47 -2.68
C PHE E 49 6.02 -3.67 -2.29
N SER E 50 5.33 -2.63 -1.90
CA SER E 50 3.90 -2.73 -1.67
C SER E 50 3.08 -2.40 -2.92
N VAL E 51 1.89 -2.98 -3.02
CA VAL E 51 1.00 -2.70 -4.14
C VAL E 51 0.78 -1.15 -4.26
N ASP E 52 0.57 -0.49 -3.14
CA ASP E 52 0.36 0.97 -3.13
C ASP E 52 1.46 1.71 -3.84
N GLN E 53 2.68 1.42 -3.44
CA GLN E 53 3.88 2.06 -3.97
C GLN E 53 4.02 1.92 -5.48
N LEU E 54 4.00 0.69 -5.97
CA LEU E 54 4.22 0.46 -7.38
C LEU E 54 3.04 0.97 -8.21
N GLU E 56 1.19 3.50 -7.45
CA GLU E 56 1.40 4.98 -7.51
C GLU E 56 2.41 5.39 -8.58
N LEU E 57 3.56 4.72 -8.62
CA LEU E 57 4.58 5.03 -9.60
C LEU E 57 4.11 4.70 -11.02
N ALA E 58 3.36 3.62 -11.16
CA ALA E 58 2.93 3.14 -12.47
C ALA E 58 1.95 4.15 -13.01
N GLY E 59 1.00 4.54 -12.18
CA GLY E 59 -0.01 5.49 -12.66
C GLY E 59 0.55 6.87 -12.93
N LEU E 60 1.55 7.27 -12.16
CA LEU E 60 2.23 8.56 -12.41
C LEU E 60 2.98 8.53 -13.77
N SER E 61 3.61 7.40 -14.09
CA SER E 61 4.25 7.23 -15.39
C SER E 61 3.24 7.34 -16.49
N CYS E 62 2.05 6.78 -16.31
CA CYS E 62 0.99 6.89 -17.31
C CYS E 62 0.59 8.31 -17.53
N ALA E 63 0.40 9.06 -16.46
CA ALA E 63 -0.04 10.47 -16.59
C ALA E 63 1.04 11.27 -17.27
N THR E 64 2.28 10.96 -16.91
CA THR E 64 3.43 11.64 -17.46
C THR E 64 3.54 11.41 -18.94
N ALA E 65 3.44 10.13 -19.36
CA ALA E 65 3.53 9.81 -20.80
C ALA E 65 2.43 10.55 -21.59
N ILE E 66 1.21 10.54 -21.05
CA ILE E 66 0.09 11.23 -21.70
C ILE E 66 0.36 12.72 -21.81
N ALA E 67 0.85 13.32 -20.74
CA ALA E 67 1.03 14.75 -20.78
C ALA E 67 2.20 15.13 -21.67
N LYS E 68 3.11 14.21 -21.91
CA LYS E 68 4.17 14.46 -22.90
C LYS E 68 3.72 14.25 -24.35
N ALA E 69 2.93 13.20 -24.62
CA ALA E 69 2.39 13.00 -25.92
C ALA E 69 1.32 14.04 -26.27
N TYR E 70 0.50 14.50 -25.31
CA TYR E 70 -0.62 15.42 -25.61
C TYR E 70 -0.55 16.57 -24.63
N PRO E 71 0.48 17.41 -24.76
CA PRO E 71 0.67 18.50 -23.83
C PRO E 71 -0.56 19.38 -23.84
N PRO E 72 -0.99 19.83 -22.68
CA PRO E 72 -2.17 20.72 -22.64
C PRO E 72 -2.14 21.88 -23.64
N THR E 73 -1.01 22.55 -23.78
CA THR E 73 -0.90 23.69 -24.70
C THR E 73 -1.16 23.31 -26.18
N SER E 74 -1.04 22.03 -26.51
CA SER E 74 -1.32 21.49 -27.85
C SER E 74 -2.81 21.20 -28.17
N SER E 76 -7.12 21.88 -28.10
CA SER E 76 -8.05 22.99 -28.41
C SER E 76 -8.89 23.45 -27.22
N LYS E 77 -9.11 22.60 -26.23
CA LYS E 77 -9.82 23.02 -25.00
C LYS E 77 -8.81 23.24 -23.84
N SER E 78 -9.21 24.13 -22.94
CA SER E 78 -8.37 24.66 -21.89
C SER E 78 -9.22 24.76 -20.62
N PRO E 79 -9.00 23.87 -19.63
CA PRO E 79 -8.10 22.72 -19.62
C PRO E 79 -8.63 21.56 -20.50
N PRO E 80 -7.72 20.78 -21.06
CA PRO E 80 -8.17 19.73 -21.93
C PRO E 80 -8.86 18.56 -21.20
N THR E 81 -9.82 17.92 -21.84
CA THR E 81 -10.72 17.00 -21.20
C THR E 81 -10.24 15.58 -21.50
N VAL E 82 -10.42 14.68 -20.54
CA VAL E 82 -10.00 13.29 -20.69
C VAL E 82 -10.99 12.41 -19.97
N LEU E 83 -11.37 11.31 -20.59
CA LEU E 83 -12.15 10.26 -19.97
C LEU E 83 -11.24 9.11 -19.67
N VAL E 84 -11.21 8.69 -18.38
CA VAL E 84 -10.42 7.58 -17.94
C VAL E 84 -11.36 6.41 -17.62
N ILE E 85 -11.25 5.30 -18.37
CA ILE E 85 -12.13 4.14 -18.20
C ILE E 85 -11.36 3.08 -17.41
N CYS E 86 -11.80 2.84 -16.18
CA CYS E 86 -11.10 1.90 -15.31
C CYS E 86 -11.78 0.53 -15.21
N GLY E 87 -10.99 -0.51 -15.44
CA GLY E 87 -11.45 -1.89 -15.26
C GLY E 87 -11.57 -2.41 -13.83
N PRO E 88 -11.92 -3.71 -13.69
CA PRO E 88 -12.30 -4.35 -12.42
C PRO E 88 -11.15 -4.79 -11.53
N GLY E 89 -9.91 -4.62 -11.98
CA GLY E 89 -8.72 -4.97 -11.17
C GLY E 89 -7.58 -3.93 -11.13
N ASN E 90 -6.35 -4.40 -11.25
CA ASN E 90 -5.20 -3.53 -11.06
C ASN E 90 -4.99 -2.44 -12.11
N ASN E 91 -5.26 -2.76 -13.39
CA ASN E 91 -5.10 -1.82 -14.48
C ASN E 91 -6.04 -0.62 -14.19
N GLY E 92 -7.25 -0.90 -13.78
CA GLY E 92 -8.18 0.18 -13.44
C GLY E 92 -7.65 0.99 -12.29
N GLY E 93 -6.97 0.28 -11.38
CA GLY E 93 -6.20 0.93 -10.31
C GLY E 93 -5.20 1.97 -10.78
N ASP E 94 -4.39 1.55 -11.75
CA ASP E 94 -3.45 2.43 -12.38
C ASP E 94 -4.22 3.66 -12.97
N GLY E 95 -5.40 3.41 -13.51
CA GLY E 95 -6.19 4.49 -14.14
C GLY E 95 -6.62 5.54 -13.15
N LEU E 96 -7.00 5.14 -11.96
CA LEU E 96 -7.45 6.12 -10.92
C LEU E 96 -6.28 7.00 -10.44
N VAL E 97 -5.09 6.38 -10.31
CA VAL E 97 -3.86 7.10 -10.03
C VAL E 97 -3.50 8.05 -11.15
N CYS E 98 -3.53 7.53 -12.39
CA CYS E 98 -3.29 8.34 -13.57
C CYS E 98 -4.22 9.55 -13.67
N ALA E 99 -5.52 9.35 -13.45
CA ALA E 99 -6.48 10.45 -13.43
C ALA E 99 -6.14 11.57 -12.50
N ARG E 100 -5.83 11.22 -11.27
CA ARG E 100 -5.45 12.16 -10.22
C ARG E 100 -4.21 12.99 -10.66
N HIS E 101 -3.21 12.33 -11.22
CA HIS E 101 -2.04 13.05 -11.65
C HIS E 101 -2.30 13.92 -12.85
N LEU E 102 -3.14 13.46 -13.76
CA LEU E 102 -3.50 14.23 -14.92
C LEU E 102 -4.14 15.53 -14.54
N LYS E 103 -4.98 15.49 -13.52
CA LYS E 103 -5.60 16.71 -13.03
C LYS E 103 -4.60 17.67 -12.46
N LEU E 104 -3.67 17.16 -11.66
CA LEU E 104 -2.50 17.95 -11.22
C LEU E 104 -1.70 18.47 -12.44
N PHE E 105 -1.57 17.70 -13.51
CA PHE E 105 -0.83 18.23 -14.68
C PHE E 105 -1.66 19.18 -15.57
N GLY E 106 -2.87 19.54 -15.16
CA GLY E 106 -3.66 20.56 -15.91
C GLY E 106 -4.72 19.99 -16.85
N TYR E 107 -5.00 18.67 -16.82
CA TYR E 107 -6.13 18.12 -17.57
C TYR E 107 -7.39 18.19 -16.71
N GLN E 108 -8.52 18.02 -17.36
CA GLN E 108 -9.81 17.94 -16.66
C GLN E 108 -10.38 16.53 -16.90
N PRO E 109 -10.02 15.56 -16.03
CA PRO E 109 -10.43 14.19 -16.24
C PRO E 109 -11.83 13.88 -15.75
N THR E 110 -12.45 12.89 -16.39
CA THR E 110 -13.73 12.32 -15.94
C THR E 110 -13.44 10.84 -15.90
N ILE E 111 -13.96 10.14 -14.92
CA ILE E 111 -13.69 8.71 -14.75
C ILE E 111 -14.99 7.94 -14.93
N TYR E 112 -14.90 6.82 -15.64
CA TYR E 112 -15.94 5.80 -15.67
C TYR E 112 -15.37 4.55 -15.10
N TYR E 113 -15.98 4.10 -14.01
CA TYR E 113 -15.43 3.00 -13.22
C TYR E 113 -16.60 2.06 -12.82
N PRO E 114 -17.00 1.17 -13.72
CA PRO E 114 -18.31 0.50 -13.46
C PRO E 114 -18.27 -0.71 -12.53
N LYS E 115 -17.13 -1.39 -12.44
CA LYS E 115 -16.99 -2.59 -11.61
C LYS E 115 -15.79 -2.36 -10.70
N ARG E 116 -16.07 -2.16 -9.42
CA ARG E 116 -15.08 -1.74 -8.45
C ARG E 116 -14.85 -2.83 -7.43
N PRO E 117 -13.63 -3.36 -7.31
CA PRO E 117 -13.50 -4.32 -6.22
C PRO E 117 -13.76 -3.64 -4.87
N ASN E 118 -14.31 -4.40 -3.92
CA ASN E 118 -14.59 -3.84 -2.61
C ASN E 118 -13.42 -4.10 -1.70
N LYS E 119 -12.35 -3.35 -1.93
CA LYS E 119 -11.14 -3.42 -1.13
C LYS E 119 -10.70 -1.98 -0.85
N PRO E 120 -10.07 -1.75 0.31
CA PRO E 120 -9.60 -0.42 0.71
C PRO E 120 -8.67 0.25 -0.32
N LEU E 121 -7.79 -0.52 -0.94
CA LEU E 121 -6.91 -0.02 -1.97
C LEU E 121 -7.73 0.81 -2.95
N PHE E 122 -8.74 0.18 -3.52
CA PHE E 122 -9.52 0.87 -4.55
C PHE E 122 -10.45 1.89 -4.00
N THR E 123 -10.99 1.65 -2.81
CA THR E 123 -11.92 2.61 -2.19
C THR E 123 -11.20 3.92 -1.83
N GLY E 124 -9.96 3.78 -1.32
CA GLY E 124 -9.11 4.93 -1.06
C GLY E 124 -8.83 5.72 -2.34
N LEU E 125 -8.40 5.03 -3.38
CA LEU E 125 -8.08 5.69 -4.64
C LEU E 125 -9.28 6.46 -5.21
N VAL E 126 -10.46 5.87 -5.10
CA VAL E 126 -11.65 6.52 -5.56
C VAL E 126 -11.92 7.77 -4.75
N THR E 127 -11.80 7.70 -3.43
CA THR E 127 -12.06 8.92 -2.59
C THR E 127 -11.02 10.02 -2.91
N GLN E 128 -9.77 9.59 -3.16
CA GLN E 128 -8.73 10.54 -3.58
C GLN E 128 -9.17 11.33 -4.83
N CYS E 129 -9.67 10.62 -5.85
CA CYS E 129 -10.12 11.28 -7.06
C CYS E 129 -11.34 12.18 -6.81
N GLN E 130 -12.32 11.72 -6.04
CA GLN E 130 -13.53 12.55 -5.77
C GLN E 130 -13.14 13.81 -5.05
N LYS E 131 -12.21 13.72 -4.11
CA LYS E 131 -11.79 14.93 -3.41
C LYS E 131 -10.80 15.74 -4.24
N ASP E 133 -12.04 16.56 -6.84
CA ASP E 133 -13.25 16.90 -7.68
CA ASP E 133 -13.19 16.96 -7.66
C ASP E 133 -13.22 16.36 -9.09
N ILE E 134 -12.74 15.14 -9.25
CA ILE E 134 -12.87 14.41 -10.51
C ILE E 134 -14.22 13.66 -10.52
N PRO E 135 -15.12 13.99 -11.49
CA PRO E 135 -16.40 13.32 -11.52
C PRO E 135 -16.36 11.90 -12.02
N PHE E 136 -17.18 11.05 -11.42
CA PHE E 136 -17.38 9.69 -11.92
C PHE E 136 -18.67 9.57 -12.66
N LEU E 137 -18.62 9.06 -13.88
CA LEU E 137 -19.85 8.87 -14.65
C LEU E 137 -20.64 7.67 -14.16
N GLY E 138 -21.95 7.83 -14.19
CA GLY E 138 -22.89 6.75 -13.98
C GLY E 138 -23.03 5.80 -15.16
N GLU E 139 -22.68 6.23 -16.36
CA GLU E 139 -22.80 5.34 -17.49
C GLU E 139 -21.90 5.78 -18.64
N PRO E 141 -21.23 6.89 -22.41
CA PRO E 141 -21.91 7.36 -23.62
C PRO E 141 -21.93 6.23 -24.62
N PRO E 142 -23.10 5.99 -25.22
CA PRO E 142 -23.33 4.79 -26.03
C PRO E 142 -22.91 4.92 -27.51
N GLU E 143 -22.59 6.13 -27.93
CA GLU E 143 -22.18 6.36 -29.32
C GLU E 143 -20.78 7.02 -29.41
N PRO E 144 -19.94 6.57 -30.34
CA PRO E 144 -18.61 7.12 -30.34
C PRO E 144 -18.59 8.65 -30.57
N VAL E 147 -18.74 10.42 -27.19
CA VAL E 147 -17.41 10.43 -26.55
C VAL E 147 -16.52 11.50 -27.17
N ASP E 148 -16.43 11.52 -28.52
CA ASP E 148 -15.50 12.42 -29.25
C ASP E 148 -15.82 13.87 -28.90
N GLU E 149 -17.09 14.20 -28.81
CA GLU E 149 -17.50 15.57 -28.55
C GLU E 149 -17.24 16.00 -27.11
N LEU E 150 -17.23 15.08 -26.15
CA LEU E 150 -17.02 15.47 -24.74
C LEU E 150 -15.55 15.42 -24.34
N TYR E 151 -14.81 14.50 -24.92
CA TYR E 151 -13.49 14.22 -24.40
C TYR E 151 -12.45 14.27 -25.52
N GLU E 152 -11.32 14.94 -25.30
CA GLU E 152 -10.28 15.01 -26.30
C GLU E 152 -9.38 13.79 -26.29
N LEU E 153 -9.39 13.05 -25.20
CA LEU E 153 -8.60 11.86 -25.07
C LEU E 153 -9.31 10.83 -24.23
N VAL E 154 -9.08 9.56 -24.52
CA VAL E 154 -9.63 8.53 -23.74
C VAL E 154 -8.46 7.67 -23.24
N VAL E 155 -8.47 7.38 -21.94
CA VAL E 155 -7.51 6.50 -21.33
C VAL E 155 -8.18 5.15 -21.06
N ASP E 156 -7.62 4.13 -21.68
CA ASP E 156 -8.06 2.74 -21.55
C ASP E 156 -7.31 2.11 -20.36
N ALA E 157 -7.95 2.10 -19.20
CA ALA E 157 -7.39 1.42 -18.03
C ALA E 157 -8.23 0.16 -17.71
N ILE E 158 -8.71 -0.53 -18.72
CA ILE E 158 -9.66 -1.62 -18.51
C ILE E 158 -8.96 -2.94 -18.10
N PHE E 159 -8.22 -3.55 -19.03
CA PHE E 159 -7.47 -4.81 -18.76
C PHE E 159 -5.98 -4.64 -18.89
N GLY E 160 -5.22 -5.40 -18.11
CA GLY E 160 -3.77 -5.35 -18.14
C GLY E 160 -3.16 -6.73 -18.39
N PHE E 161 -1.91 -6.91 -17.94
CA PHE E 161 -1.06 -8.04 -18.36
C PHE E 161 -1.49 -9.42 -17.88
N SER E 162 -2.37 -9.48 -16.88
CA SER E 162 -2.86 -10.78 -16.40
C SER E 162 -4.18 -11.17 -17.05
N PHE E 163 -4.68 -10.34 -17.96
CA PHE E 163 -5.88 -10.63 -18.71
C PHE E 163 -5.84 -11.95 -19.51
N LYS E 164 -6.97 -12.64 -19.54
CA LYS E 164 -7.01 -14.03 -20.03
C LYS E 164 -7.97 -14.33 -21.18
N GLY E 165 -8.61 -13.32 -21.76
CA GLY E 165 -9.30 -13.52 -23.05
C GLY E 165 -10.82 -13.47 -23.02
N ASP E 166 -11.41 -13.67 -21.84
CA ASP E 166 -12.86 -13.59 -21.70
C ASP E 166 -13.26 -12.13 -21.41
N VAL E 167 -13.67 -11.39 -22.45
CA VAL E 167 -14.18 -10.01 -22.28
C VAL E 167 -15.65 -10.02 -21.94
N ARG E 168 -15.97 -9.79 -20.68
CA ARG E 168 -17.33 -9.88 -20.20
C ARG E 168 -17.97 -8.49 -20.14
N GLU E 169 -19.29 -8.43 -20.18
CA GLU E 169 -20.01 -7.15 -20.07
C GLU E 169 -19.77 -6.54 -18.69
N PRO E 170 -19.80 -5.22 -18.58
CA PRO E 170 -20.05 -4.21 -19.61
C PRO E 170 -18.84 -3.90 -20.51
N PHE E 171 -17.74 -4.62 -20.38
CA PHE E 171 -16.53 -4.25 -21.07
C PHE E 171 -16.55 -4.52 -22.56
N HIS E 172 -17.29 -5.52 -23.03
CA HIS E 172 -17.42 -5.71 -24.47
C HIS E 172 -18.14 -4.56 -25.14
N SER E 173 -19.21 -4.07 -24.55
CA SER E 173 -19.91 -3.00 -25.24
C SER E 173 -19.10 -1.68 -25.12
N ILE E 174 -18.41 -1.46 -24.02
CA ILE E 174 -17.47 -0.30 -23.87
C ILE E 174 -16.36 -0.35 -24.95
N LEU E 175 -15.76 -1.50 -25.19
CA LEU E 175 -14.74 -1.62 -26.24
C LEU E 175 -15.30 -1.45 -27.64
N SER E 176 -16.57 -1.82 -27.87
CA SER E 176 -17.25 -1.55 -29.16
C SER E 176 -17.34 -0.05 -29.44
N VAL E 177 -17.68 0.74 -28.45
CA VAL E 177 -17.75 2.18 -28.59
C VAL E 177 -16.40 2.76 -28.82
N LEU E 178 -15.39 2.21 -28.16
CA LEU E 178 -14.03 2.78 -28.21
C LEU E 178 -13.43 2.61 -29.57
N SER E 179 -13.73 1.50 -30.22
CA SER E 179 -13.15 1.25 -31.51
C SER E 179 -13.75 2.13 -32.58
N GLY E 180 -14.87 2.80 -32.31
CA GLY E 180 -15.37 3.81 -33.25
C GLY E 180 -14.96 5.27 -32.99
N LEU E 181 -14.13 5.54 -32.01
CA LEU E 181 -13.72 6.92 -31.71
C LEU E 181 -12.83 7.56 -32.78
N THR E 182 -12.89 8.88 -32.87
CA THR E 182 -11.93 9.60 -33.67
C THR E 182 -10.86 10.25 -32.78
N VAL E 183 -11.15 10.47 -31.50
CA VAL E 183 -10.17 10.97 -30.58
C VAL E 183 -9.23 9.86 -30.20
N PRO E 184 -8.01 10.25 -29.81
CA PRO E 184 -7.00 9.25 -29.43
C PRO E 184 -7.30 8.51 -28.15
N ILE E 185 -6.89 7.24 -28.13
CA ILE E 185 -6.93 6.41 -26.97
C ILE E 185 -5.48 6.16 -26.50
N ALA E 186 -5.30 6.27 -25.18
CA ALA E 186 -4.04 5.87 -24.55
C ALA E 186 -4.33 4.66 -23.72
N SER E 187 -3.69 3.55 -24.03
CA SER E 187 -3.81 2.31 -23.27
C SER E 187 -2.72 2.12 -22.23
N ILE E 188 -3.14 1.75 -21.02
CA ILE E 188 -2.23 1.41 -19.95
C ILE E 188 -1.83 -0.07 -20.04
N ASP E 189 -0.54 -0.29 -20.31
CA ASP E 189 0.14 -1.59 -20.33
C ASP E 189 -0.14 -2.53 -21.52
N ILE E 190 -1.42 -2.75 -21.81
CA ILE E 190 -1.90 -3.57 -22.91
C ILE E 190 -3.14 -2.87 -23.43
N PRO E 191 -3.33 -2.87 -24.76
CA PRO E 191 -4.60 -2.34 -25.24
C PRO E 191 -5.72 -3.29 -24.82
N SER E 192 -6.72 -2.78 -24.10
CA SER E 192 -7.68 -3.68 -23.56
C SER E 192 -8.41 -4.44 -24.66
N GLY E 193 -8.56 -5.75 -24.43
CA GLY E 193 -9.18 -6.62 -25.40
C GLY E 193 -8.18 -7.29 -26.33
N TRP E 194 -6.89 -6.96 -26.25
CA TRP E 194 -5.88 -7.68 -27.04
C TRP E 194 -5.40 -8.91 -26.27
N ASP E 195 -5.08 -9.95 -26.96
CA ASP E 195 -4.35 -11.03 -26.31
C ASP E 195 -3.00 -10.50 -25.84
N VAL E 196 -2.67 -10.66 -24.56
CA VAL E 196 -1.45 -10.10 -23.98
C VAL E 196 -0.15 -10.41 -24.79
N GLU E 197 -0.14 -11.50 -25.55
CA GLU E 197 1.04 -11.83 -26.37
C GLU E 197 0.82 -11.63 -27.88
N LYS E 198 -0.39 -11.90 -28.36
CA LYS E 198 -0.62 -12.00 -29.79
C LYS E 198 -1.20 -10.72 -30.38
N GLY E 199 -1.75 -9.86 -29.52
CA GLY E 199 -2.43 -8.67 -30.04
C GLY E 199 -3.86 -9.01 -30.43
N ASN E 200 -4.40 -8.21 -31.37
CA ASN E 200 -5.75 -8.32 -31.88
C ASN E 200 -6.00 -7.24 -32.98
N PRO E 201 -5.78 -7.61 -34.27
CA PRO E 201 -5.98 -6.73 -35.45
C PRO E 201 -7.36 -6.09 -35.47
N SER E 202 -8.36 -6.83 -35.05
CA SER E 202 -9.72 -6.30 -35.04
C SER E 202 -10.07 -5.58 -33.76
N GLY E 203 -9.14 -5.43 -32.81
CA GLY E 203 -9.43 -4.76 -31.53
C GLY E 203 -9.18 -3.26 -31.59
N ILE E 204 -9.29 -2.56 -30.44
CA ILE E 204 -8.97 -1.15 -30.39
C ILE E 204 -7.53 -0.92 -30.85
N GLN E 205 -7.31 0.24 -31.45
CA GLN E 205 -5.99 0.65 -31.97
C GLN E 205 -5.55 1.93 -31.29
N PRO E 206 -4.95 1.82 -30.10
CA PRO E 206 -4.63 3.06 -29.38
C PRO E 206 -3.53 3.91 -30.06
N ASP E 207 -3.61 5.24 -29.88
CA ASP E 207 -2.57 6.10 -30.34
C ASP E 207 -1.33 6.07 -29.42
N LEU E 208 -1.53 5.80 -28.15
CA LEU E 208 -0.45 5.80 -27.14
C LEU E 208 -0.57 4.54 -26.30
N LEU E 209 0.56 3.89 -26.07
CA LEU E 209 0.63 2.70 -25.23
C LEU E 209 1.70 2.99 -24.21
N ILE E 210 1.40 2.82 -22.92
CA ILE E 210 2.42 2.93 -21.89
C ILE E 210 2.70 1.51 -21.40
N SER E 211 3.83 0.95 -21.77
CA SER E 211 4.27 -0.37 -21.27
C SER E 211 4.85 -0.20 -19.88
N LEU E 212 4.33 -0.90 -18.90
CA LEU E 212 4.80 -0.71 -17.53
C LEU E 212 5.82 -1.80 -17.24
N THR E 213 6.97 -1.38 -16.71
CA THR E 213 8.13 -2.20 -16.34
C THR E 213 8.85 -2.63 -17.57
N ALA E 214 8.24 -3.47 -18.39
CA ALA E 214 8.82 -3.80 -19.69
C ALA E 214 7.66 -4.10 -20.61
N PRO E 215 7.81 -3.82 -21.91
CA PRO E 215 6.71 -4.11 -22.81
C PRO E 215 6.43 -5.63 -22.88
N LYS E 216 5.19 -5.96 -23.22
CA LYS E 216 4.79 -7.36 -23.39
C LYS E 216 4.78 -7.68 -24.88
N LYS E 217 4.65 -8.95 -25.20
CA LYS E 217 4.82 -9.41 -26.56
C LYS E 217 3.79 -8.73 -27.49
N SER E 218 2.57 -8.52 -26.98
CA SER E 218 1.53 -7.82 -27.76
C SER E 218 1.96 -6.44 -28.26
N ALA E 219 2.85 -5.78 -27.52
CA ALA E 219 3.30 -4.47 -27.95
C ALA E 219 4.04 -4.54 -29.31
N THR E 220 4.51 -5.71 -29.74
CA THR E 220 5.10 -5.81 -31.09
C THR E 220 4.07 -5.55 -32.21
N HIS E 221 2.78 -5.57 -31.91
CA HIS E 221 1.74 -5.27 -32.90
C HIS E 221 1.18 -3.87 -32.73
N PHE E 222 1.81 -3.05 -31.89
CA PHE E 222 1.31 -1.69 -31.66
C PHE E 222 1.43 -0.90 -32.96
N THR E 223 0.40 -0.18 -33.32
CA THR E 223 0.34 0.54 -34.57
C THR E 223 0.06 2.05 -34.34
N GLY E 224 0.17 2.56 -33.12
CA GLY E 224 0.00 3.99 -32.91
C GLY E 224 1.31 4.75 -32.99
N ARG E 225 1.26 6.03 -32.66
CA ARG E 225 2.41 6.93 -32.80
C ARG E 225 3.34 6.91 -31.61
N TYR E 226 2.78 6.77 -30.41
CA TYR E 226 3.54 6.85 -29.18
C TYR E 226 3.58 5.56 -28.34
N HIS E 227 4.77 5.02 -28.13
CA HIS E 227 4.97 3.91 -27.23
C HIS E 227 5.97 4.34 -26.16
N TYR E 228 5.50 4.43 -24.92
CA TYR E 228 6.35 4.82 -23.83
C TYR E 228 6.55 3.67 -22.90
N LEU E 229 7.75 3.57 -22.34
CA LEU E 229 8.01 2.73 -21.20
C LEU E 229 7.89 3.53 -19.93
N GLY E 230 7.22 2.96 -18.93
CA GLY E 230 7.09 3.57 -17.67
C GLY E 230 7.26 2.60 -16.55
N GLY E 231 7.12 3.09 -15.32
CA GLY E 231 7.36 2.22 -14.18
C GLY E 231 8.86 2.06 -13.95
N ARG E 232 9.48 3.20 -13.62
CA ARG E 232 10.92 3.27 -13.35
C ARG E 232 11.15 2.84 -11.89
N PHE E 233 10.97 1.54 -11.67
CA PHE E 233 11.20 0.98 -10.36
C PHE E 233 11.84 -0.41 -10.42
N VAL E 234 12.26 -0.84 -11.60
CA VAL E 234 12.87 -2.15 -11.74
C VAL E 234 14.30 -2.13 -11.22
N PRO E 235 14.59 -2.89 -10.16
CA PRO E 235 15.94 -2.97 -9.63
C PRO E 235 16.89 -3.52 -10.68
N PRO E 236 18.12 -2.97 -10.76
CA PRO E 236 19.09 -3.40 -11.77
C PRO E 236 19.31 -4.91 -11.86
N ALA E 237 19.32 -5.60 -10.72
CA ALA E 237 19.59 -7.08 -10.74
C ALA E 237 18.36 -7.80 -11.30
N LEU E 238 17.15 -7.24 -11.04
CA LEU E 238 15.96 -7.91 -11.57
C LEU E 238 15.97 -7.78 -13.09
N GLU E 239 16.31 -6.58 -13.55
CA GLU E 239 16.42 -6.27 -14.95
C GLU E 239 17.40 -7.22 -15.63
N LYS E 240 18.57 -7.41 -15.01
CA LYS E 240 19.58 -8.32 -15.58
C LYS E 240 19.12 -9.79 -15.54
N LYS E 241 18.55 -10.19 -14.40
CA LYS E 241 18.07 -11.57 -14.23
C LYS E 241 17.04 -11.97 -15.34
N TYR E 242 16.07 -11.10 -15.63
CA TYR E 242 15.13 -11.47 -16.70
C TYR E 242 15.58 -11.03 -18.10
N GLN E 243 16.82 -10.54 -18.22
CA GLN E 243 17.37 -10.01 -19.47
C GLN E 243 16.51 -8.94 -20.12
N LEU E 244 15.97 -8.03 -19.33
CA LEU E 244 15.09 -7.01 -19.85
C LEU E 244 15.70 -6.07 -20.84
N ASN E 245 16.99 -5.78 -20.72
CA ASN E 245 17.67 -4.81 -21.60
C ASN E 245 16.95 -3.50 -21.71
N LEU E 246 16.44 -2.99 -20.59
CA LEU E 246 15.74 -1.74 -20.61
C LEU E 246 16.59 -0.59 -21.14
N PRO E 247 16.01 0.30 -21.96
CA PRO E 247 16.72 1.56 -22.25
C PRO E 247 16.95 2.39 -20.98
N SER E 248 17.95 3.27 -21.00
CA SER E 248 18.22 4.17 -19.92
C SER E 248 17.20 5.27 -19.93
N TYR E 249 16.60 5.53 -18.79
CA TYR E 249 15.71 6.66 -18.73
C TYR E 249 16.53 7.93 -18.70
N PRO E 250 16.15 8.96 -19.47
CA PRO E 250 16.92 10.20 -19.35
C PRO E 250 16.72 10.87 -17.97
N ASP E 251 17.82 11.34 -17.43
CA ASP E 251 17.90 12.13 -16.21
C ASP E 251 16.97 11.58 -15.13
N THR E 252 15.96 12.33 -14.69
CA THR E 252 15.12 11.91 -13.58
C THR E 252 13.74 11.55 -14.08
N GLU E 253 13.58 11.29 -15.39
CA GLU E 253 12.25 11.05 -15.94
C GLU E 253 11.73 9.67 -15.57
N CYS E 254 10.42 9.57 -15.39
CA CYS E 254 9.79 8.29 -15.13
C CYS E 254 9.19 7.60 -16.35
N VAL E 255 9.40 8.16 -17.54
CA VAL E 255 8.99 7.56 -18.81
C VAL E 255 10.12 7.73 -19.83
N TYR E 256 10.09 6.90 -20.87
CA TYR E 256 11.07 6.87 -21.95
C TYR E 256 10.36 6.52 -23.24
N ARG E 257 10.45 7.38 -24.24
CA ARG E 257 9.82 7.10 -25.49
C ARG E 257 10.60 6.05 -26.31
N LEU E 258 10.01 4.89 -26.55
CA LEU E 258 10.57 3.87 -27.43
C LEU E 258 10.30 4.17 -28.91
N GLN E 259 11.29 3.97 -29.76
CA GLN E 259 11.14 4.19 -31.22
C GLN E 259 10.70 5.64 -31.55
N ALA F 27 4.02 35.05 -2.46
CA ALA F 27 4.29 33.68 -2.95
C ALA F 27 3.85 32.65 -1.91
N VAL F 28 4.58 31.55 -1.86
CA VAL F 28 4.13 30.40 -1.13
C VAL F 28 4.10 30.68 0.37
N LYS F 29 3.11 30.11 1.04
CA LYS F 29 3.00 30.14 2.49
C LYS F 29 4.06 29.27 3.15
N TYR F 30 4.62 29.78 4.23
CA TYR F 30 5.57 29.04 5.03
C TYR F 30 4.80 28.55 6.25
N LEU F 31 4.73 27.22 6.41
CA LEU F 31 3.85 26.64 7.44
C LEU F 31 4.40 26.60 8.86
N SER F 32 3.52 26.87 9.82
CA SER F 32 3.84 26.66 11.22
C SER F 32 3.83 25.15 11.47
N GLN F 33 4.38 24.72 12.60
CA GLN F 33 4.42 23.27 12.89
C GLN F 33 2.98 22.79 12.98
N GLU F 34 2.15 23.60 13.60
CA GLU F 34 0.75 23.25 13.77
C GLU F 34 0.02 23.12 12.43
N GLU F 35 0.11 24.13 11.55
CA GLU F 35 -0.46 23.99 10.19
C GLU F 35 0.06 22.71 9.47
N ALA F 36 1.37 22.52 9.44
CA ALA F 36 1.95 21.30 8.81
C ALA F 36 1.26 20.00 9.27
N GLN F 37 1.15 19.83 10.58
CA GLN F 37 0.50 18.65 11.18
C GLN F 37 -0.97 18.54 10.76
N ALA F 38 -1.68 19.69 10.73
CA ALA F 38 -3.09 19.72 10.30
C ALA F 38 -3.22 19.32 8.81
N VAL F 39 -2.37 19.86 7.94
CA VAL F 39 -2.35 19.43 6.52
C VAL F 39 -2.11 17.96 6.43
N ASP F 40 -1.09 17.48 7.14
CA ASP F 40 -0.69 16.07 7.08
C ASP F 40 -1.84 15.17 7.47
N GLN F 41 -2.48 15.52 8.60
CA GLN F 41 -3.54 14.71 9.14
C GLN F 41 -4.74 14.74 8.19
N GLU F 42 -5.00 15.87 7.55
CA GLU F 42 -6.09 15.96 6.56
C GLU F 42 -5.85 15.05 5.31
N LEU F 43 -4.59 14.87 4.92
CA LEU F 43 -4.27 14.03 3.78
C LEU F 43 -4.51 12.55 4.06
N PHE F 44 -4.23 12.10 5.28
CA PHE F 44 -4.44 10.68 5.62
C PHE F 44 -5.84 10.38 6.12
N ASN F 45 -6.57 11.39 6.54
CA ASN F 45 -7.93 11.18 7.06
C ASN F 45 -8.94 11.43 5.96
N GLU F 46 -9.30 12.68 5.71
CA GLU F 46 -10.38 12.93 4.76
C GLU F 46 -10.03 12.68 3.30
N TYR F 47 -8.81 12.97 2.86
CA TYR F 47 -8.40 12.65 1.48
C TYR F 47 -8.12 11.13 1.29
N GLN F 48 -7.93 10.40 2.38
CA GLN F 48 -7.72 8.94 2.36
C GLN F 48 -6.51 8.52 1.55
N PHE F 49 -5.47 9.35 1.54
CA PHE F 49 -4.20 8.90 1.00
C PHE F 49 -3.58 7.87 1.92
N SER F 50 -2.74 7.02 1.41
CA SER F 50 -2.09 6.12 2.30
C SER F 50 -0.64 6.58 2.52
N VAL F 51 -0.09 6.19 3.66
CA VAL F 51 1.21 6.63 4.09
C VAL F 51 2.26 6.16 3.09
N ASP F 52 2.04 4.97 2.58
CA ASP F 52 2.90 4.34 1.64
C ASP F 52 3.02 5.19 0.42
N GLN F 53 1.86 5.62 -0.03
CA GLN F 53 1.70 6.34 -1.25
C GLN F 53 2.34 7.71 -1.27
N LEU F 54 2.07 8.52 -0.26
CA LEU F 54 2.68 9.84 -0.17
C LEU F 54 4.17 9.82 0.17
N GLU F 56 6.18 7.55 -0.89
CA GLU F 56 6.84 7.21 -2.15
C GLU F 56 7.03 8.47 -3.00
N LEU F 57 6.00 9.28 -3.12
CA LEU F 57 6.11 10.54 -3.85
C LEU F 57 7.06 11.55 -3.23
N ALA F 58 7.01 11.69 -1.92
CA ALA F 58 7.96 12.57 -1.20
C ALA F 58 9.42 12.14 -1.43
N GLY F 59 9.74 10.86 -1.26
CA GLY F 59 11.10 10.42 -1.49
C GLY F 59 11.58 10.58 -2.92
N LEU F 60 10.69 10.35 -3.86
CA LEU F 60 11.01 10.55 -5.25
C LEU F 60 11.28 12.01 -5.46
N SER F 61 10.45 12.92 -4.91
CA SER F 61 10.80 14.33 -5.07
C SER F 61 12.18 14.66 -4.56
N CYS F 62 12.54 14.08 -3.41
CA CYS F 62 13.86 14.31 -2.83
C CYS F 62 14.97 13.88 -3.76
N ALA F 63 14.82 12.69 -4.31
CA ALA F 63 15.82 12.15 -5.21
C ALA F 63 15.89 13.01 -6.45
N THR F 64 14.74 13.47 -6.88
CA THR F 64 14.67 14.24 -8.14
C THR F 64 15.38 15.60 -7.91
N ALA F 65 15.11 16.25 -6.79
CA ALA F 65 15.76 17.54 -6.45
C ALA F 65 17.29 17.36 -6.35
N ILE F 66 17.71 16.26 -5.74
CA ILE F 66 19.13 16.00 -5.62
C ILE F 66 19.70 15.87 -6.96
N ALA F 67 19.04 15.12 -7.81
CA ALA F 67 19.61 14.83 -9.14
C ALA F 67 19.68 16.03 -10.04
N LYS F 68 18.77 16.99 -9.86
CA LYS F 68 18.84 18.23 -10.60
C LYS F 68 19.86 19.20 -10.06
N ALA F 69 20.00 19.30 -8.74
CA ALA F 69 21.03 20.19 -8.17
C ALA F 69 22.45 19.62 -8.34
N TYR F 70 22.57 18.29 -8.27
CA TYR F 70 23.89 17.67 -8.31
C TYR F 70 23.90 16.53 -9.33
N PRO F 71 23.81 16.85 -10.60
CA PRO F 71 23.65 15.80 -11.59
C PRO F 71 24.87 14.86 -11.61
N PRO F 72 24.65 13.56 -11.79
CA PRO F 72 25.74 12.56 -11.67
C PRO F 72 26.89 12.88 -12.59
N THR F 73 26.54 13.26 -13.81
CA THR F 73 27.50 13.78 -14.78
C THR F 73 28.37 14.97 -14.26
N SER F 74 27.84 15.82 -13.37
CA SER F 74 28.59 16.99 -12.85
C SER F 74 29.53 16.68 -11.68
N SER F 76 32.65 14.32 -9.56
CA SER F 76 33.99 13.79 -9.80
C SER F 76 33.99 12.27 -10.06
N LYS F 77 33.32 11.48 -9.21
CA LYS F 77 33.32 10.01 -9.36
C LYS F 77 32.07 9.50 -10.09
N SER F 78 32.20 8.25 -10.55
CA SER F 78 31.29 7.63 -11.45
C SER F 78 31.07 6.15 -11.05
N PRO F 79 29.89 5.80 -10.53
CA PRO F 79 28.79 6.69 -10.15
C PRO F 79 29.15 7.53 -8.92
N PRO F 80 28.61 8.72 -8.81
CA PRO F 80 28.85 9.48 -7.57
C PRO F 80 28.28 8.78 -6.30
N THR F 81 28.99 8.86 -5.17
CA THR F 81 28.56 8.25 -3.90
C THR F 81 27.80 9.26 -3.07
N VAL F 82 26.83 8.79 -2.30
CA VAL F 82 25.93 9.61 -1.48
C VAL F 82 25.68 8.83 -0.21
N LEU F 83 25.86 9.47 0.93
CA LEU F 83 25.53 8.89 2.21
C LEU F 83 24.15 9.43 2.63
N VAL F 84 23.16 8.56 2.84
CA VAL F 84 21.79 8.93 3.17
C VAL F 84 21.59 8.49 4.61
N ILE F 85 21.40 9.48 5.48
CA ILE F 85 21.28 9.21 6.91
C ILE F 85 19.83 9.27 7.31
N CYS F 86 19.31 8.13 7.77
CA CYS F 86 17.89 8.01 8.08
C CYS F 86 17.60 7.99 9.59
N GLY F 87 16.68 8.88 10.01
CA GLY F 87 16.24 8.96 11.38
C GLY F 87 15.24 7.90 11.82
N PRO F 88 14.71 8.04 13.05
CA PRO F 88 13.85 7.04 13.66
C PRO F 88 12.36 7.12 13.29
N GLY F 89 11.93 8.09 12.49
CA GLY F 89 10.51 8.20 12.11
C GLY F 89 10.28 8.34 10.60
N ASN F 90 9.33 9.20 10.24
CA ASN F 90 8.93 9.34 8.85
C ASN F 90 9.97 9.97 7.91
N ASN F 91 10.69 10.98 8.38
CA ASN F 91 11.81 11.55 7.62
C ASN F 91 12.79 10.47 7.20
N GLY F 92 13.06 9.55 8.12
CA GLY F 92 13.96 8.43 7.83
C GLY F 92 13.41 7.59 6.70
N GLY F 93 12.10 7.41 6.70
CA GLY F 93 11.40 6.63 5.65
C GLY F 93 11.54 7.28 4.30
N ASP F 94 11.39 8.62 4.28
CA ASP F 94 11.62 9.38 3.07
C ASP F 94 13.05 9.15 2.52
N GLY F 95 14.00 9.04 3.43
CA GLY F 95 15.41 8.84 3.08
C GLY F 95 15.63 7.50 2.43
N LEU F 96 14.97 6.46 2.93
CA LEU F 96 15.04 5.13 2.32
C LEU F 96 14.45 5.13 0.91
N VAL F 97 13.31 5.77 0.72
CA VAL F 97 12.75 5.99 -0.61
C VAL F 97 13.69 6.76 -1.55
N CYS F 98 14.20 7.90 -1.05
CA CYS F 98 15.14 8.71 -1.77
C CYS F 98 16.37 7.89 -2.17
N ALA F 99 16.95 7.14 -1.23
CA ALA F 99 18.16 6.31 -1.56
C ALA F 99 17.90 5.41 -2.74
N ARG F 100 16.76 4.75 -2.70
CA ARG F 100 16.38 3.77 -3.76
C ARG F 100 16.25 4.46 -5.16
N HIS F 101 15.61 5.62 -5.18
CA HIS F 101 15.51 6.38 -6.45
C HIS F 101 16.85 6.92 -6.87
N LEU F 102 17.67 7.39 -5.91
CA LEU F 102 19.02 7.81 -6.29
C LEU F 102 19.79 6.70 -7.04
N LYS F 103 19.66 5.49 -6.55
CA LYS F 103 20.31 4.36 -7.20
C LYS F 103 19.85 4.23 -8.66
N LEU F 104 18.54 4.27 -8.88
CA LEU F 104 17.99 4.23 -10.24
C LEU F 104 18.45 5.44 -11.09
N PHE F 105 18.61 6.61 -10.46
CA PHE F 105 19.11 7.81 -11.14
C PHE F 105 20.61 7.85 -11.44
N GLY F 106 21.33 6.78 -11.12
CA GLY F 106 22.76 6.78 -11.44
C GLY F 106 23.71 7.08 -10.29
N TYR F 107 23.21 7.23 -9.04
CA TYR F 107 24.09 7.40 -7.90
C TYR F 107 24.36 6.07 -7.25
N GLN F 108 25.40 6.02 -6.43
CA GLN F 108 25.60 4.85 -5.56
C GLN F 108 25.42 5.30 -4.14
N PRO F 109 24.23 5.12 -3.61
CA PRO F 109 23.99 5.46 -2.22
C PRO F 109 24.44 4.38 -1.21
N THR F 110 24.73 4.86 -0.03
CA THR F 110 24.99 4.09 1.16
C THR F 110 24.06 4.64 2.21
N ILE F 111 23.47 3.75 2.97
CA ILE F 111 22.51 4.16 4.00
C ILE F 111 23.07 3.92 5.39
N TYR F 112 22.80 4.87 6.28
CA TYR F 112 23.05 4.70 7.68
C TYR F 112 21.72 4.99 8.37
N TYR F 113 21.25 3.94 9.07
CA TYR F 113 19.91 3.85 9.62
C TYR F 113 20.09 3.18 11.00
N PRO F 114 20.50 3.97 12.00
CA PRO F 114 20.81 3.36 13.32
C PRO F 114 19.60 2.96 14.16
N LYS F 115 18.50 3.70 14.05
CA LYS F 115 17.36 3.44 14.90
C LYS F 115 16.11 3.25 14.06
N ARG F 116 15.65 2.00 13.96
CA ARG F 116 14.60 1.58 13.03
C ARG F 116 13.35 1.11 13.79
N PRO F 117 12.22 1.83 13.66
CA PRO F 117 10.97 1.25 14.18
C PRO F 117 10.62 -0.05 13.44
N ASN F 118 10.16 -1.09 14.12
CA ASN F 118 9.57 -2.16 13.30
C ASN F 118 8.11 -1.94 13.29
N LYS F 119 7.75 -1.26 12.23
CA LYS F 119 6.47 -1.31 11.63
C LYS F 119 6.78 -1.89 10.24
N PRO F 120 5.78 -2.51 9.61
CA PRO F 120 6.06 -3.14 8.33
C PRO F 120 6.41 -2.14 7.23
N LEU F 121 5.92 -0.91 7.34
CA LEU F 121 6.34 0.16 6.41
C LEU F 121 7.86 0.25 6.29
N PHE F 122 8.52 0.40 7.43
CA PHE F 122 9.95 0.61 7.47
C PHE F 122 10.69 -0.69 7.13
N THR F 123 10.16 -1.78 7.63
CA THR F 123 10.63 -3.11 7.33
C THR F 123 10.71 -3.39 5.81
N GLY F 124 9.62 -3.13 5.10
CA GLY F 124 9.56 -3.24 3.64
C GLY F 124 10.58 -2.34 2.91
N LEU F 125 10.59 -1.07 3.30
CA LEU F 125 11.51 -0.11 2.72
C LEU F 125 12.99 -0.58 2.87
N VAL F 126 13.32 -1.14 4.04
CA VAL F 126 14.66 -1.61 4.28
C VAL F 126 14.99 -2.77 3.35
N THR F 127 14.05 -3.71 3.19
CA THR F 127 14.28 -4.89 2.38
C THR F 127 14.45 -4.54 0.90
N GLN F 128 13.65 -3.58 0.42
CA GLN F 128 13.74 -3.04 -0.93
C GLN F 128 15.18 -2.59 -1.17
N CYS F 129 15.71 -1.77 -0.25
CA CYS F 129 17.04 -1.30 -0.40
C CYS F 129 18.10 -2.40 -0.26
N GLN F 130 17.90 -3.31 0.69
CA GLN F 130 18.90 -4.33 0.96
C GLN F 130 18.97 -5.29 -0.18
N LYS F 131 17.82 -5.60 -0.77
CA LYS F 131 17.75 -6.54 -1.86
C LYS F 131 18.39 -5.97 -3.16
N ASP F 133 21.11 -4.35 -2.85
CA ASP F 133 22.50 -4.29 -2.43
C ASP F 133 23.01 -2.87 -2.15
N ILE F 134 22.14 -2.04 -1.61
CA ILE F 134 22.55 -0.72 -1.18
C ILE F 134 23.17 -0.93 0.17
N PRO F 135 24.37 -0.46 0.37
CA PRO F 135 25.06 -0.71 1.62
C PRO F 135 24.39 -0.04 2.82
N PHE F 136 24.35 -0.74 3.94
CA PHE F 136 23.90 -0.18 5.18
C PHE F 136 25.10 -0.19 6.12
N LEU F 137 25.50 0.98 6.58
CA LEU F 137 26.60 1.11 7.51
C LEU F 137 26.27 0.69 8.93
N GLY F 138 27.23 0.03 9.57
CA GLY F 138 27.16 -0.32 10.98
C GLY F 138 27.37 0.91 11.84
N GLU F 139 28.24 1.81 11.38
CA GLU F 139 28.43 3.08 12.02
C GLU F 139 28.89 4.13 11.03
N PRO F 141 31.33 7.06 9.81
CA PRO F 141 32.73 7.41 9.98
C PRO F 141 32.80 8.58 10.97
N PRO F 142 33.69 8.50 11.98
CA PRO F 142 33.63 9.43 13.07
C PRO F 142 34.20 10.81 12.75
N GLU F 143 35.01 10.96 11.70
CA GLU F 143 35.55 12.27 11.31
C GLU F 143 34.97 12.82 10.00
N PRO F 144 34.73 14.13 9.95
CA PRO F 144 34.16 14.74 8.74
C PRO F 144 35.03 14.56 7.50
N VAL F 147 34.23 11.28 6.00
CA VAL F 147 33.05 11.38 5.24
C VAL F 147 33.28 12.10 3.89
N ASP F 148 33.90 13.29 3.92
CA ASP F 148 34.13 14.10 2.74
C ASP F 148 34.84 13.25 1.68
N GLU F 149 35.75 12.40 2.10
CA GLU F 149 36.52 11.65 1.14
C GLU F 149 35.75 10.46 0.61
N LEU F 150 34.75 9.94 1.31
CA LEU F 150 34.04 8.75 0.78
C LEU F 150 32.77 9.11 0.01
N TYR F 151 32.16 10.22 0.38
CA TYR F 151 30.84 10.55 -0.14
C TYR F 151 30.89 11.98 -0.69
N GLU F 152 30.34 12.20 -1.90
CA GLU F 152 30.29 13.52 -2.56
C GLU F 152 29.13 14.36 -2.04
N LEU F 153 28.16 13.70 -1.44
CA LEU F 153 26.97 14.33 -0.90
C LEU F 153 26.47 13.55 0.30
N VAL F 154 25.89 14.25 1.25
CA VAL F 154 25.25 13.63 2.37
C VAL F 154 23.82 14.05 2.41
N VAL F 155 22.93 13.06 2.47
CA VAL F 155 21.51 13.36 2.62
C VAL F 155 21.07 13.28 4.10
N ASP F 156 20.52 14.38 4.59
CA ASP F 156 20.06 14.46 5.96
C ASP F 156 18.60 14.09 5.98
N ALA F 157 18.32 12.83 6.28
CA ALA F 157 16.92 12.36 6.47
C ALA F 157 16.67 11.97 7.95
N ILE F 158 17.25 12.76 8.85
CA ILE F 158 17.23 12.39 10.26
C ILE F 158 15.92 12.83 10.98
N PHE F 159 15.64 14.12 11.10
CA PHE F 159 14.38 14.56 11.72
C PHE F 159 13.57 15.42 10.78
N GLY F 160 12.24 15.36 10.90
CA GLY F 160 11.31 16.02 10.04
C GLY F 160 10.41 16.98 10.85
N PHE F 161 9.28 17.33 10.27
CA PHE F 161 8.42 18.44 10.75
C PHE F 161 7.72 18.20 12.10
N SER F 162 7.76 16.98 12.60
CA SER F 162 7.19 16.65 13.93
C SER F 162 8.18 16.90 15.06
N PHE F 163 9.47 16.89 14.72
CA PHE F 163 10.54 17.08 15.69
C PHE F 163 10.24 18.14 16.73
N LYS F 164 10.38 17.77 18.01
CA LYS F 164 10.06 18.72 19.12
C LYS F 164 11.22 19.07 20.04
N GLY F 165 12.40 18.52 19.82
CA GLY F 165 13.58 19.06 20.48
C GLY F 165 14.68 18.14 21.02
N ASP F 166 14.36 16.89 21.34
CA ASP F 166 15.26 16.06 22.16
C ASP F 166 16.21 15.17 21.30
N VAL F 167 17.45 15.61 21.10
CA VAL F 167 18.40 14.84 20.30
C VAL F 167 19.19 13.84 21.16
N ARG F 168 18.77 12.58 21.14
CA ARG F 168 19.51 11.52 21.83
C ARG F 168 20.64 11.05 20.95
N GLU F 169 21.64 10.38 21.54
CA GLU F 169 22.57 9.64 20.72
C GLU F 169 21.80 8.54 19.97
N PRO F 170 22.31 8.10 18.81
CA PRO F 170 23.56 8.55 18.17
C PRO F 170 23.44 9.89 17.39
N PHE F 171 22.27 10.50 17.40
CA PHE F 171 21.97 11.60 16.49
C PHE F 171 22.74 12.89 16.77
N HIS F 172 23.11 13.14 18.00
CA HIS F 172 23.88 14.31 18.28
C HIS F 172 25.29 14.16 17.72
N SER F 173 25.91 12.99 17.91
CA SER F 173 27.22 12.76 17.32
C SER F 173 27.12 12.87 15.83
N ILE F 174 26.08 12.34 15.26
CA ILE F 174 25.96 12.33 13.78
C ILE F 174 25.88 13.78 13.29
N LEU F 175 25.07 14.60 13.95
CA LEU F 175 25.05 16.03 13.62
C LEU F 175 26.35 16.79 13.90
N SER F 176 27.18 16.36 14.87
CA SER F 176 28.41 17.08 15.05
C SER F 176 29.31 16.77 13.86
N VAL F 177 29.32 15.52 13.39
CA VAL F 177 30.12 15.22 12.21
C VAL F 177 29.64 16.01 10.96
N LEU F 178 28.34 16.04 10.76
CA LEU F 178 27.75 16.74 9.62
C LEU F 178 28.12 18.20 9.60
N SER F 179 28.11 18.85 10.74
CA SER F 179 28.36 20.32 10.71
C SER F 179 29.82 20.64 10.43
N GLY F 180 30.72 19.64 10.50
CA GLY F 180 32.12 19.82 10.10
C GLY F 180 32.46 19.40 8.67
N LEU F 181 31.48 18.97 7.89
CA LEU F 181 31.67 18.51 6.51
C LEU F 181 32.02 19.66 5.54
N THR F 182 32.81 19.35 4.52
CA THR F 182 32.99 20.30 3.43
C THR F 182 32.11 19.95 2.25
N VAL F 183 31.78 18.67 2.07
CA VAL F 183 30.83 18.25 1.07
C VAL F 183 29.40 18.70 1.44
N PRO F 184 28.58 18.96 0.41
CA PRO F 184 27.20 19.42 0.64
C PRO F 184 26.31 18.43 1.34
N ILE F 185 25.38 19.00 2.12
CA ILE F 185 24.30 18.31 2.72
C ILE F 185 23.01 18.72 2.02
N ALA F 186 22.15 17.74 1.80
CA ALA F 186 20.78 17.92 1.33
C ALA F 186 19.82 17.45 2.43
N SER F 187 19.03 18.34 2.99
CA SER F 187 18.09 18.01 4.02
C SER F 187 16.66 17.87 3.47
N ILE F 188 15.97 16.86 3.98
CA ILE F 188 14.63 16.52 3.62
C ILE F 188 13.71 17.23 4.61
N ASP F 189 12.96 18.16 4.08
CA ASP F 189 11.89 18.85 4.78
C ASP F 189 12.33 19.97 5.79
N ILE F 190 13.18 19.60 6.73
CA ILE F 190 13.75 20.49 7.69
C ILE F 190 15.21 20.14 7.89
N PRO F 191 16.08 21.15 8.12
CA PRO F 191 17.45 20.71 8.48
C PRO F 191 17.45 20.11 9.88
N SER F 192 17.89 18.86 9.98
CA SER F 192 17.76 18.17 11.24
C SER F 192 18.51 18.89 12.34
N GLY F 193 17.84 19.05 13.48
CA GLY F 193 18.41 19.73 14.61
C GLY F 193 17.98 21.18 14.62
N TRP F 194 17.23 21.61 13.61
CA TRP F 194 16.70 22.96 13.61
C TRP F 194 15.36 22.92 14.29
N ASP F 195 15.06 23.98 14.96
CA ASP F 195 13.69 24.18 15.42
C ASP F 195 12.81 24.34 14.18
N VAL F 196 11.77 23.52 14.08
CA VAL F 196 10.91 23.46 12.87
C VAL F 196 10.46 24.85 12.38
N GLU F 197 10.35 25.82 13.30
CA GLU F 197 9.97 27.19 12.94
C GLU F 197 11.10 28.25 12.96
N LYS F 198 11.98 28.18 13.94
CA LYS F 198 12.95 29.24 14.24
C LYS F 198 14.34 28.93 13.70
N GLY F 199 14.55 27.72 13.22
CA GLY F 199 15.85 27.36 12.69
C GLY F 199 16.82 27.10 13.82
N ASN F 200 18.11 27.33 13.55
CA ASN F 200 19.18 27.10 14.53
C ASN F 200 20.51 27.58 13.92
N PRO F 201 20.95 28.82 14.26
CA PRO F 201 22.18 29.42 13.70
C PRO F 201 23.45 28.64 13.96
N SER F 202 23.47 27.83 15.01
CA SER F 202 24.62 27.00 15.30
C SER F 202 24.40 25.57 14.83
N GLY F 203 23.33 25.30 14.07
CA GLY F 203 23.04 23.96 13.61
C GLY F 203 23.72 23.68 12.26
N ILE F 204 23.44 22.51 11.68
CA ILE F 204 23.89 22.22 10.32
C ILE F 204 23.35 23.26 9.30
N GLN F 205 24.10 23.43 8.21
CA GLN F 205 23.80 24.42 7.15
C GLN F 205 23.73 23.72 5.80
N PRO F 206 22.55 23.24 5.45
CA PRO F 206 22.55 22.41 4.23
C PRO F 206 22.67 23.25 3.00
N ASP F 207 23.18 22.66 1.95
CA ASP F 207 23.30 23.32 0.69
C ASP F 207 22.02 23.16 -0.12
N LEU F 208 21.32 22.03 0.06
CA LEU F 208 20.01 21.78 -0.57
C LEU F 208 18.95 21.52 0.50
N LEU F 209 17.79 22.14 0.35
CA LEU F 209 16.62 21.86 1.20
C LEU F 209 15.48 21.45 0.30
N ILE F 210 14.89 20.26 0.50
CA ILE F 210 13.66 19.89 -0.18
C ILE F 210 12.51 20.07 0.79
N SER F 211 11.74 21.14 0.61
CA SER F 211 10.53 21.36 1.40
C SER F 211 9.42 20.46 0.87
N LEU F 212 8.76 19.67 1.70
CA LEU F 212 7.76 18.71 1.18
C LEU F 212 6.36 19.26 1.47
N THR F 213 5.52 19.31 0.43
CA THR F 213 4.15 19.85 0.41
C THR F 213 4.15 21.38 0.38
N ALA F 214 4.63 21.99 1.44
CA ALA F 214 4.89 23.41 1.48
C ALA F 214 6.04 23.60 2.45
N PRO F 215 6.81 24.67 2.31
CA PRO F 215 7.90 24.92 3.27
C PRO F 215 7.38 25.24 4.66
N LYS F 216 8.16 24.91 5.69
CA LYS F 216 7.79 25.31 7.07
C LYS F 216 8.53 26.61 7.42
N LYS F 217 8.19 27.25 8.55
CA LYS F 217 8.78 28.56 8.86
C LYS F 217 10.30 28.54 8.96
N SER F 218 10.88 27.44 9.46
CA SER F 218 12.36 27.31 9.47
C SER F 218 13.02 27.57 8.12
N ALA F 219 12.34 27.27 7.02
CA ALA F 219 12.98 27.46 5.71
C ALA F 219 13.31 28.92 5.47
N THR F 220 12.67 29.86 6.16
CA THR F 220 13.09 31.26 6.00
C THR F 220 14.51 31.51 6.50
N HIS F 221 15.08 30.58 7.26
CA HIS F 221 16.47 30.66 7.71
C HIS F 221 17.42 29.91 6.83
N PHE F 222 16.91 29.37 5.75
CA PHE F 222 17.74 28.54 4.90
C PHE F 222 18.67 29.44 4.15
N THR F 223 19.96 29.14 4.11
CA THR F 223 20.84 29.94 3.27
C THR F 223 21.74 29.11 2.42
N GLY F 224 21.37 27.87 2.07
CA GLY F 224 22.08 27.18 1.00
C GLY F 224 21.73 27.71 -0.37
N ARG F 225 22.25 27.10 -1.41
CA ARG F 225 21.98 27.52 -2.77
C ARG F 225 20.64 27.01 -3.31
N TYR F 226 20.19 25.84 -2.82
CA TYR F 226 19.11 25.16 -3.52
C TYR F 226 17.96 24.87 -2.59
N HIS F 227 16.83 25.48 -2.87
CA HIS F 227 15.59 25.21 -2.18
C HIS F 227 14.57 24.74 -3.20
N TYR F 228 14.25 23.47 -3.14
CA TYR F 228 13.18 22.88 -3.92
C TYR F 228 11.93 22.59 -3.11
N LEU F 229 10.77 22.81 -3.72
CA LEU F 229 9.52 22.26 -3.23
C LEU F 229 9.29 20.89 -3.92
N GLY F 230 8.87 19.92 -3.15
CA GLY F 230 8.53 18.58 -3.63
C GLY F 230 7.23 18.14 -3.02
N GLY F 231 6.82 16.93 -3.39
CA GLY F 231 5.55 16.40 -2.94
C GLY F 231 4.44 17.00 -3.78
N ARG F 232 4.40 16.58 -5.05
CA ARG F 232 3.39 17.12 -5.98
C ARG F 232 2.12 16.26 -5.88
N PHE F 233 1.41 16.48 -4.79
CA PHE F 233 0.24 15.73 -4.58
C PHE F 233 -0.81 16.50 -3.82
N VAL F 234 -0.62 17.77 -3.55
CA VAL F 234 -1.60 18.48 -2.74
C VAL F 234 -2.84 18.76 -3.56
N PRO F 235 -4.01 18.32 -3.07
CA PRO F 235 -5.25 18.64 -3.77
C PRO F 235 -5.48 20.13 -3.76
N PRO F 236 -5.89 20.69 -4.88
CA PRO F 236 -6.37 22.10 -4.95
C PRO F 236 -7.22 22.53 -3.81
N ALA F 237 -8.10 21.68 -3.31
CA ALA F 237 -9.05 22.14 -2.24
C ALA F 237 -8.31 22.20 -0.90
N LEU F 238 -7.30 21.33 -0.66
CA LEU F 238 -6.50 21.42 0.58
C LEU F 238 -5.63 22.66 0.46
N GLU F 239 -5.00 22.84 -0.69
CA GLU F 239 -4.17 24.01 -0.92
C GLU F 239 -4.94 25.31 -0.70
N LYS F 240 -6.18 25.33 -1.18
CA LYS F 240 -7.02 26.52 -1.06
C LYS F 240 -7.45 26.70 0.41
N LYS F 241 -7.85 25.62 1.06
CA LYS F 241 -8.26 25.72 2.45
C LYS F 241 -7.15 26.34 3.32
N TYR F 242 -5.92 25.80 3.20
CA TYR F 242 -4.79 26.30 4.03
C TYR F 242 -4.08 27.48 3.39
N GLN F 243 -4.54 27.95 2.22
CA GLN F 243 -3.97 29.13 1.53
C GLN F 243 -2.49 28.94 1.23
N LEU F 244 -2.15 27.75 0.74
CA LEU F 244 -0.75 27.43 0.54
C LEU F 244 -0.13 28.25 -0.58
N ASN F 245 -0.93 28.73 -1.53
CA ASN F 245 -0.41 29.56 -2.63
C ASN F 245 0.82 28.89 -3.25
N LEU F 246 0.70 27.62 -3.58
CA LEU F 246 1.82 26.84 -4.11
C LEU F 246 2.18 27.36 -5.51
N PRO F 247 3.48 27.44 -5.83
CA PRO F 247 3.76 27.78 -7.21
C PRO F 247 3.36 26.66 -8.19
N SER F 248 3.31 27.01 -9.47
CA SER F 248 3.00 26.09 -10.53
C SER F 248 4.24 25.21 -10.82
N TYR F 249 4.12 23.92 -10.61
CA TYR F 249 5.19 23.02 -11.06
C TYR F 249 5.24 23.02 -12.59
N PRO F 250 6.45 23.01 -13.19
CA PRO F 250 6.45 22.99 -14.64
C PRO F 250 6.16 21.58 -15.18
N ASP F 251 5.34 21.58 -16.24
CA ASP F 251 4.97 20.39 -16.97
C ASP F 251 4.64 19.22 -16.03
N THR F 252 5.40 18.14 -16.10
CA THR F 252 5.13 16.96 -15.29
C THR F 252 6.18 16.76 -14.17
N GLU F 253 6.92 17.80 -13.83
CA GLU F 253 7.96 17.70 -12.81
C GLU F 253 7.36 17.54 -11.41
N CYS F 254 8.01 16.74 -10.58
CA CYS F 254 7.58 16.60 -9.16
C CYS F 254 8.37 17.49 -8.18
N VAL F 255 9.18 18.40 -8.72
CA VAL F 255 9.83 19.43 -7.90
C VAL F 255 9.76 20.78 -8.61
N TYR F 256 9.91 21.83 -7.83
CA TYR F 256 9.96 23.19 -8.31
C TYR F 256 11.04 23.95 -7.54
N ARG F 257 11.94 24.59 -8.24
CA ARG F 257 12.96 25.38 -7.61
C ARG F 257 12.47 26.74 -7.14
N LEU F 258 12.45 26.96 -5.83
CA LEU F 258 12.06 28.24 -5.22
C LEU F 258 13.17 29.25 -5.37
N GLN F 259 12.80 30.48 -5.67
CA GLN F 259 13.74 31.54 -6.13
C GLN F 259 14.49 31.17 -7.42
#